data_2COZ
#
_entry.id   2COZ
#
_entity_poly.entity_id   1
_entity_poly.type   'polypeptide(L)'
_entity_poly.pdbx_seq_one_letter_code
;GSSGSSGVEHEQQVTESPSLASVPTADELFDFHIGDRVLIGNVQPGILRFKGETSFAKGFWAGVELDKPEGNNNGTYDGI
AYFECKEKHGIFAPPQKISHIPENFDDYVDINEDEDSGPSSG
;
_entity_poly.pdbx_strand_id   A
#
# COMPACT_ATOMS: atom_id res chain seq x y z
N GLY A 1 -12.82 -19.07 -37.77
CA GLY A 1 -13.56 -19.61 -36.61
C GLY A 1 -13.34 -21.09 -36.40
N SER A 2 -13.84 -21.62 -35.30
CA SER A 2 -13.71 -23.04 -34.99
C SER A 2 -14.67 -23.88 -35.83
N SER A 3 -14.28 -24.15 -37.06
CA SER A 3 -15.10 -24.95 -37.97
C SER A 3 -14.90 -26.43 -37.73
N GLY A 4 -15.68 -27.00 -36.82
CA GLY A 4 -15.58 -28.42 -36.51
C GLY A 4 -16.00 -28.74 -35.09
N SER A 5 -17.23 -28.37 -34.75
CA SER A 5 -17.77 -28.62 -33.41
C SER A 5 -19.27 -28.90 -33.47
N SER A 6 -20.05 -27.86 -33.70
CA SER A 6 -21.50 -28.00 -33.77
C SER A 6 -22.07 -28.54 -32.46
N GLY A 7 -23.37 -28.79 -32.45
CA GLY A 7 -24.01 -29.31 -31.25
C GLY A 7 -24.19 -28.25 -30.18
N VAL A 8 -23.08 -27.92 -29.49
CA VAL A 8 -23.12 -26.92 -28.44
C VAL A 8 -22.39 -25.65 -28.86
N GLU A 9 -23.15 -24.62 -29.21
CA GLU A 9 -22.57 -23.35 -29.64
C GLU A 9 -23.17 -22.19 -28.84
N HIS A 10 -22.29 -21.46 -28.14
CA HIS A 10 -22.73 -20.33 -27.33
C HIS A 10 -22.78 -19.05 -28.17
N GLU A 11 -23.15 -17.94 -27.53
CA GLU A 11 -23.24 -16.66 -28.22
C GLU A 11 -22.16 -15.71 -27.73
N GLN A 12 -20.94 -15.88 -28.23
CA GLN A 12 -19.83 -15.03 -27.84
C GLN A 12 -19.11 -14.49 -29.07
N GLN A 13 -19.52 -13.32 -29.53
CA GLN A 13 -18.91 -12.69 -30.70
C GLN A 13 -18.71 -11.19 -30.48
N VAL A 14 -18.50 -10.81 -29.23
CA VAL A 14 -18.31 -9.40 -28.89
C VAL A 14 -17.09 -8.83 -29.59
N THR A 15 -17.15 -7.55 -29.94
CA THR A 15 -16.05 -6.89 -30.62
C THR A 15 -15.23 -6.06 -29.64
N GLU A 16 -15.07 -6.59 -28.43
CA GLU A 16 -14.30 -5.90 -27.39
C GLU A 16 -13.85 -6.88 -26.31
N SER A 17 -12.56 -7.18 -26.28
CA SER A 17 -12.01 -8.10 -25.29
C SER A 17 -10.49 -7.98 -25.23
N PRO A 18 -9.97 -6.81 -24.84
CA PRO A 18 -8.53 -6.57 -24.73
C PRO A 18 -7.82 -7.64 -23.90
N SER A 19 -8.48 -8.07 -22.83
CA SER A 19 -7.92 -9.09 -21.95
C SER A 19 -9.02 -9.83 -21.19
N LEU A 20 -9.17 -11.12 -21.48
CA LEU A 20 -10.19 -11.94 -20.84
C LEU A 20 -9.63 -13.31 -20.47
N ALA A 21 -8.99 -13.96 -21.43
CA ALA A 21 -8.41 -15.28 -21.21
C ALA A 21 -7.00 -15.17 -20.65
N SER A 22 -6.25 -14.19 -21.15
CA SER A 22 -4.87 -13.98 -20.70
C SER A 22 -4.70 -12.57 -20.14
N VAL A 23 -4.23 -12.48 -18.90
CA VAL A 23 -4.02 -11.19 -18.25
C VAL A 23 -2.57 -11.03 -17.82
N PRO A 24 -1.85 -10.06 -18.42
CA PRO A 24 -0.43 -9.81 -18.09
C PRO A 24 -0.21 -9.65 -16.59
N THR A 25 0.76 -10.39 -16.06
CA THR A 25 1.08 -10.33 -14.64
C THR A 25 1.97 -9.13 -14.33
N ALA A 26 1.35 -8.05 -13.88
CA ALA A 26 2.08 -6.83 -13.55
C ALA A 26 1.85 -6.43 -12.09
N ASP A 27 2.93 -6.34 -11.33
CA ASP A 27 2.84 -5.97 -9.92
C ASP A 27 3.99 -5.05 -9.52
N GLU A 28 3.72 -4.14 -8.59
CA GLU A 28 4.73 -3.19 -8.14
C GLU A 28 4.87 -3.24 -6.62
N LEU A 29 3.74 -3.26 -5.92
CA LEU A 29 3.75 -3.32 -4.46
C LEU A 29 3.44 -4.73 -3.97
N PHE A 30 4.28 -5.69 -4.37
CA PHE A 30 4.10 -7.07 -3.97
C PHE A 30 4.77 -7.34 -2.62
N ASP A 31 5.85 -6.62 -2.35
CA ASP A 31 6.57 -6.77 -1.10
C ASP A 31 5.83 -6.11 0.06
N PHE A 32 5.11 -5.03 -0.26
CA PHE A 32 4.36 -4.30 0.75
C PHE A 32 3.03 -4.99 1.05
N HIS A 33 2.66 -5.04 2.33
CA HIS A 33 1.41 -5.67 2.74
C HIS A 33 0.53 -4.68 3.48
N ILE A 34 -0.77 -5.00 3.55
CA ILE A 34 -1.72 -4.14 4.23
C ILE A 34 -1.58 -4.25 5.75
N GLY A 35 -1.44 -3.10 6.40
CA GLY A 35 -1.29 -3.09 7.86
C GLY A 35 0.15 -2.91 8.29
N ASP A 36 0.91 -2.17 7.49
CA ASP A 36 2.32 -1.91 7.80
C ASP A 36 2.66 -0.43 7.63
N ARG A 37 3.72 0.00 8.30
CA ARG A 37 4.15 1.40 8.22
C ARG A 37 4.93 1.66 6.94
N VAL A 38 4.74 2.84 6.36
CA VAL A 38 5.43 3.20 5.13
C VAL A 38 5.79 4.68 5.12
N LEU A 39 6.84 5.03 4.38
CA LEU A 39 7.29 6.41 4.29
C LEU A 39 7.09 6.96 2.87
N ILE A 40 6.21 7.94 2.74
CA ILE A 40 5.93 8.53 1.42
C ILE A 40 7.01 9.53 1.04
N GLY A 41 7.79 9.18 0.01
CA GLY A 41 8.85 10.06 -0.43
C GLY A 41 9.96 10.22 0.59
N ASN A 42 10.04 9.28 1.52
CA ASN A 42 11.07 9.31 2.56
C ASN A 42 11.00 10.62 3.35
N VAL A 43 9.80 10.98 3.79
CA VAL A 43 9.61 12.20 4.56
C VAL A 43 8.26 12.20 5.27
N GLN A 44 7.23 11.74 4.58
CA GLN A 44 5.88 11.68 5.15
C GLN A 44 5.56 10.28 5.67
N PRO A 45 5.68 10.07 7.00
CA PRO A 45 5.39 8.78 7.61
C PRO A 45 3.90 8.44 7.60
N GLY A 46 3.58 7.16 7.61
CA GLY A 46 2.19 6.74 7.60
C GLY A 46 2.05 5.22 7.59
N ILE A 47 0.82 4.76 7.37
CA ILE A 47 0.55 3.33 7.35
C ILE A 47 -0.11 2.92 6.03
N LEU A 48 0.32 1.79 5.48
CA LEU A 48 -0.22 1.29 4.22
C LEU A 48 -1.61 0.71 4.42
N ARG A 49 -2.63 1.43 3.97
CA ARG A 49 -4.01 0.97 4.10
C ARG A 49 -4.52 0.37 2.80
N PHE A 50 -4.02 0.88 1.68
CA PHE A 50 -4.41 0.40 0.37
C PHE A 50 -3.24 0.45 -0.61
N LYS A 51 -3.37 -0.28 -1.72
CA LYS A 51 -2.31 -0.32 -2.73
C LYS A 51 -2.76 -1.12 -3.95
N GLY A 52 -3.05 -0.41 -5.04
CA GLY A 52 -3.48 -1.07 -6.25
C GLY A 52 -4.02 -0.10 -7.28
N GLU A 53 -4.53 -0.63 -8.39
CA GLU A 53 -5.09 0.20 -9.45
C GLU A 53 -6.38 0.88 -9.00
N THR A 54 -6.54 2.14 -9.36
CA THR A 54 -7.73 2.90 -8.99
C THR A 54 -8.60 3.17 -10.22
N SER A 55 -9.72 3.86 -10.00
CA SER A 55 -10.64 4.19 -11.08
C SER A 55 -10.43 5.61 -11.56
N PHE A 56 -10.24 6.53 -10.62
CA PHE A 56 -10.02 7.94 -10.94
C PHE A 56 -8.74 8.12 -11.75
N ALA A 57 -7.76 7.25 -11.49
CA ALA A 57 -6.49 7.33 -12.19
C ALA A 57 -5.93 5.93 -12.45
N LYS A 58 -5.05 5.82 -13.45
CA LYS A 58 -4.45 4.54 -13.80
C LYS A 58 -3.11 4.36 -13.09
N GLY A 59 -2.79 3.11 -12.77
CA GLY A 59 -1.54 2.83 -12.08
C GLY A 59 -1.74 2.48 -10.62
N PHE A 60 -0.68 2.01 -9.98
CA PHE A 60 -0.74 1.64 -8.56
C PHE A 60 -0.90 2.88 -7.69
N TRP A 61 -1.82 2.81 -6.74
CA TRP A 61 -2.08 3.92 -5.83
C TRP A 61 -2.18 3.43 -4.39
N ALA A 62 -1.16 3.73 -3.59
CA ALA A 62 -1.14 3.32 -2.19
C ALA A 62 -1.73 4.40 -1.30
N GLY A 63 -2.75 4.03 -0.53
CA GLY A 63 -3.38 4.98 0.37
C GLY A 63 -2.76 4.98 1.75
N VAL A 64 -1.65 5.70 1.89
CA VAL A 64 -0.94 5.78 3.16
C VAL A 64 -1.70 6.65 4.16
N GLU A 65 -1.66 6.25 5.43
CA GLU A 65 -2.34 7.00 6.47
C GLU A 65 -1.35 7.78 7.34
N LEU A 66 -1.22 9.07 7.06
CA LEU A 66 -0.31 9.92 7.81
C LEU A 66 -0.76 10.09 9.24
N ASP A 67 0.17 9.94 10.18
CA ASP A 67 -0.14 10.08 11.60
C ASP A 67 -0.69 11.47 11.91
N LYS A 68 -0.21 12.46 11.15
CA LYS A 68 -0.65 13.83 11.35
C LYS A 68 -1.54 14.29 10.19
N PRO A 69 -2.34 15.34 10.40
CA PRO A 69 -3.24 15.88 9.37
C PRO A 69 -2.48 16.60 8.25
N GLU A 70 -1.78 15.83 7.44
CA GLU A 70 -1.01 16.40 6.33
C GLU A 70 -1.63 16.04 5.00
N GLY A 71 -2.26 14.87 4.93
CA GLY A 71 -2.90 14.43 3.70
C GLY A 71 -4.07 15.31 3.30
N ASN A 72 -4.74 14.95 2.22
CA ASN A 72 -5.88 15.71 1.73
C ASN A 72 -7.03 14.78 1.34
N ASN A 73 -7.13 13.65 2.04
CA ASN A 73 -8.19 12.68 1.77
C ASN A 73 -8.54 11.91 3.03
N ASN A 74 -9.68 11.21 2.99
CA ASN A 74 -10.13 10.43 4.13
C ASN A 74 -10.36 8.97 3.74
N GLY A 75 -9.60 8.50 2.76
CA GLY A 75 -9.73 7.13 2.30
C GLY A 75 -10.65 7.00 1.09
N THR A 76 -11.63 7.89 1.00
CA THR A 76 -12.57 7.87 -0.11
C THR A 76 -12.18 8.89 -1.18
N TYR A 77 -11.79 8.37 -2.35
CA TYR A 77 -11.38 9.23 -3.45
C TYR A 77 -12.53 9.42 -4.45
N ASP A 78 -13.14 10.60 -4.43
CA ASP A 78 -14.25 10.91 -5.32
C ASP A 78 -15.41 9.95 -5.09
N GLY A 79 -15.56 9.50 -3.84
CA GLY A 79 -16.64 8.58 -3.53
C GLY A 79 -16.17 7.15 -3.39
N ILE A 80 -15.10 6.81 -4.12
CA ILE A 80 -14.54 5.46 -4.08
C ILE A 80 -13.83 5.20 -2.75
N ALA A 81 -14.44 4.38 -1.92
CA ALA A 81 -13.86 4.04 -0.62
C ALA A 81 -12.68 3.09 -0.78
N TYR A 82 -11.61 3.34 -0.02
CA TYR A 82 -10.42 2.51 -0.07
C TYR A 82 -10.03 2.01 1.32
N PHE A 83 -10.07 2.92 2.30
CA PHE A 83 -9.72 2.58 3.67
C PHE A 83 -10.36 3.55 4.65
N GLU A 84 -10.09 3.36 5.94
CA GLU A 84 -10.63 4.22 6.98
C GLU A 84 -9.55 5.09 7.61
N CYS A 85 -9.86 6.35 7.82
CA CYS A 85 -8.90 7.29 8.41
C CYS A 85 -9.56 8.63 8.70
N LYS A 86 -8.77 9.57 9.22
CA LYS A 86 -9.28 10.89 9.55
C LYS A 86 -9.83 11.60 8.31
N GLU A 87 -10.13 12.88 8.44
CA GLU A 87 -10.66 13.66 7.32
C GLU A 87 -9.56 14.00 6.33
N LYS A 88 -8.40 14.39 6.85
CA LYS A 88 -7.26 14.75 6.00
C LYS A 88 -5.98 14.08 6.51
N HIS A 89 -6.00 12.76 6.58
CA HIS A 89 -4.85 11.99 7.06
C HIS A 89 -4.35 11.03 5.98
N GLY A 90 -5.30 10.36 5.33
CA GLY A 90 -4.94 9.42 4.28
C GLY A 90 -4.58 10.10 2.97
N ILE A 91 -3.50 9.66 2.35
CA ILE A 91 -3.04 10.23 1.10
C ILE A 91 -2.60 9.15 0.12
N PHE A 92 -3.05 9.26 -1.12
CA PHE A 92 -2.71 8.29 -2.15
C PHE A 92 -1.42 8.67 -2.86
N ALA A 93 -0.38 7.85 -2.68
CA ALA A 93 0.91 8.12 -3.31
C ALA A 93 1.35 6.94 -4.18
N PRO A 94 2.02 7.21 -5.32
CA PRO A 94 2.49 6.16 -6.23
C PRO A 94 3.36 5.14 -5.51
N PRO A 95 3.50 3.93 -6.10
CA PRO A 95 4.32 2.86 -5.52
C PRO A 95 5.79 3.26 -5.40
N GLN A 96 6.28 4.02 -6.36
CA GLN A 96 7.66 4.47 -6.37
C GLN A 96 7.98 5.25 -5.10
N LYS A 97 6.98 5.90 -4.54
CA LYS A 97 7.15 6.69 -3.32
C LYS A 97 6.71 5.90 -2.09
N ILE A 98 6.92 4.59 -2.15
CA ILE A 98 6.55 3.71 -1.03
C ILE A 98 7.77 2.98 -0.48
N SER A 99 8.23 3.41 0.68
CA SER A 99 9.39 2.78 1.32
C SER A 99 9.09 2.45 2.78
N HIS A 100 9.90 1.56 3.34
CA HIS A 100 9.72 1.15 4.74
C HIS A 100 10.31 2.18 5.69
N ILE A 101 9.51 2.59 6.68
CA ILE A 101 9.96 3.57 7.65
C ILE A 101 11.09 3.02 8.51
N PRO A 102 12.18 3.79 8.67
CA PRO A 102 13.33 3.36 9.47
C PRO A 102 12.93 2.94 10.88
N GLU A 103 13.59 1.91 11.40
CA GLU A 103 13.29 1.41 12.73
C GLU A 103 13.49 2.50 13.79
N ASN A 104 14.35 3.47 13.47
CA ASN A 104 14.63 4.58 14.38
C ASN A 104 13.73 5.77 14.08
N PHE A 105 12.44 5.51 13.84
CA PHE A 105 11.49 6.56 13.55
C PHE A 105 10.14 6.27 14.19
N ASP A 106 10.15 6.15 15.52
CA ASP A 106 8.92 5.87 16.27
C ASP A 106 9.15 6.01 17.76
N ASP A 107 9.21 7.25 18.24
CA ASP A 107 9.44 7.52 19.65
C ASP A 107 8.28 7.00 20.49
N TYR A 108 7.06 7.16 19.98
CA TYR A 108 5.86 6.71 20.69
C TYR A 108 4.73 6.43 19.70
N VAL A 109 4.30 5.17 19.64
CA VAL A 109 3.22 4.77 18.74
C VAL A 109 2.01 4.29 19.53
N ASP A 110 0.90 5.01 19.40
CA ASP A 110 -0.33 4.66 20.09
C ASP A 110 -1.54 5.35 19.46
N ILE A 111 -1.76 5.08 18.18
CA ILE A 111 -2.87 5.67 17.45
C ILE A 111 -3.66 4.61 16.71
N ASN A 112 -4.72 5.04 16.01
CA ASN A 112 -5.55 4.13 15.24
C ASN A 112 -6.21 3.10 16.16
N GLU A 113 -7.47 3.35 16.52
CA GLU A 113 -8.21 2.45 17.39
C GLU A 113 -9.70 2.78 17.37
N ASP A 114 -10.42 2.18 16.43
CA ASP A 114 -11.86 2.40 16.30
C ASP A 114 -12.63 1.16 16.67
N GLU A 115 -12.13 0.00 16.24
CA GLU A 115 -12.79 -1.27 16.53
C GLU A 115 -12.58 -1.68 17.99
N ASP A 116 -13.61 -1.49 18.80
CA ASP A 116 -13.54 -1.85 20.21
C ASP A 116 -14.91 -2.28 20.74
N SER A 117 -15.06 -3.59 20.97
CA SER A 117 -16.31 -4.13 21.46
C SER A 117 -16.06 -5.25 22.48
N GLY A 118 -17.12 -5.74 23.09
CA GLY A 118 -16.99 -6.80 24.08
C GLY A 118 -18.25 -7.64 24.20
N PRO A 119 -18.68 -8.30 23.12
CA PRO A 119 -19.89 -9.13 23.13
C PRO A 119 -19.87 -10.16 24.26
N SER A 120 -18.89 -11.05 24.24
CA SER A 120 -18.76 -12.08 25.26
C SER A 120 -18.32 -11.48 26.58
N SER A 121 -18.42 -12.27 27.65
CA SER A 121 -18.03 -11.80 28.98
C SER A 121 -16.63 -12.30 29.34
N GLY A 122 -15.65 -11.43 29.20
CA GLY A 122 -14.28 -11.80 29.52
C GLY A 122 -13.84 -11.32 30.89
N GLY A 1 19.44 -5.98 -7.45
CA GLY A 1 20.37 -4.96 -6.93
C GLY A 1 21.72 -5.55 -6.52
N SER A 2 21.70 -6.80 -6.10
CA SER A 2 22.91 -7.48 -5.67
C SER A 2 22.74 -9.00 -5.73
N SER A 3 23.85 -9.72 -5.65
CA SER A 3 23.82 -11.17 -5.70
C SER A 3 23.97 -11.76 -4.30
N GLY A 4 23.15 -12.76 -3.99
CA GLY A 4 23.21 -13.39 -2.68
C GLY A 4 21.94 -14.16 -2.36
N SER A 5 21.49 -14.98 -3.30
CA SER A 5 20.28 -15.78 -3.11
C SER A 5 20.62 -17.26 -3.07
N SER A 6 21.07 -17.79 -4.21
CA SER A 6 21.42 -19.21 -4.31
C SER A 6 22.70 -19.51 -3.51
N GLY A 7 22.53 -20.03 -2.32
CA GLY A 7 23.67 -20.35 -1.48
C GLY A 7 24.15 -21.79 -1.67
N VAL A 8 24.96 -21.99 -2.70
CA VAL A 8 25.49 -23.32 -3.00
C VAL A 8 26.92 -23.48 -2.50
N GLU A 9 27.66 -22.36 -2.49
CA GLU A 9 29.05 -22.37 -2.05
C GLU A 9 29.13 -22.10 -0.55
N HIS A 10 28.20 -21.30 -0.04
CA HIS A 10 28.18 -20.97 1.38
C HIS A 10 26.74 -20.76 1.86
N GLU A 11 26.51 -21.05 3.14
CA GLU A 11 25.18 -20.91 3.73
C GLU A 11 25.22 -19.97 4.93
N GLN A 12 25.07 -18.68 4.68
CA GLN A 12 25.09 -17.68 5.75
C GLN A 12 23.68 -17.22 6.09
N GLN A 13 23.04 -16.54 5.14
CA GLN A 13 21.68 -16.05 5.34
C GLN A 13 21.61 -15.14 6.58
N VAL A 14 21.73 -13.84 6.36
CA VAL A 14 21.67 -12.88 7.45
C VAL A 14 20.72 -11.73 7.12
N THR A 15 20.91 -11.12 5.95
CA THR A 15 20.07 -10.01 5.53
C THR A 15 19.42 -10.32 4.18
N GLU A 16 18.29 -9.68 3.91
CA GLU A 16 17.56 -9.88 2.67
C GLU A 16 17.22 -8.55 2.02
N SER A 17 18.22 -7.90 1.43
CA SER A 17 18.01 -6.61 0.76
C SER A 17 17.62 -6.81 -0.69
N PRO A 18 18.40 -7.59 -1.45
CA PRO A 18 18.12 -7.86 -2.87
C PRO A 18 16.71 -8.39 -3.09
N SER A 19 16.43 -9.55 -2.51
CA SER A 19 15.10 -10.16 -2.65
C SER A 19 14.34 -10.11 -1.33
N LEU A 20 13.07 -10.48 -1.38
CA LEU A 20 12.23 -10.46 -0.18
C LEU A 20 11.44 -11.76 -0.06
N ALA A 21 10.70 -12.11 -1.11
CA ALA A 21 9.90 -13.32 -1.11
C ALA A 21 9.35 -13.61 -2.51
N SER A 22 8.82 -12.59 -3.16
CA SER A 22 8.26 -12.74 -4.50
C SER A 22 8.77 -11.65 -5.43
N VAL A 23 8.46 -11.78 -6.71
CA VAL A 23 8.90 -10.80 -7.71
C VAL A 23 7.73 -10.32 -8.57
N PRO A 24 7.22 -9.10 -8.32
CA PRO A 24 6.09 -8.56 -9.08
C PRO A 24 6.47 -8.26 -10.53
N THR A 25 5.60 -8.65 -11.46
CA THR A 25 5.83 -8.41 -12.88
C THR A 25 5.34 -7.04 -13.30
N ALA A 26 4.27 -6.58 -12.66
CA ALA A 26 3.70 -5.27 -12.96
C ALA A 26 2.78 -4.79 -11.85
N ASP A 27 3.11 -5.20 -10.61
CA ASP A 27 2.32 -4.82 -9.46
C ASP A 27 3.00 -3.70 -8.67
N GLU A 28 4.34 -3.75 -8.63
CA GLU A 28 5.12 -2.74 -7.91
C GLU A 28 4.94 -2.87 -6.40
N LEU A 29 3.71 -2.62 -5.94
CA LEU A 29 3.40 -2.71 -4.52
C LEU A 29 2.96 -4.12 -4.15
N PHE A 30 3.77 -5.10 -4.51
CA PHE A 30 3.45 -6.50 -4.22
C PHE A 30 4.15 -6.96 -2.95
N ASP A 31 5.28 -6.33 -2.64
CA ASP A 31 6.04 -6.68 -1.44
C ASP A 31 5.73 -5.71 -0.30
N PHE A 32 4.50 -5.20 -0.28
CA PHE A 32 4.07 -4.28 0.76
C PHE A 32 2.78 -4.75 1.41
N HIS A 33 2.89 -5.24 2.65
CA HIS A 33 1.73 -5.72 3.39
C HIS A 33 0.94 -4.56 3.99
N ILE A 34 -0.37 -4.70 4.02
CA ILE A 34 -1.24 -3.67 4.57
C ILE A 34 -1.18 -3.65 6.09
N GLY A 35 -1.02 -2.46 6.65
CA GLY A 35 -0.94 -2.33 8.10
C GLY A 35 0.45 -1.96 8.59
N ASP A 36 1.46 -2.37 7.82
CA ASP A 36 2.84 -2.06 8.17
C ASP A 36 3.18 -0.60 7.90
N ARG A 37 4.17 -0.09 8.61
CA ARG A 37 4.59 1.30 8.44
C ARG A 37 5.21 1.52 7.07
N VAL A 38 4.98 2.70 6.51
CA VAL A 38 5.52 3.03 5.19
C VAL A 38 5.85 4.52 5.10
N LEU A 39 6.99 4.83 4.50
CA LEU A 39 7.43 6.21 4.35
C LEU A 39 7.23 6.69 2.91
N ILE A 40 6.43 7.73 2.75
CA ILE A 40 6.16 8.27 1.42
C ILE A 40 7.26 9.24 0.98
N GLY A 41 7.99 8.87 -0.06
CA GLY A 41 9.06 9.72 -0.56
C GLY A 41 10.09 10.03 0.51
N ASN A 42 10.16 9.20 1.54
CA ASN A 42 11.11 9.40 2.62
C ASN A 42 10.95 10.79 3.25
N VAL A 43 9.77 11.04 3.82
CA VAL A 43 9.49 12.33 4.44
C VAL A 43 8.13 12.31 5.13
N GLN A 44 7.15 11.70 4.47
CA GLN A 44 5.80 11.62 5.02
C GLN A 44 5.55 10.27 5.67
N PRO A 45 5.64 10.18 7.00
CA PRO A 45 5.43 8.93 7.74
C PRO A 45 3.96 8.52 7.75
N GLY A 46 3.70 7.22 7.65
CA GLY A 46 2.34 6.73 7.67
C GLY A 46 2.26 5.22 7.49
N ILE A 47 1.05 4.68 7.54
CA ILE A 47 0.85 3.24 7.40
C ILE A 47 0.12 2.93 6.10
N LEU A 48 0.51 1.83 5.45
CA LEU A 48 -0.11 1.42 4.20
C LEU A 48 -1.49 0.83 4.44
N ARG A 49 -2.51 1.53 3.96
CA ARG A 49 -3.89 1.07 4.13
C ARG A 49 -4.45 0.53 2.81
N PHE A 50 -3.98 1.09 1.71
CA PHE A 50 -4.43 0.66 0.38
C PHE A 50 -3.26 0.60 -0.61
N LYS A 51 -3.48 -0.09 -1.72
CA LYS A 51 -2.45 -0.24 -2.74
C LYS A 51 -2.97 -1.02 -3.94
N GLY A 52 -3.26 -0.31 -5.03
CA GLY A 52 -3.76 -0.96 -6.21
C GLY A 52 -4.29 0.02 -7.24
N GLU A 53 -4.82 -0.50 -8.35
CA GLU A 53 -5.36 0.34 -9.41
C GLU A 53 -6.69 0.95 -8.99
N THR A 54 -6.84 2.25 -9.21
CA THR A 54 -8.06 2.96 -8.86
C THR A 54 -8.97 3.11 -10.08
N SER A 55 -10.10 3.79 -9.89
CA SER A 55 -11.05 4.00 -10.97
C SER A 55 -10.91 5.40 -11.56
N PHE A 56 -10.54 6.36 -10.70
CA PHE A 56 -10.38 7.74 -11.13
C PHE A 56 -9.11 7.90 -11.97
N ALA A 57 -8.10 7.09 -11.66
CA ALA A 57 -6.83 7.14 -12.37
C ALA A 57 -6.27 5.74 -12.61
N LYS A 58 -5.24 5.66 -13.43
CA LYS A 58 -4.62 4.37 -13.75
C LYS A 58 -3.32 4.19 -12.97
N GLY A 59 -2.87 2.94 -12.86
CA GLY A 59 -1.65 2.66 -12.14
C GLY A 59 -1.89 2.38 -10.67
N PHE A 60 -0.86 1.89 -9.98
CA PHE A 60 -0.97 1.57 -8.57
C PHE A 60 -1.10 2.85 -7.74
N TRP A 61 -1.92 2.78 -6.69
CA TRP A 61 -2.13 3.93 -5.82
C TRP A 61 -2.20 3.49 -4.35
N ALA A 62 -1.12 3.73 -3.62
CA ALA A 62 -1.06 3.36 -2.21
C ALA A 62 -1.71 4.43 -1.34
N GLY A 63 -2.70 4.02 -0.55
CA GLY A 63 -3.39 4.95 0.32
C GLY A 63 -2.80 4.96 1.72
N VAL A 64 -1.73 5.72 1.90
CA VAL A 64 -1.06 5.83 3.20
C VAL A 64 -1.86 6.70 4.16
N GLU A 65 -1.91 6.28 5.42
CA GLU A 65 -2.65 7.02 6.43
C GLU A 65 -1.69 7.72 7.39
N LEU A 66 -1.48 9.01 7.18
CA LEU A 66 -0.58 9.80 8.02
C LEU A 66 -1.09 9.83 9.46
N ASP A 67 -0.14 9.83 10.40
CA ASP A 67 -0.49 9.86 11.82
C ASP A 67 -1.02 11.22 12.23
N LYS A 68 -0.53 12.27 11.57
CA LYS A 68 -0.95 13.63 11.86
C LYS A 68 -1.57 14.29 10.63
N PRO A 69 -2.47 15.27 10.83
CA PRO A 69 -3.13 15.98 9.73
C PRO A 69 -2.14 16.54 8.73
N GLU A 70 -1.79 15.74 7.73
CA GLU A 70 -0.84 16.16 6.70
C GLU A 70 -1.21 15.57 5.34
N GLY A 71 -2.51 15.35 5.13
CA GLY A 71 -2.97 14.80 3.87
C GLY A 71 -4.01 15.68 3.19
N ASN A 72 -4.86 15.07 2.38
CA ASN A 72 -5.90 15.80 1.67
C ASN A 72 -7.00 14.87 1.21
N ASN A 73 -7.28 13.84 2.01
CA ASN A 73 -8.32 12.87 1.68
C ASN A 73 -8.82 12.16 2.94
N ASN A 74 -9.87 11.38 2.78
CA ASN A 74 -10.43 10.64 3.91
C ASN A 74 -10.65 9.17 3.56
N GLY A 75 -9.83 8.66 2.65
CA GLY A 75 -9.94 7.27 2.24
C GLY A 75 -10.78 7.10 0.99
N THR A 76 -11.79 7.95 0.83
CA THR A 76 -12.68 7.88 -0.33
C THR A 76 -12.28 8.92 -1.37
N TYR A 77 -11.68 8.46 -2.46
CA TYR A 77 -11.26 9.36 -3.53
C TYR A 77 -12.30 9.39 -4.65
N ASP A 78 -12.94 10.54 -4.82
CA ASP A 78 -13.95 10.71 -5.85
C ASP A 78 -15.12 9.75 -5.62
N GLY A 79 -15.37 9.41 -4.36
CA GLY A 79 -16.45 8.51 -4.03
C GLY A 79 -15.99 7.08 -3.81
N ILE A 80 -14.87 6.73 -4.45
CA ILE A 80 -14.32 5.38 -4.33
C ILE A 80 -13.63 5.19 -2.97
N ALA A 81 -14.25 4.41 -2.10
CA ALA A 81 -13.71 4.14 -0.79
C ALA A 81 -12.57 3.13 -0.85
N TYR A 82 -11.61 3.25 0.06
CA TYR A 82 -10.47 2.34 0.10
C TYR A 82 -10.12 1.98 1.54
N PHE A 83 -9.97 3.00 2.39
CA PHE A 83 -9.63 2.79 3.79
C PHE A 83 -10.32 3.84 4.67
N GLU A 84 -10.24 3.62 5.98
CA GLU A 84 -10.85 4.54 6.94
C GLU A 84 -9.80 5.44 7.57
N CYS A 85 -10.12 6.73 7.67
CA CYS A 85 -9.21 7.71 8.26
C CYS A 85 -9.91 9.04 8.51
N LYS A 86 -9.15 10.04 8.94
CA LYS A 86 -9.70 11.36 9.21
C LYS A 86 -10.07 12.07 7.90
N GLU A 87 -10.47 13.33 8.02
CA GLU A 87 -10.87 14.11 6.86
C GLU A 87 -9.65 14.43 5.99
N LYS A 88 -8.51 14.68 6.64
CA LYS A 88 -7.28 15.00 5.93
C LYS A 88 -6.09 14.27 6.54
N HIS A 89 -6.14 12.94 6.52
CA HIS A 89 -5.07 12.12 7.07
C HIS A 89 -4.53 11.16 6.01
N GLY A 90 -5.44 10.55 5.27
CA GLY A 90 -5.04 9.62 4.23
C GLY A 90 -4.64 10.32 2.94
N ILE A 91 -3.60 9.80 2.29
CA ILE A 91 -3.12 10.38 1.04
C ILE A 91 -2.69 9.30 0.06
N PHE A 92 -3.25 9.35 -1.14
CA PHE A 92 -2.92 8.37 -2.17
C PHE A 92 -1.63 8.75 -2.90
N ALA A 93 -0.61 7.93 -2.72
CA ALA A 93 0.69 8.17 -3.36
C ALA A 93 1.10 6.99 -4.23
N PRO A 94 1.75 7.27 -5.38
CA PRO A 94 2.20 6.22 -6.31
C PRO A 94 3.04 5.16 -5.61
N PRO A 95 3.23 3.99 -6.24
CA PRO A 95 4.03 2.89 -5.68
C PRO A 95 5.49 3.29 -5.47
N GLN A 96 6.02 4.04 -6.43
CA GLN A 96 7.42 4.49 -6.35
C GLN A 96 7.66 5.29 -5.07
N LYS A 97 6.60 5.93 -4.57
CA LYS A 97 6.71 6.72 -3.35
C LYS A 97 6.27 5.92 -2.13
N ILE A 98 6.60 4.63 -2.12
CA ILE A 98 6.24 3.75 -1.01
C ILE A 98 7.46 3.01 -0.47
N SER A 99 7.96 3.46 0.67
CA SER A 99 9.13 2.84 1.29
C SER A 99 8.82 2.39 2.71
N HIS A 100 9.80 1.81 3.38
CA HIS A 100 9.64 1.34 4.74
C HIS A 100 10.22 2.33 5.74
N ILE A 101 9.42 2.70 6.74
CA ILE A 101 9.86 3.65 7.75
C ILE A 101 10.96 3.05 8.63
N PRO A 102 12.15 3.69 8.67
CA PRO A 102 13.28 3.21 9.47
C PRO A 102 12.91 3.03 10.95
N GLU A 103 13.92 2.86 11.78
CA GLU A 103 13.71 2.68 13.21
C GLU A 103 13.89 3.99 13.97
N ASN A 104 14.65 4.91 13.38
CA ASN A 104 14.89 6.20 13.99
C ASN A 104 13.93 7.26 13.47
N PHE A 105 12.76 6.82 13.01
CA PHE A 105 11.74 7.73 12.48
C PHE A 105 10.51 7.74 13.38
N ASP A 106 10.22 6.61 14.00
CA ASP A 106 9.06 6.50 14.88
C ASP A 106 9.50 6.52 16.35
N ASP A 107 9.40 7.70 16.97
CA ASP A 107 9.79 7.85 18.37
C ASP A 107 8.58 7.69 19.28
N TYR A 108 7.48 8.35 18.94
CA TYR A 108 6.26 8.29 19.73
C TYR A 108 5.60 6.92 19.58
N VAL A 109 4.85 6.52 20.61
CA VAL A 109 4.16 5.24 20.60
C VAL A 109 2.94 5.28 19.68
N ASP A 110 2.88 4.34 18.74
CA ASP A 110 1.77 4.27 17.80
C ASP A 110 1.83 2.99 16.98
N ILE A 111 1.04 2.00 17.38
CA ILE A 111 1.00 0.72 16.68
C ILE A 111 -0.28 0.58 15.86
N ASN A 112 -0.29 -0.39 14.95
CA ASN A 112 -1.44 -0.63 14.09
C ASN A 112 -1.66 -2.12 13.87
N GLU A 113 -2.61 -2.69 14.61
CA GLU A 113 -2.92 -4.11 14.48
C GLU A 113 -4.42 -4.34 14.33
N ASP A 114 -4.79 -5.51 13.83
CA ASP A 114 -6.20 -5.85 13.63
C ASP A 114 -6.93 -5.94 14.97
N GLU A 115 -8.22 -6.24 14.91
CA GLU A 115 -9.03 -6.36 16.12
C GLU A 115 -9.15 -7.81 16.55
N ASP A 116 -9.66 -8.66 15.66
CA ASP A 116 -9.83 -10.07 15.94
C ASP A 116 -8.48 -10.75 16.16
N SER A 117 -7.59 -10.60 15.18
CA SER A 117 -6.26 -11.20 15.26
C SER A 117 -5.28 -10.24 15.92
N GLY A 118 -4.34 -10.80 16.68
CA GLY A 118 -3.35 -9.98 17.35
C GLY A 118 -3.02 -10.50 18.75
N PRO A 119 -3.82 -10.14 19.76
CA PRO A 119 -3.58 -10.58 21.14
C PRO A 119 -3.86 -12.08 21.32
N SER A 120 -4.99 -12.53 20.78
CA SER A 120 -5.37 -13.93 20.88
C SER A 120 -5.78 -14.48 19.52
N SER A 121 -4.87 -15.20 18.87
CA SER A 121 -5.13 -15.79 17.57
C SER A 121 -5.45 -17.27 17.68
N GLY A 122 -6.74 -17.59 17.67
CA GLY A 122 -7.16 -18.98 17.78
C GLY A 122 -6.95 -19.54 19.17
N GLY A 1 30.18 -7.54 -35.37
CA GLY A 1 30.84 -6.61 -34.41
C GLY A 1 32.28 -6.29 -34.80
N SER A 2 33.08 -5.90 -33.81
CA SER A 2 34.48 -5.57 -34.06
C SER A 2 35.39 -6.72 -33.62
N SER A 3 36.69 -6.50 -33.71
CA SER A 3 37.67 -7.51 -33.33
C SER A 3 38.19 -7.27 -31.91
N GLY A 4 37.34 -6.68 -31.08
CA GLY A 4 37.73 -6.41 -29.71
C GLY A 4 36.55 -6.06 -28.82
N SER A 5 35.38 -6.62 -29.14
CA SER A 5 34.17 -6.37 -28.38
C SER A 5 33.20 -7.54 -28.48
N SER A 6 33.76 -8.74 -28.62
CA SER A 6 32.94 -9.96 -28.72
C SER A 6 33.24 -10.91 -27.57
N GLY A 7 32.60 -12.07 -27.59
CA GLY A 7 32.80 -13.05 -26.54
C GLY A 7 33.02 -14.45 -27.08
N VAL A 8 31.95 -15.05 -27.60
CA VAL A 8 32.03 -16.40 -28.16
C VAL A 8 32.49 -17.40 -27.10
N GLU A 9 31.52 -18.03 -26.43
CA GLU A 9 31.82 -19.01 -25.40
C GLU A 9 31.28 -20.38 -25.78
N HIS A 10 30.03 -20.42 -26.25
CA HIS A 10 29.40 -21.67 -26.64
C HIS A 10 28.76 -21.53 -28.03
N GLU A 11 27.96 -22.53 -28.40
CA GLU A 11 27.29 -22.53 -29.69
C GLU A 11 26.05 -21.65 -29.65
N GLN A 12 25.89 -20.80 -30.67
CA GLN A 12 24.74 -19.92 -30.74
C GLN A 12 24.34 -19.68 -32.19
N GLN A 13 23.17 -19.07 -32.39
CA GLN A 13 22.67 -18.79 -33.72
C GLN A 13 21.65 -17.64 -33.70
N VAL A 14 21.83 -16.73 -32.75
CA VAL A 14 20.93 -15.58 -32.62
C VAL A 14 21.36 -14.68 -31.47
N THR A 15 21.26 -13.37 -31.67
CA THR A 15 21.63 -12.40 -30.65
C THR A 15 23.12 -12.52 -30.32
N GLU A 16 23.72 -11.40 -29.92
CA GLU A 16 25.14 -11.38 -29.56
C GLU A 16 25.39 -10.47 -28.37
N SER A 17 24.40 -10.38 -27.48
CA SER A 17 24.52 -9.54 -26.29
C SER A 17 23.32 -9.76 -25.36
N PRO A 18 23.58 -9.99 -24.05
CA PRO A 18 22.52 -10.21 -23.07
C PRO A 18 21.80 -8.92 -22.70
N SER A 19 20.59 -8.76 -23.25
CA SER A 19 19.79 -7.57 -22.98
C SER A 19 18.37 -7.94 -22.59
N LEU A 20 17.62 -6.97 -22.06
CA LEU A 20 16.25 -7.20 -21.65
C LEU A 20 15.27 -6.68 -22.71
N ALA A 21 14.15 -7.39 -22.86
CA ALA A 21 13.14 -6.99 -23.83
C ALA A 21 12.00 -6.22 -23.16
N SER A 22 12.33 -5.50 -22.09
CA SER A 22 11.34 -4.71 -21.37
C SER A 22 10.23 -5.61 -20.83
N VAL A 23 10.21 -5.80 -19.51
CA VAL A 23 9.20 -6.63 -18.88
C VAL A 23 8.27 -5.80 -18.01
N PRO A 24 7.14 -5.34 -18.57
CA PRO A 24 6.16 -4.52 -17.85
C PRO A 24 5.77 -5.12 -16.50
N THR A 25 5.74 -4.29 -15.47
CA THR A 25 5.39 -4.74 -14.13
C THR A 25 4.15 -4.03 -13.62
N ALA A 26 3.02 -4.73 -13.60
CA ALA A 26 1.76 -4.15 -13.14
C ALA A 26 1.49 -4.54 -11.69
N ASP A 27 2.55 -4.55 -10.88
CA ASP A 27 2.43 -4.91 -9.47
C ASP A 27 3.12 -3.86 -8.59
N GLU A 28 4.42 -3.69 -8.80
CA GLU A 28 5.20 -2.73 -8.02
C GLU A 28 5.23 -3.11 -6.55
N LEU A 29 4.15 -2.81 -5.84
CA LEU A 29 4.06 -3.13 -4.42
C LEU A 29 3.64 -4.58 -4.20
N PHE A 30 4.57 -5.50 -4.43
CA PHE A 30 4.30 -6.92 -4.27
C PHE A 30 4.68 -7.39 -2.86
N ASP A 31 5.71 -6.77 -2.30
CA ASP A 31 6.18 -7.12 -0.96
C ASP A 31 5.40 -6.36 0.11
N PHE A 32 4.96 -5.15 -0.24
CA PHE A 32 4.20 -4.33 0.70
C PHE A 32 2.80 -4.90 0.92
N HIS A 33 2.45 -5.11 2.18
CA HIS A 33 1.14 -5.66 2.53
C HIS A 33 0.30 -4.62 3.27
N ILE A 34 -1.01 -4.82 3.26
CA ILE A 34 -1.92 -3.90 3.93
C ILE A 34 -1.86 -4.06 5.44
N GLY A 35 -1.63 -2.95 6.14
CA GLY A 35 -1.53 -2.99 7.58
C GLY A 35 -0.11 -2.89 8.08
N ASP A 36 0.72 -2.17 7.34
CA ASP A 36 2.13 -2.00 7.71
C ASP A 36 2.55 -0.54 7.57
N ARG A 37 3.54 -0.14 8.36
CA ARG A 37 4.04 1.23 8.33
C ARG A 37 4.90 1.47 7.09
N VAL A 38 4.76 2.63 6.49
CA VAL A 38 5.53 2.98 5.29
C VAL A 38 5.86 4.46 5.26
N LEU A 39 6.95 4.81 4.58
CA LEU A 39 7.38 6.20 4.48
C LEU A 39 7.17 6.72 3.06
N ILE A 40 6.33 7.74 2.94
CA ILE A 40 6.05 8.33 1.63
C ILE A 40 7.16 9.29 1.21
N GLY A 41 7.81 8.96 0.09
CA GLY A 41 8.89 9.79 -0.40
C GLY A 41 10.02 9.92 0.59
N ASN A 42 10.10 9.00 1.54
CA ASN A 42 11.15 9.02 2.56
C ASN A 42 11.15 10.35 3.31
N VAL A 43 9.97 10.74 3.80
CA VAL A 43 9.84 11.99 4.54
C VAL A 43 8.49 12.04 5.28
N GLN A 44 7.43 11.60 4.61
CA GLN A 44 6.11 11.60 5.21
C GLN A 44 5.77 10.24 5.82
N PRO A 45 5.85 10.11 7.16
CA PRO A 45 5.56 8.86 7.85
C PRO A 45 4.07 8.53 7.84
N GLY A 46 3.74 7.27 7.59
CA GLY A 46 2.36 6.85 7.56
C GLY A 46 2.20 5.34 7.54
N ILE A 47 0.96 4.87 7.36
CA ILE A 47 0.69 3.45 7.32
C ILE A 47 -0.01 3.06 6.01
N LEU A 48 0.48 2.01 5.37
CA LEU A 48 -0.09 1.53 4.12
C LEU A 48 -1.47 0.94 4.35
N ARG A 49 -2.49 1.62 3.82
CA ARG A 49 -3.87 1.16 3.96
C ARG A 49 -4.37 0.55 2.66
N PHE A 50 -3.85 1.04 1.55
CA PHE A 50 -4.25 0.54 0.23
C PHE A 50 -3.07 0.56 -0.74
N LYS A 51 -3.20 -0.19 -1.83
CA LYS A 51 -2.14 -0.25 -2.83
C LYS A 51 -2.61 -1.01 -4.07
N GLY A 52 -2.78 -0.29 -5.17
CA GLY A 52 -3.23 -0.91 -6.41
C GLY A 52 -3.80 0.09 -7.39
N GLU A 53 -4.19 -0.39 -8.57
CA GLU A 53 -4.75 0.47 -9.61
C GLU A 53 -6.14 0.93 -9.22
N THR A 54 -6.29 2.24 -9.05
CA THR A 54 -7.59 2.82 -8.68
C THR A 54 -8.50 2.93 -9.89
N SER A 55 -9.69 3.49 -9.70
CA SER A 55 -10.65 3.64 -10.77
C SER A 55 -10.62 5.07 -11.32
N PHE A 56 -10.30 6.03 -10.46
CA PHE A 56 -10.23 7.42 -10.86
C PHE A 56 -8.96 7.69 -11.67
N ALA A 57 -7.83 7.20 -11.19
CA ALA A 57 -6.56 7.38 -11.88
C ALA A 57 -5.99 6.04 -12.34
N LYS A 58 -4.88 6.11 -13.07
CA LYS A 58 -4.23 4.90 -13.58
C LYS A 58 -2.95 4.60 -12.80
N GLY A 59 -2.55 3.34 -12.81
CA GLY A 59 -1.35 2.95 -12.10
C GLY A 59 -1.60 2.65 -10.64
N PHE A 60 -0.63 2.01 -9.99
CA PHE A 60 -0.75 1.67 -8.58
C PHE A 60 -0.86 2.93 -7.72
N TRP A 61 -1.80 2.92 -6.78
CA TRP A 61 -2.01 4.06 -5.90
C TRP A 61 -2.05 3.61 -4.44
N ALA A 62 -0.94 3.82 -3.72
CA ALA A 62 -0.85 3.44 -2.33
C ALA A 62 -1.51 4.49 -1.43
N GLY A 63 -2.48 4.06 -0.64
CA GLY A 63 -3.17 4.98 0.25
C GLY A 63 -2.61 4.94 1.66
N VAL A 64 -1.57 5.75 1.90
CA VAL A 64 -0.93 5.80 3.21
C VAL A 64 -1.71 6.72 4.15
N GLU A 65 -1.82 6.30 5.41
CA GLU A 65 -2.53 7.08 6.41
C GLU A 65 -1.56 7.85 7.29
N LEU A 66 -1.38 9.14 7.00
CA LEU A 66 -0.47 9.98 7.77
C LEU A 66 -0.91 10.07 9.22
N ASP A 67 0.06 10.18 10.13
CA ASP A 67 -0.23 10.28 11.55
C ASP A 67 -0.83 11.64 11.90
N LYS A 68 -0.36 12.67 11.22
CA LYS A 68 -0.86 14.03 11.45
C LYS A 68 -1.48 14.61 10.19
N PRO A 69 -2.40 15.58 10.34
CA PRO A 69 -3.07 16.22 9.20
C PRO A 69 -2.08 16.78 8.19
N GLU A 70 -1.66 15.95 7.25
CA GLU A 70 -0.70 16.37 6.22
C GLU A 70 -1.04 15.73 4.87
N GLY A 71 -2.33 15.48 4.64
CA GLY A 71 -2.76 14.88 3.40
C GLY A 71 -3.84 15.69 2.72
N ASN A 72 -4.80 15.00 2.10
CA ASN A 72 -5.90 15.67 1.40
C ASN A 72 -6.96 14.67 0.98
N ASN A 73 -7.17 13.66 1.80
CA ASN A 73 -8.17 12.63 1.52
C ASN A 73 -8.56 11.88 2.78
N ASN A 74 -9.75 11.28 2.77
CA ASN A 74 -10.24 10.54 3.92
C ASN A 74 -10.47 9.06 3.57
N GLY A 75 -9.74 8.59 2.56
CA GLY A 75 -9.88 7.20 2.15
C GLY A 75 -10.87 7.02 1.02
N THR A 76 -11.85 7.92 0.95
CA THR A 76 -12.87 7.85 -0.10
C THR A 76 -12.58 8.86 -1.21
N TYR A 77 -12.14 8.35 -2.36
CA TYR A 77 -11.83 9.21 -3.50
C TYR A 77 -13.00 9.25 -4.48
N ASP A 78 -13.72 10.36 -4.49
CA ASP A 78 -14.86 10.53 -5.39
C ASP A 78 -15.94 9.50 -5.09
N GLY A 79 -16.03 9.09 -3.82
CA GLY A 79 -17.02 8.11 -3.43
C GLY A 79 -16.44 6.73 -3.24
N ILE A 80 -15.35 6.45 -3.95
CA ILE A 80 -14.68 5.15 -3.85
C ILE A 80 -13.92 5.03 -2.53
N ALA A 81 -14.50 4.29 -1.59
CA ALA A 81 -13.87 4.09 -0.28
C ALA A 81 -12.77 3.03 -0.36
N TYR A 82 -11.53 3.46 -0.19
CA TYR A 82 -10.38 2.56 -0.24
C TYR A 82 -9.95 2.16 1.17
N PHE A 83 -10.12 3.07 2.12
CA PHE A 83 -9.74 2.82 3.50
C PHE A 83 -10.41 3.83 4.44
N GLU A 84 -10.23 3.63 5.73
CA GLU A 84 -10.81 4.52 6.74
C GLU A 84 -9.73 5.37 7.39
N CYS A 85 -10.05 6.64 7.61
CA CYS A 85 -9.10 7.57 8.23
C CYS A 85 -9.76 8.93 8.48
N LYS A 86 -8.96 9.89 8.93
CA LYS A 86 -9.48 11.23 9.21
C LYS A 86 -9.90 11.93 7.91
N GLU A 87 -10.23 13.21 8.03
CA GLU A 87 -10.66 13.99 6.87
C GLU A 87 -9.47 14.30 5.95
N LYS A 88 -8.37 14.73 6.55
CA LYS A 88 -7.18 15.06 5.77
C LYS A 88 -5.95 14.35 6.34
N HIS A 89 -6.00 13.02 6.35
CA HIS A 89 -4.90 12.21 6.87
C HIS A 89 -4.39 11.24 5.81
N GLY A 90 -5.33 10.61 5.09
CA GLY A 90 -4.96 9.67 4.04
C GLY A 90 -4.53 10.36 2.76
N ILE A 91 -3.53 9.79 2.10
CA ILE A 91 -3.03 10.36 0.85
C ILE A 91 -2.60 9.26 -0.12
N PHE A 92 -3.13 9.33 -1.35
CA PHE A 92 -2.80 8.34 -2.37
C PHE A 92 -1.50 8.71 -3.08
N ALA A 93 -0.49 7.88 -2.92
CA ALA A 93 0.81 8.12 -3.55
C ALA A 93 1.27 6.89 -4.34
N PRO A 94 1.93 7.11 -5.49
CA PRO A 94 2.42 6.01 -6.34
C PRO A 94 3.28 5.02 -5.55
N PRO A 95 3.49 3.81 -6.12
CA PRO A 95 4.30 2.78 -5.47
C PRO A 95 5.76 3.19 -5.31
N GLN A 96 6.24 3.99 -6.26
CA GLN A 96 7.62 4.47 -6.22
C GLN A 96 7.88 5.28 -4.96
N LYS A 97 6.84 5.91 -4.43
CA LYS A 97 6.95 6.73 -3.23
C LYS A 97 6.51 5.94 -2.00
N ILE A 98 6.80 4.63 -2.00
CA ILE A 98 6.43 3.77 -0.89
C ILE A 98 7.64 3.02 -0.36
N SER A 99 8.03 3.32 0.89
CA SER A 99 9.17 2.68 1.51
C SER A 99 8.87 2.32 2.96
N HIS A 100 9.83 1.69 3.63
CA HIS A 100 9.66 1.30 5.02
C HIS A 100 10.25 2.35 5.95
N ILE A 101 9.49 2.70 6.99
CA ILE A 101 9.94 3.70 7.96
C ILE A 101 11.09 3.17 8.80
N PRO A 102 12.15 3.98 8.98
CA PRO A 102 13.32 3.58 9.77
C PRO A 102 12.94 3.08 11.16
N GLU A 103 13.79 2.24 11.74
CA GLU A 103 13.54 1.69 13.07
C GLU A 103 13.62 2.78 14.13
N ASN A 104 14.45 3.79 13.87
CA ASN A 104 14.63 4.90 14.80
C ASN A 104 13.69 6.05 14.46
N PHE A 105 12.43 5.73 14.23
CA PHE A 105 11.43 6.73 13.89
C PHE A 105 10.11 6.47 14.60
N ASP A 106 9.95 7.03 15.80
CA ASP A 106 8.74 6.85 16.57
C ASP A 106 8.23 8.18 17.10
N ASP A 107 7.24 8.75 16.42
CA ASP A 107 6.66 10.02 16.82
C ASP A 107 5.43 9.81 17.69
N TYR A 108 4.34 9.34 17.07
CA TYR A 108 3.10 9.09 17.79
C TYR A 108 2.57 7.69 17.51
N VAL A 109 1.78 7.17 18.42
CA VAL A 109 1.22 5.83 18.27
C VAL A 109 -0.18 5.89 17.66
N ASP A 110 -0.24 5.75 16.33
CA ASP A 110 -1.51 5.79 15.61
C ASP A 110 -1.59 4.65 14.60
N ILE A 111 -1.90 3.45 15.08
CA ILE A 111 -2.02 2.29 14.20
C ILE A 111 -3.47 1.88 14.01
N ASN A 112 -4.28 2.83 13.54
CA ASN A 112 -5.70 2.57 13.30
C ASN A 112 -6.40 2.18 14.59
N GLU A 113 -7.73 2.20 14.57
CA GLU A 113 -8.51 1.84 15.75
C GLU A 113 -10.01 1.83 15.42
N ASP A 114 -10.76 1.00 16.13
CA ASP A 114 -12.20 0.88 15.91
C ASP A 114 -12.91 0.53 17.20
N GLU A 115 -12.39 -0.47 17.91
CA GLU A 115 -12.99 -0.90 19.17
C GLU A 115 -11.91 -1.34 20.16
N ASP A 116 -12.33 -1.66 21.38
CA ASP A 116 -11.40 -2.08 22.42
C ASP A 116 -11.54 -3.58 22.69
N SER A 117 -10.48 -4.33 22.42
CA SER A 117 -10.48 -5.76 22.64
C SER A 117 -10.70 -6.09 24.11
N GLY A 118 -11.56 -7.08 24.38
CA GLY A 118 -11.84 -7.47 25.74
C GLY A 118 -12.53 -8.82 25.82
N PRO A 119 -13.75 -8.94 25.25
CA PRO A 119 -14.51 -10.18 25.27
C PRO A 119 -13.70 -11.37 24.77
N SER A 120 -13.04 -11.19 23.63
CA SER A 120 -12.22 -12.25 23.04
C SER A 120 -10.90 -12.39 23.79
N SER A 121 -10.27 -11.26 24.09
CA SER A 121 -9.00 -11.26 24.80
C SER A 121 -7.93 -12.01 24.01
N GLY A 122 -8.04 -11.96 22.68
CA GLY A 122 -7.08 -12.64 21.83
C GLY A 122 -5.97 -11.73 21.37
N GLY A 1 -30.32 -1.00 -3.12
CA GLY A 1 -30.97 -2.22 -2.58
C GLY A 1 -30.02 -3.07 -1.74
N SER A 2 -29.10 -3.74 -2.41
CA SER A 2 -28.13 -4.58 -1.71
C SER A 2 -27.13 -3.75 -0.93
N SER A 3 -26.28 -4.41 -0.15
CA SER A 3 -25.27 -3.71 0.64
C SER A 3 -23.88 -3.90 0.04
N GLY A 4 -22.99 -2.97 0.35
CA GLY A 4 -21.63 -3.05 -0.16
C GLY A 4 -20.69 -3.76 0.79
N SER A 5 -19.53 -4.18 0.27
CA SER A 5 -18.55 -4.88 1.09
C SER A 5 -17.18 -4.85 0.42
N SER A 6 -16.13 -4.92 1.23
CA SER A 6 -14.77 -4.90 0.73
C SER A 6 -14.25 -6.31 0.47
N GLY A 7 -13.80 -6.56 -0.75
CA GLY A 7 -13.29 -7.87 -1.11
C GLY A 7 -11.78 -7.96 -1.00
N VAL A 8 -11.20 -7.14 -0.13
CA VAL A 8 -9.76 -7.12 0.06
C VAL A 8 -9.40 -6.79 1.51
N GLU A 9 -10.23 -7.25 2.44
CA GLU A 9 -10.01 -7.00 3.86
C GLU A 9 -10.12 -8.29 4.66
N HIS A 10 -9.78 -9.41 4.03
CA HIS A 10 -9.84 -10.71 4.70
C HIS A 10 -8.51 -11.46 4.57
N GLU A 11 -7.85 -11.66 5.69
CA GLU A 11 -6.57 -12.36 5.71
C GLU A 11 -6.77 -13.87 5.63
N GLN A 12 -6.58 -14.42 4.43
CA GLN A 12 -6.74 -15.86 4.22
C GLN A 12 -5.60 -16.42 3.38
N GLN A 13 -5.60 -17.73 3.20
CA GLN A 13 -4.55 -18.39 2.42
C GLN A 13 -5.09 -19.66 1.77
N VAL A 14 -5.03 -19.72 0.45
CA VAL A 14 -5.50 -20.88 -0.29
C VAL A 14 -4.35 -21.77 -0.73
N THR A 15 -4.42 -23.05 -0.39
CA THR A 15 -3.37 -24.00 -0.74
C THR A 15 -3.49 -24.41 -2.20
N GLU A 16 -4.72 -24.51 -2.69
CA GLU A 16 -4.98 -24.90 -4.07
C GLU A 16 -4.90 -23.69 -5.00
N SER A 17 -3.71 -23.44 -5.55
CA SER A 17 -3.51 -22.31 -6.44
C SER A 17 -2.60 -22.70 -7.61
N PRO A 18 -3.17 -22.91 -8.80
CA PRO A 18 -2.39 -23.29 -9.99
C PRO A 18 -1.47 -22.16 -10.47
N SER A 19 -0.22 -22.51 -10.74
CA SER A 19 0.75 -21.52 -11.20
C SER A 19 0.89 -21.55 -12.72
N LEU A 20 -0.23 -21.76 -13.40
CA LEU A 20 -0.24 -21.80 -14.86
C LEU A 20 -0.57 -20.43 -15.44
N ALA A 21 -1.60 -19.80 -14.90
CA ALA A 21 -2.03 -18.49 -15.37
C ALA A 21 -1.32 -17.38 -14.60
N SER A 22 -0.45 -16.66 -15.29
CA SER A 22 0.30 -15.56 -14.67
C SER A 22 0.68 -14.52 -15.71
N VAL A 23 1.10 -13.35 -15.22
CA VAL A 23 1.50 -12.26 -16.10
C VAL A 23 2.85 -11.68 -15.68
N PRO A 24 3.73 -11.35 -16.65
CA PRO A 24 5.05 -10.78 -16.36
C PRO A 24 4.98 -9.62 -15.37
N THR A 25 5.24 -9.94 -14.10
CA THR A 25 5.20 -8.92 -13.04
C THR A 25 3.80 -8.33 -12.89
N ALA A 26 3.47 -7.38 -13.76
CA ALA A 26 2.15 -6.74 -13.72
C ALA A 26 1.80 -6.27 -12.31
N ASP A 27 2.83 -5.95 -11.52
CA ASP A 27 2.62 -5.49 -10.15
C ASP A 27 3.68 -4.47 -9.76
N GLU A 28 3.51 -3.88 -8.57
CA GLU A 28 4.47 -2.88 -8.08
C GLU A 28 4.62 -3.00 -6.57
N LEU A 29 3.49 -3.05 -5.86
CA LEU A 29 3.51 -3.16 -4.41
C LEU A 29 3.09 -4.56 -3.96
N PHE A 30 3.87 -5.56 -4.35
CA PHE A 30 3.59 -6.94 -3.98
C PHE A 30 4.17 -7.28 -2.62
N ASP A 31 5.27 -6.62 -2.27
CA ASP A 31 5.93 -6.85 -0.99
C ASP A 31 5.51 -5.80 0.04
N PHE A 32 4.26 -5.39 -0.02
CA PHE A 32 3.73 -4.38 0.90
C PHE A 32 2.32 -4.75 1.35
N HIS A 33 2.22 -5.50 2.45
CA HIS A 33 0.94 -5.91 2.98
C HIS A 33 0.20 -4.72 3.59
N ILE A 34 -1.14 -4.77 3.55
CA ILE A 34 -1.96 -3.71 4.08
C ILE A 34 -1.97 -3.73 5.61
N GLY A 35 -1.52 -2.65 6.22
CA GLY A 35 -1.49 -2.56 7.67
C GLY A 35 -0.07 -2.51 8.21
N ASP A 36 0.85 -1.99 7.41
CA ASP A 36 2.25 -1.88 7.82
C ASP A 36 2.75 -0.45 7.64
N ARG A 37 3.63 -0.03 8.54
CA ARG A 37 4.20 1.31 8.49
C ARG A 37 4.94 1.54 7.16
N VAL A 38 4.82 2.74 6.62
CA VAL A 38 5.49 3.08 5.37
C VAL A 38 5.85 4.56 5.32
N LEU A 39 6.89 4.88 4.56
CA LEU A 39 7.34 6.27 4.43
C LEU A 39 7.09 6.78 3.02
N ILE A 40 6.25 7.81 2.91
CA ILE A 40 5.92 8.40 1.62
C ILE A 40 7.03 9.34 1.14
N GLY A 41 7.70 8.94 0.07
CA GLY A 41 8.78 9.74 -0.47
C GLY A 41 9.92 9.95 0.52
N ASN A 42 10.02 9.04 1.48
CA ASN A 42 11.07 9.13 2.49
C ASN A 42 11.03 10.47 3.22
N VAL A 43 9.83 10.86 3.65
CA VAL A 43 9.65 12.13 4.36
C VAL A 43 8.33 12.14 5.13
N GLN A 44 7.27 11.68 4.48
CA GLN A 44 5.95 11.65 5.10
C GLN A 44 5.64 10.25 5.64
N PRO A 45 5.81 10.04 6.96
CA PRO A 45 5.53 8.75 7.59
C PRO A 45 4.05 8.43 7.63
N GLY A 46 3.73 7.13 7.66
CA GLY A 46 2.34 6.71 7.70
C GLY A 46 2.19 5.20 7.66
N ILE A 47 0.99 4.74 7.35
CA ILE A 47 0.72 3.30 7.28
C ILE A 47 0.03 2.94 5.97
N LEU A 48 0.52 1.89 5.32
CA LEU A 48 -0.06 1.44 4.05
C LEU A 48 -1.45 0.86 4.28
N ARG A 49 -2.46 1.61 3.88
CA ARG A 49 -3.85 1.18 4.03
C ARG A 49 -4.37 0.57 2.73
N PHE A 50 -3.87 1.06 1.60
CA PHE A 50 -4.29 0.56 0.31
C PHE A 50 -3.13 0.61 -0.69
N LYS A 51 -3.28 -0.13 -1.79
CA LYS A 51 -2.24 -0.17 -2.81
C LYS A 51 -2.73 -0.92 -4.05
N GLY A 52 -3.06 -0.16 -5.10
CA GLY A 52 -3.54 -0.77 -6.33
C GLY A 52 -4.03 0.25 -7.33
N GLU A 53 -4.60 -0.23 -8.43
CA GLU A 53 -5.11 0.66 -9.46
C GLU A 53 -6.41 1.33 -9.02
N THR A 54 -6.56 2.60 -9.36
CA THR A 54 -7.75 3.36 -8.99
C THR A 54 -8.58 3.71 -10.22
N SER A 55 -9.68 4.43 -10.01
CA SER A 55 -10.55 4.83 -11.11
C SER A 55 -10.23 6.23 -11.59
N PHE A 56 -9.95 7.13 -10.64
CA PHE A 56 -9.62 8.51 -10.97
C PHE A 56 -8.36 8.58 -11.82
N ALA A 57 -7.46 7.63 -11.61
CA ALA A 57 -6.21 7.59 -12.36
C ALA A 57 -5.62 6.18 -12.36
N LYS A 58 -5.16 5.73 -13.53
CA LYS A 58 -4.57 4.40 -13.67
C LYS A 58 -3.26 4.31 -12.90
N GLY A 59 -2.64 3.14 -12.94
CA GLY A 59 -1.38 2.93 -12.24
C GLY A 59 -1.57 2.59 -10.78
N PHE A 60 -0.51 2.13 -10.13
CA PHE A 60 -0.57 1.76 -8.72
C PHE A 60 -0.72 3.01 -7.85
N TRP A 61 -1.62 2.94 -6.88
CA TRP A 61 -1.87 4.06 -5.98
C TRP A 61 -2.05 3.57 -4.54
N ALA A 62 -1.08 3.89 -3.69
CA ALA A 62 -1.14 3.47 -2.29
C ALA A 62 -1.65 4.61 -1.40
N GLY A 63 -2.76 4.37 -0.72
CA GLY A 63 -3.33 5.37 0.15
C GLY A 63 -2.82 5.26 1.57
N VAL A 64 -1.67 5.87 1.84
CA VAL A 64 -1.07 5.84 3.17
C VAL A 64 -1.81 6.76 4.14
N GLU A 65 -1.91 6.32 5.39
CA GLU A 65 -2.60 7.11 6.41
C GLU A 65 -1.59 7.84 7.30
N LEU A 66 -1.41 9.13 7.04
CA LEU A 66 -0.47 9.94 7.81
C LEU A 66 -0.94 10.07 9.26
N ASP A 67 0.01 10.19 10.17
CA ASP A 67 -0.31 10.33 11.59
C ASP A 67 -0.88 11.72 11.88
N LYS A 68 -0.45 12.71 11.11
CA LYS A 68 -0.93 14.08 11.28
C LYS A 68 -1.76 14.51 10.08
N PRO A 69 -2.58 15.56 10.26
CA PRO A 69 -3.43 16.08 9.17
C PRO A 69 -2.62 16.77 8.08
N GLU A 70 -1.96 15.98 7.24
CA GLU A 70 -1.15 16.51 6.15
C GLU A 70 -1.73 16.11 4.79
N GLY A 71 -2.26 14.89 4.72
CA GLY A 71 -2.83 14.42 3.48
C GLY A 71 -3.97 15.30 2.99
N ASN A 72 -4.75 14.78 2.04
CA ASN A 72 -5.88 15.53 1.49
C ASN A 72 -7.03 14.59 1.12
N ASN A 73 -7.16 13.50 1.87
CA ASN A 73 -8.22 12.53 1.63
C ASN A 73 -8.57 11.76 2.90
N ASN A 74 -9.75 11.18 2.92
CA ASN A 74 -10.21 10.42 4.09
C ASN A 74 -10.45 8.96 3.72
N GLY A 75 -9.71 8.47 2.73
CA GLY A 75 -9.86 7.09 2.31
C GLY A 75 -10.78 6.94 1.13
N THR A 76 -11.81 7.77 1.06
CA THR A 76 -12.78 7.73 -0.02
C THR A 76 -12.41 8.74 -1.12
N TYR A 77 -12.00 8.22 -2.27
CA TYR A 77 -11.63 9.07 -3.40
C TYR A 77 -12.78 9.22 -4.38
N ASP A 78 -13.45 10.37 -4.33
CA ASP A 78 -14.58 10.63 -5.22
C ASP A 78 -15.71 9.64 -4.97
N GLY A 79 -15.82 9.17 -3.74
CA GLY A 79 -16.86 8.22 -3.39
C GLY A 79 -16.33 6.81 -3.22
N ILE A 80 -15.23 6.50 -3.90
CA ILE A 80 -14.62 5.18 -3.82
C ILE A 80 -13.89 5.00 -2.50
N ALA A 81 -14.51 4.27 -1.58
CA ALA A 81 -13.91 4.02 -0.27
C ALA A 81 -12.90 2.89 -0.33
N TYR A 82 -11.70 3.14 0.17
CA TYR A 82 -10.63 2.14 0.17
C TYR A 82 -10.21 1.80 1.59
N PHE A 83 -10.07 2.82 2.43
CA PHE A 83 -9.67 2.62 3.81
C PHE A 83 -10.31 3.67 4.72
N GLU A 84 -10.24 3.43 6.03
CA GLU A 84 -10.82 4.34 7.00
C GLU A 84 -9.74 5.19 7.66
N CYS A 85 -9.98 6.50 7.73
CA CYS A 85 -9.02 7.41 8.34
C CYS A 85 -9.67 8.77 8.61
N LYS A 86 -8.86 9.72 9.06
CA LYS A 86 -9.35 11.07 9.36
C LYS A 86 -9.89 11.74 8.09
N GLU A 87 -10.25 13.01 8.22
CA GLU A 87 -10.77 13.77 7.09
C GLU A 87 -9.67 14.10 6.10
N LYS A 88 -8.53 14.56 6.61
CA LYS A 88 -7.40 14.91 5.77
C LYS A 88 -6.11 14.28 6.29
N HIS A 89 -6.06 12.96 6.26
CA HIS A 89 -4.89 12.22 6.73
C HIS A 89 -4.40 11.24 5.66
N GLY A 90 -5.34 10.53 5.04
CA GLY A 90 -4.99 9.57 4.02
C GLY A 90 -4.54 10.23 2.73
N ILE A 91 -3.48 9.70 2.12
CA ILE A 91 -2.95 10.25 0.87
C ILE A 91 -2.54 9.13 -0.08
N PHE A 92 -2.95 9.27 -1.34
CA PHE A 92 -2.62 8.27 -2.36
C PHE A 92 -1.36 8.66 -3.11
N ALA A 93 -0.29 7.91 -2.90
CA ALA A 93 0.98 8.18 -3.56
C ALA A 93 1.44 6.97 -4.39
N PRO A 94 2.13 7.23 -5.51
CA PRO A 94 2.62 6.15 -6.38
C PRO A 94 3.43 5.10 -5.62
N PRO A 95 3.61 3.91 -6.22
CA PRO A 95 4.36 2.82 -5.59
C PRO A 95 5.81 3.21 -5.28
N GLN A 96 6.41 3.99 -6.18
CA GLN A 96 7.79 4.43 -5.99
C GLN A 96 7.94 5.23 -4.70
N LYS A 97 6.85 5.85 -4.25
CA LYS A 97 6.87 6.64 -3.04
C LYS A 97 6.33 5.83 -1.85
N ILE A 98 6.64 4.54 -1.85
CA ILE A 98 6.19 3.65 -0.77
C ILE A 98 7.33 2.75 -0.30
N SER A 99 7.91 3.09 0.85
CA SER A 99 9.00 2.32 1.41
C SER A 99 8.78 2.06 2.90
N HIS A 100 9.56 1.15 3.46
CA HIS A 100 9.45 0.81 4.87
C HIS A 100 10.17 1.85 5.73
N ILE A 101 9.49 2.35 6.75
CA ILE A 101 10.08 3.34 7.64
C ILE A 101 11.25 2.76 8.43
N PRO A 102 12.35 3.52 8.55
CA PRO A 102 13.54 3.05 9.27
C PRO A 102 13.21 2.56 10.67
N GLU A 103 13.93 1.53 11.11
CA GLU A 103 13.71 0.96 12.44
C GLU A 103 14.21 1.90 13.52
N ASN A 104 15.22 2.69 13.19
CA ASN A 104 15.81 3.64 14.14
C ASN A 104 15.25 5.04 13.92
N PHE A 105 14.00 5.10 13.45
CA PHE A 105 13.35 6.39 13.20
C PHE A 105 12.68 6.91 14.47
N ASP A 106 12.22 6.00 15.31
CA ASP A 106 11.56 6.36 16.55
C ASP A 106 10.28 7.15 16.28
N ASP A 107 9.19 6.44 16.02
CA ASP A 107 7.91 7.07 15.75
C ASP A 107 6.88 6.69 16.79
N TYR A 108 6.09 7.67 17.24
CA TYR A 108 5.07 7.44 18.24
C TYR A 108 3.79 6.90 17.59
N VAL A 109 2.94 6.27 18.40
CA VAL A 109 1.69 5.71 17.91
C VAL A 109 0.50 6.59 18.28
N ASP A 110 -0.17 7.13 17.28
CA ASP A 110 -1.32 7.99 17.51
C ASP A 110 -2.33 7.88 16.37
N ILE A 111 -2.47 6.67 15.84
CA ILE A 111 -3.40 6.41 14.73
C ILE A 111 -4.26 5.19 15.01
N ASN A 112 -5.16 4.88 14.08
CA ASN A 112 -6.05 3.73 14.23
C ASN A 112 -6.95 3.90 15.44
N GLU A 113 -7.90 2.98 15.60
CA GLU A 113 -8.84 3.03 16.71
C GLU A 113 -8.46 2.01 17.78
N ASP A 114 -8.35 0.75 17.38
CA ASP A 114 -8.00 -0.32 18.31
C ASP A 114 -7.54 -1.56 17.55
N GLU A 115 -8.28 -1.92 16.50
CA GLU A 115 -7.94 -3.09 15.70
C GLU A 115 -6.62 -2.89 14.97
N ASP A 116 -5.62 -3.69 15.33
CA ASP A 116 -4.31 -3.60 14.71
C ASP A 116 -4.12 -4.70 13.66
N SER A 117 -3.51 -4.34 12.54
CA SER A 117 -3.27 -5.29 11.47
C SER A 117 -1.79 -5.67 11.39
N GLY A 118 -1.53 -6.96 11.20
CA GLY A 118 -0.15 -7.43 11.12
C GLY A 118 0.05 -8.75 11.84
N PRO A 119 1.28 -9.04 12.29
CA PRO A 119 1.58 -10.29 12.99
C PRO A 119 0.95 -10.35 14.38
N SER A 120 1.34 -11.35 15.16
CA SER A 120 0.82 -11.52 16.51
C SER A 120 -0.69 -11.72 16.48
N SER A 121 -1.12 -12.97 16.37
CA SER A 121 -2.54 -13.31 16.33
C SER A 121 -2.76 -14.79 16.53
N GLY A 122 -3.95 -15.17 17.00
CA GLY A 122 -4.26 -16.56 17.22
C GLY A 122 -5.10 -16.78 18.46
N GLY A 1 3.07 -42.22 29.18
CA GLY A 1 2.97 -41.85 30.63
C GLY A 1 1.77 -40.97 30.92
N SER A 2 1.66 -39.86 30.20
CA SER A 2 0.55 -38.93 30.39
C SER A 2 -0.13 -38.62 29.05
N SER A 3 -0.12 -39.61 28.15
CA SER A 3 -0.74 -39.44 26.83
C SER A 3 -2.24 -39.71 26.91
N GLY A 4 -3.02 -38.63 26.93
CA GLY A 4 -4.46 -38.77 26.99
C GLY A 4 -5.13 -38.47 25.66
N SER A 5 -6.38 -38.90 25.52
CA SER A 5 -7.13 -38.69 24.29
C SER A 5 -8.53 -38.17 24.60
N SER A 6 -9.32 -37.96 23.55
CA SER A 6 -10.69 -37.48 23.70
C SER A 6 -11.56 -37.92 22.54
N GLY A 7 -11.19 -37.52 21.34
CA GLY A 7 -11.96 -37.89 20.16
C GLY A 7 -11.26 -37.51 18.87
N VAL A 8 -10.34 -38.36 18.42
CA VAL A 8 -9.60 -38.11 17.19
C VAL A 8 -8.77 -36.83 17.30
N GLU A 9 -7.45 -36.99 17.36
CA GLU A 9 -6.54 -35.85 17.47
C GLU A 9 -6.69 -34.92 16.27
N HIS A 10 -7.10 -35.49 15.14
CA HIS A 10 -7.28 -34.71 13.92
C HIS A 10 -8.25 -33.56 14.14
N GLU A 11 -7.92 -32.40 13.58
CA GLU A 11 -8.77 -31.21 13.72
C GLU A 11 -8.98 -30.54 12.37
N GLN A 12 -7.96 -29.85 11.89
CA GLN A 12 -8.02 -29.16 10.60
C GLN A 12 -6.73 -29.32 9.81
N GLN A 13 -6.66 -28.67 8.66
CA GLN A 13 -5.47 -28.75 7.81
C GLN A 13 -5.53 -27.71 6.69
N VAL A 14 -4.97 -26.53 6.96
CA VAL A 14 -4.96 -25.45 5.98
C VAL A 14 -3.88 -25.67 4.92
N THR A 15 -4.31 -25.82 3.67
CA THR A 15 -3.39 -26.04 2.56
C THR A 15 -3.38 -24.84 1.61
N GLU A 16 -4.57 -24.35 1.27
CA GLU A 16 -4.70 -23.21 0.38
C GLU A 16 -4.09 -23.52 -0.98
N SER A 17 -4.23 -22.58 -1.91
CA SER A 17 -3.69 -22.74 -3.25
C SER A 17 -3.92 -21.49 -4.09
N PRO A 18 -3.02 -21.22 -5.06
CA PRO A 18 -3.13 -20.04 -5.93
C PRO A 18 -4.38 -20.07 -6.80
N SER A 19 -4.54 -21.16 -7.55
CA SER A 19 -5.69 -21.31 -8.42
C SER A 19 -5.80 -20.15 -9.41
N LEU A 20 -4.65 -19.59 -9.78
CA LEU A 20 -4.61 -18.47 -10.72
C LEU A 20 -5.37 -17.28 -10.16
N ALA A 21 -5.08 -16.93 -8.91
CA ALA A 21 -5.73 -15.80 -8.26
C ALA A 21 -5.17 -14.48 -8.74
N SER A 22 -3.84 -14.35 -8.69
CA SER A 22 -3.16 -13.13 -9.13
C SER A 22 -2.01 -13.47 -10.06
N VAL A 23 -1.65 -12.51 -10.91
CA VAL A 23 -0.57 -12.69 -11.87
C VAL A 23 0.34 -11.46 -11.92
N PRO A 24 1.66 -11.68 -12.07
CA PRO A 24 2.62 -10.58 -12.13
C PRO A 24 2.59 -9.85 -13.47
N THR A 25 1.77 -8.80 -13.55
CA THR A 25 1.64 -8.03 -14.78
C THR A 25 2.15 -6.61 -14.57
N ALA A 26 1.91 -6.06 -13.38
CA ALA A 26 2.35 -4.71 -13.06
C ALA A 26 2.29 -4.46 -11.56
N ASP A 27 2.66 -5.47 -10.78
CA ASP A 27 2.64 -5.36 -9.32
C ASP A 27 3.99 -4.85 -8.80
N GLU A 28 3.97 -3.66 -8.21
CA GLU A 28 5.19 -3.06 -7.67
C GLU A 28 5.22 -3.18 -6.15
N LEU A 29 4.05 -3.06 -5.52
CA LEU A 29 3.95 -3.16 -4.07
C LEU A 29 3.49 -4.55 -3.65
N PHE A 30 3.89 -5.56 -4.43
CA PHE A 30 3.53 -6.93 -4.13
C PHE A 30 4.11 -7.37 -2.79
N ASP A 31 5.28 -6.84 -2.46
CA ASP A 31 5.94 -7.18 -1.21
C ASP A 31 5.33 -6.40 -0.04
N PHE A 32 4.85 -5.20 -0.31
CA PHE A 32 4.24 -4.37 0.71
C PHE A 32 2.87 -4.91 1.11
N HIS A 33 2.68 -5.09 2.42
CA HIS A 33 1.42 -5.60 2.94
C HIS A 33 0.62 -4.51 3.64
N ILE A 34 -0.68 -4.74 3.83
CA ILE A 34 -1.54 -3.78 4.48
C ILE A 34 -1.32 -3.77 5.99
N GLY A 35 -1.16 -2.58 6.56
CA GLY A 35 -0.95 -2.47 7.99
C GLY A 35 0.52 -2.49 8.36
N ASP A 36 1.34 -1.83 7.55
CA ASP A 36 2.78 -1.78 7.79
C ASP A 36 3.30 -0.35 7.67
N ARG A 37 4.29 -0.01 8.49
CA ARG A 37 4.88 1.32 8.47
C ARG A 37 5.48 1.63 7.10
N VAL A 38 4.98 2.66 6.46
CA VAL A 38 5.47 3.06 5.14
C VAL A 38 5.76 4.57 5.09
N LEU A 39 6.92 4.92 4.56
CA LEU A 39 7.33 6.31 4.46
C LEU A 39 7.12 6.84 3.04
N ILE A 40 6.25 7.83 2.89
CA ILE A 40 5.96 8.41 1.59
C ILE A 40 7.06 9.38 1.17
N GLY A 41 7.83 8.99 0.16
CA GLY A 41 8.92 9.84 -0.32
C GLY A 41 10.00 10.06 0.72
N ASN A 42 10.07 9.16 1.70
CA ASN A 42 11.07 9.26 2.76
C ASN A 42 10.97 10.61 3.48
N VAL A 43 9.75 10.96 3.89
CA VAL A 43 9.53 12.21 4.60
C VAL A 43 8.15 12.23 5.27
N GLN A 44 7.14 11.74 4.56
CA GLN A 44 5.78 11.69 5.09
C GLN A 44 5.47 10.31 5.67
N PRO A 45 5.51 10.17 7.01
CA PRO A 45 5.23 8.90 7.67
C PRO A 45 3.76 8.52 7.59
N GLY A 46 3.49 7.21 7.62
CA GLY A 46 2.12 6.74 7.54
C GLY A 46 2.04 5.23 7.45
N ILE A 47 0.81 4.70 7.44
CA ILE A 47 0.60 3.27 7.35
C ILE A 47 -0.07 2.89 6.05
N LEU A 48 0.44 1.85 5.40
CA LEU A 48 -0.12 1.38 4.13
C LEU A 48 -1.49 0.76 4.34
N ARG A 49 -2.53 1.46 3.92
CA ARG A 49 -3.89 0.97 4.05
C ARG A 49 -4.41 0.40 2.74
N PHE A 50 -3.93 0.94 1.63
CA PHE A 50 -4.34 0.47 0.31
C PHE A 50 -3.15 0.45 -0.65
N LYS A 51 -3.31 -0.26 -1.76
CA LYS A 51 -2.25 -0.36 -2.76
C LYS A 51 -2.72 -1.15 -3.98
N GLY A 52 -3.01 -0.44 -5.06
CA GLY A 52 -3.47 -1.07 -6.28
C GLY A 52 -4.05 -0.10 -7.27
N GLU A 53 -4.56 -0.62 -8.38
CA GLU A 53 -5.15 0.23 -9.42
C GLU A 53 -6.49 0.79 -8.97
N THR A 54 -6.61 2.12 -8.99
CA THR A 54 -7.84 2.79 -8.58
C THR A 54 -8.82 2.86 -9.74
N SER A 55 -9.97 3.49 -9.49
CA SER A 55 -11.00 3.64 -10.51
C SER A 55 -10.92 5.01 -11.17
N PHE A 56 -10.49 6.00 -10.41
CA PHE A 56 -10.36 7.36 -10.92
C PHE A 56 -9.07 7.54 -11.70
N ALA A 57 -7.97 7.03 -11.15
CA ALA A 57 -6.67 7.12 -11.79
C ALA A 57 -6.10 5.73 -12.10
N LYS A 58 -5.31 5.65 -13.16
CA LYS A 58 -4.71 4.38 -13.56
C LYS A 58 -3.36 4.17 -12.87
N GLY A 59 -2.97 2.91 -12.72
CA GLY A 59 -1.70 2.61 -12.08
C GLY A 59 -1.87 2.33 -10.60
N PHE A 60 -0.82 1.78 -9.99
CA PHE A 60 -0.85 1.48 -8.56
C PHE A 60 -0.95 2.75 -7.73
N TRP A 61 -1.86 2.73 -6.75
CA TRP A 61 -2.06 3.88 -5.87
C TRP A 61 -2.19 3.45 -4.42
N ALA A 62 -1.13 3.64 -3.65
CA ALA A 62 -1.13 3.26 -2.24
C ALA A 62 -1.70 4.38 -1.37
N GLY A 63 -2.73 4.06 -0.60
CA GLY A 63 -3.34 5.05 0.26
C GLY A 63 -2.83 4.96 1.68
N VAL A 64 -1.71 5.62 1.95
CA VAL A 64 -1.12 5.61 3.28
C VAL A 64 -1.86 6.55 4.22
N GLU A 65 -1.91 6.18 5.50
CA GLU A 65 -2.59 6.98 6.51
C GLU A 65 -1.58 7.70 7.39
N LEU A 66 -1.39 8.99 7.13
CA LEU A 66 -0.45 9.80 7.91
C LEU A 66 -0.83 9.82 9.38
N ASP A 67 0.16 9.93 10.24
CA ASP A 67 -0.07 9.96 11.68
C ASP A 67 -0.74 11.27 12.10
N LYS A 68 -0.41 12.35 11.40
CA LYS A 68 -0.98 13.66 11.70
C LYS A 68 -1.79 14.18 10.51
N PRO A 69 -2.72 15.12 10.76
CA PRO A 69 -3.57 15.70 9.71
C PRO A 69 -2.76 16.47 8.67
N GLU A 70 -2.04 15.73 7.83
CA GLU A 70 -1.21 16.35 6.79
C GLU A 70 -1.72 15.97 5.39
N GLY A 71 -2.33 14.79 5.29
CA GLY A 71 -2.84 14.32 4.01
C GLY A 71 -3.87 15.27 3.43
N ASN A 72 -4.67 14.75 2.49
CA ASN A 72 -5.71 15.55 1.85
C ASN A 72 -6.89 14.69 1.43
N ASN A 73 -7.19 13.68 2.24
CA ASN A 73 -8.29 12.76 1.96
C ASN A 73 -8.73 12.02 3.21
N ASN A 74 -9.81 11.27 3.10
CA ASN A 74 -10.33 10.50 4.23
C ASN A 74 -10.59 9.05 3.83
N GLY A 75 -9.79 8.55 2.89
CA GLY A 75 -9.94 7.18 2.44
C GLY A 75 -10.78 7.08 1.18
N THR A 76 -11.73 8.00 1.03
CA THR A 76 -12.60 8.00 -0.14
C THR A 76 -12.11 9.01 -1.18
N TYR A 77 -11.66 8.50 -2.33
CA TYR A 77 -11.16 9.34 -3.40
C TYR A 77 -12.23 9.54 -4.48
N ASP A 78 -12.79 10.74 -4.55
CA ASP A 78 -13.81 11.05 -5.54
C ASP A 78 -15.04 10.15 -5.35
N GLY A 79 -15.29 9.76 -4.12
CA GLY A 79 -16.44 8.91 -3.82
C GLY A 79 -16.04 7.46 -3.65
N ILE A 80 -14.95 7.05 -4.29
CA ILE A 80 -14.47 5.68 -4.20
C ILE A 80 -13.76 5.42 -2.87
N ALA A 81 -14.36 4.61 -2.01
CA ALA A 81 -13.79 4.29 -0.71
C ALA A 81 -12.74 3.19 -0.84
N TYR A 82 -11.70 3.26 -0.01
CA TYR A 82 -10.65 2.27 -0.02
C TYR A 82 -10.26 1.85 1.40
N PHE A 83 -10.00 2.84 2.25
CA PHE A 83 -9.62 2.58 3.63
C PHE A 83 -10.28 3.58 4.57
N GLU A 84 -10.19 3.32 5.87
CA GLU A 84 -10.77 4.21 6.87
C GLU A 84 -9.69 5.06 7.53
N CYS A 85 -10.02 6.33 7.76
CA CYS A 85 -9.09 7.26 8.39
C CYS A 85 -9.76 8.59 8.71
N LYS A 86 -8.98 9.55 9.19
CA LYS A 86 -9.51 10.86 9.53
C LYS A 86 -9.96 11.61 8.28
N GLU A 87 -10.31 12.89 8.46
CA GLU A 87 -10.77 13.71 7.34
C GLU A 87 -9.64 13.95 6.35
N LYS A 88 -8.50 14.44 6.85
CA LYS A 88 -7.35 14.71 6.01
C LYS A 88 -6.10 14.02 6.55
N HIS A 89 -6.15 12.69 6.62
CA HIS A 89 -5.02 11.91 7.11
C HIS A 89 -4.50 10.98 6.03
N GLY A 90 -5.42 10.34 5.30
CA GLY A 90 -5.02 9.44 4.25
C GLY A 90 -4.65 10.16 2.96
N ILE A 91 -3.60 9.69 2.30
CA ILE A 91 -3.15 10.30 1.06
C ILE A 91 -2.68 9.24 0.07
N PHE A 92 -3.27 9.24 -1.12
CA PHE A 92 -2.92 8.29 -2.16
C PHE A 92 -1.61 8.69 -2.85
N ALA A 93 -0.65 7.78 -2.88
CA ALA A 93 0.64 8.04 -3.52
C ALA A 93 1.11 6.84 -4.33
N PRO A 94 1.76 7.08 -5.47
CA PRO A 94 2.27 6.01 -6.32
C PRO A 94 3.15 5.02 -5.56
N PRO A 95 3.37 3.82 -6.13
CA PRO A 95 4.21 2.79 -5.49
C PRO A 95 5.65 3.23 -5.34
N GLN A 96 6.12 4.05 -6.28
CA GLN A 96 7.50 4.54 -6.25
C GLN A 96 7.75 5.34 -4.97
N LYS A 97 6.70 5.95 -4.44
CA LYS A 97 6.82 6.75 -3.22
C LYS A 97 6.39 5.93 -2.01
N ILE A 98 6.70 4.64 -2.02
CA ILE A 98 6.35 3.76 -0.91
C ILE A 98 7.57 3.02 -0.40
N SER A 99 8.08 3.47 0.74
CA SER A 99 9.25 2.85 1.36
C SER A 99 8.97 2.47 2.80
N HIS A 100 9.90 1.72 3.40
CA HIS A 100 9.75 1.28 4.79
C HIS A 100 10.25 2.36 5.76
N ILE A 101 9.46 2.65 6.78
CA ILE A 101 9.82 3.65 7.77
C ILE A 101 10.89 3.13 8.72
N PRO A 102 12.02 3.84 8.85
CA PRO A 102 13.12 3.43 9.74
C PRO A 102 12.64 3.20 11.17
N GLU A 103 13.60 3.00 12.07
CA GLU A 103 13.28 2.77 13.48
C GLU A 103 13.31 4.08 14.26
N ASN A 104 14.13 5.03 13.80
CA ASN A 104 14.26 6.32 14.46
C ASN A 104 13.35 7.36 13.81
N PHE A 105 12.13 6.95 13.47
CA PHE A 105 11.18 7.84 12.84
C PHE A 105 9.83 7.80 13.55
N ASP A 106 9.38 6.59 13.89
CA ASP A 106 8.12 6.41 14.57
C ASP A 106 8.24 5.36 15.67
N ASP A 107 8.17 5.81 16.93
CA ASP A 107 8.28 4.90 18.06
C ASP A 107 6.91 4.65 18.70
N TYR A 108 6.38 3.45 18.50
CA TYR A 108 5.08 3.08 19.05
C TYR A 108 3.99 3.99 18.49
N VAL A 109 3.53 3.69 17.28
CA VAL A 109 2.49 4.48 16.65
C VAL A 109 1.26 3.63 16.35
N ASP A 110 0.31 3.63 17.28
CA ASP A 110 -0.92 2.86 17.12
C ASP A 110 -2.14 3.72 17.44
N ILE A 111 -2.50 4.58 16.50
CA ILE A 111 -3.66 5.46 16.68
C ILE A 111 -4.86 4.97 15.88
N ASN A 112 -4.60 4.14 14.87
CA ASN A 112 -5.67 3.60 14.03
C ASN A 112 -5.77 2.09 14.18
N GLU A 113 -6.78 1.64 14.91
CA GLU A 113 -6.99 0.21 15.13
C GLU A 113 -7.85 -0.39 14.01
N ASP A 114 -7.49 -1.58 13.57
CA ASP A 114 -8.23 -2.26 12.52
C ASP A 114 -8.62 -3.68 12.93
N GLU A 115 -7.63 -4.46 13.35
CA GLU A 115 -7.87 -5.83 13.78
C GLU A 115 -8.40 -6.68 12.63
N ASP A 116 -9.69 -6.55 12.34
CA ASP A 116 -10.31 -7.31 11.27
C ASP A 116 -10.02 -6.67 9.91
N SER A 117 -8.75 -6.59 9.56
CA SER A 117 -8.34 -6.00 8.29
C SER A 117 -8.13 -7.09 7.23
N GLY A 118 -9.00 -7.09 6.22
CA GLY A 118 -8.90 -8.07 5.16
C GLY A 118 -9.76 -9.29 5.42
N PRO A 119 -10.99 -9.33 4.86
CA PRO A 119 -11.90 -10.47 5.04
C PRO A 119 -11.23 -11.80 4.78
N SER A 120 -10.35 -11.85 3.79
CA SER A 120 -9.64 -13.07 3.43
C SER A 120 -8.47 -12.78 2.50
N SER A 121 -7.35 -13.44 2.74
CA SER A 121 -6.16 -13.25 1.92
C SER A 121 -5.69 -11.80 1.96
N GLY A 122 -4.65 -11.54 2.76
CA GLY A 122 -4.13 -10.20 2.88
C GLY A 122 -3.08 -9.89 1.83
N GLY A 1 14.04 -27.66 -24.74
CA GLY A 1 12.71 -27.91 -25.37
C GLY A 1 12.39 -29.38 -25.45
N SER A 2 11.84 -29.93 -24.37
CA SER A 2 11.48 -31.35 -24.33
C SER A 2 9.97 -31.54 -24.49
N SER A 3 9.54 -31.84 -25.70
CA SER A 3 8.13 -32.05 -25.99
C SER A 3 7.68 -33.45 -25.59
N GLY A 4 6.41 -33.59 -25.26
CA GLY A 4 5.88 -34.88 -24.87
C GLY A 4 4.57 -34.78 -24.13
N SER A 5 3.46 -34.85 -24.87
CA SER A 5 2.13 -34.76 -24.28
C SER A 5 1.66 -36.12 -23.79
N SER A 6 2.12 -36.51 -22.60
CA SER A 6 1.75 -37.80 -22.03
C SER A 6 1.82 -37.74 -20.51
N GLY A 7 3.03 -37.56 -19.98
CA GLY A 7 3.22 -37.49 -18.54
C GLY A 7 4.32 -36.53 -18.15
N VAL A 8 4.17 -35.91 -16.98
CA VAL A 8 5.16 -34.96 -16.48
C VAL A 8 5.14 -34.88 -14.96
N GLU A 9 5.76 -35.86 -14.31
CA GLU A 9 5.81 -35.91 -12.86
C GLU A 9 7.20 -35.54 -12.34
N HIS A 10 8.22 -35.81 -13.15
CA HIS A 10 9.60 -35.51 -12.78
C HIS A 10 10.02 -34.15 -13.36
N GLU A 11 9.13 -33.18 -13.31
CA GLU A 11 9.41 -31.85 -13.82
C GLU A 11 8.24 -30.90 -13.58
N GLN A 12 8.40 -30.02 -12.60
CA GLN A 12 7.36 -29.06 -12.26
C GLN A 12 7.78 -27.64 -12.64
N GLN A 13 7.77 -27.36 -13.94
CA GLN A 13 8.15 -26.03 -14.43
C GLN A 13 9.58 -25.70 -14.04
N VAL A 14 10.47 -25.67 -15.04
CA VAL A 14 11.87 -25.36 -14.80
C VAL A 14 12.04 -23.94 -14.28
N THR A 15 11.29 -23.01 -14.85
CA THR A 15 11.35 -21.61 -14.44
C THR A 15 10.33 -20.77 -15.21
N GLU A 16 10.27 -20.98 -16.52
CA GLU A 16 9.33 -20.25 -17.37
C GLU A 16 7.89 -20.52 -16.95
N SER A 17 7.06 -19.48 -17.00
CA SER A 17 5.65 -19.61 -16.63
C SER A 17 4.79 -18.64 -17.43
N PRO A 18 3.49 -18.96 -17.59
CA PRO A 18 2.56 -18.11 -18.34
C PRO A 18 2.28 -16.79 -17.63
N SER A 19 2.18 -16.85 -16.30
CA SER A 19 1.91 -15.66 -15.51
C SER A 19 0.50 -15.12 -15.75
N LEU A 20 0.28 -14.62 -16.96
CA LEU A 20 -1.03 -14.08 -17.33
C LEU A 20 -1.27 -14.21 -18.83
N ALA A 21 -0.50 -13.49 -19.62
CA ALA A 21 -0.62 -13.53 -21.07
C ALA A 21 0.57 -12.87 -21.75
N SER A 22 0.61 -11.55 -21.73
CA SER A 22 1.69 -10.79 -22.34
C SER A 22 1.77 -9.39 -21.77
N VAL A 23 1.60 -9.27 -20.46
CA VAL A 23 1.65 -7.99 -19.78
C VAL A 23 2.52 -8.06 -18.53
N PRO A 24 3.70 -7.41 -18.55
CA PRO A 24 4.62 -7.42 -17.41
C PRO A 24 3.93 -7.04 -16.11
N THR A 25 4.13 -7.85 -15.08
CA THR A 25 3.52 -7.61 -13.77
C THR A 25 3.97 -6.25 -13.21
N ALA A 26 3.05 -5.31 -13.15
CA ALA A 26 3.35 -3.98 -12.62
C ALA A 26 2.89 -3.84 -11.18
N ASP A 27 3.09 -4.90 -10.40
CA ASP A 27 2.70 -4.91 -8.99
C ASP A 27 3.41 -3.79 -8.22
N GLU A 28 4.73 -3.76 -8.35
CA GLU A 28 5.55 -2.75 -7.67
C GLU A 28 5.50 -2.92 -6.16
N LEU A 29 4.33 -2.70 -5.57
CA LEU A 29 4.14 -2.85 -4.14
C LEU A 29 3.69 -4.26 -3.77
N PHE A 30 4.40 -5.25 -4.31
CA PHE A 30 4.07 -6.65 -4.05
C PHE A 30 4.59 -7.08 -2.68
N ASP A 31 5.66 -6.43 -2.22
CA ASP A 31 6.25 -6.76 -0.93
C ASP A 31 5.76 -5.79 0.14
N PHE A 32 4.53 -5.32 -0.01
CA PHE A 32 3.95 -4.39 0.95
C PHE A 32 2.56 -4.87 1.39
N HIS A 33 2.40 -5.08 2.69
CA HIS A 33 1.12 -5.54 3.23
C HIS A 33 0.36 -4.38 3.88
N ILE A 34 -0.96 -4.49 3.89
CA ILE A 34 -1.81 -3.45 4.49
C ILE A 34 -1.71 -3.48 6.01
N GLY A 35 -1.52 -2.29 6.60
CA GLY A 35 -1.41 -2.19 8.04
C GLY A 35 0.03 -2.21 8.52
N ASP A 36 0.92 -1.65 7.71
CA ASP A 36 2.34 -1.59 8.06
C ASP A 36 2.90 -0.19 7.84
N ARG A 37 4.02 0.10 8.48
CA ARG A 37 4.66 1.40 8.35
C ARG A 37 5.21 1.61 6.95
N VAL A 38 4.95 2.78 6.38
CA VAL A 38 5.43 3.12 5.05
C VAL A 38 5.79 4.59 4.93
N LEU A 39 7.04 4.86 4.58
CA LEU A 39 7.51 6.24 4.43
C LEU A 39 7.31 6.73 3.01
N ILE A 40 6.51 7.78 2.85
CA ILE A 40 6.24 8.36 1.54
C ILE A 40 7.36 9.29 1.11
N GLY A 41 8.15 8.85 0.14
CA GLY A 41 9.25 9.67 -0.35
C GLY A 41 10.29 9.95 0.72
N ASN A 42 10.33 9.11 1.74
CA ASN A 42 11.28 9.26 2.84
C ASN A 42 11.14 10.64 3.49
N VAL A 43 9.95 10.93 4.01
CA VAL A 43 9.68 12.20 4.65
C VAL A 43 8.33 12.18 5.36
N GLN A 44 7.33 11.63 4.69
CA GLN A 44 5.98 11.54 5.25
C GLN A 44 5.67 10.14 5.76
N PRO A 45 5.79 9.91 7.08
CA PRO A 45 5.52 8.61 7.68
C PRO A 45 4.03 8.30 7.74
N GLY A 46 3.68 7.04 7.51
CA GLY A 46 2.29 6.63 7.54
C GLY A 46 2.11 5.13 7.41
N ILE A 47 0.87 4.67 7.47
CA ILE A 47 0.56 3.25 7.35
C ILE A 47 -0.12 2.94 6.03
N LEU A 48 0.26 1.82 5.43
CA LEU A 48 -0.33 1.40 4.16
C LEU A 48 -1.74 0.87 4.35
N ARG A 49 -2.73 1.67 3.93
CA ARG A 49 -4.12 1.28 4.05
C ARG A 49 -4.64 0.67 2.75
N PHE A 50 -4.10 1.14 1.63
CA PHE A 50 -4.50 0.64 0.31
C PHE A 50 -3.32 0.65 -0.65
N LYS A 51 -3.46 -0.09 -1.75
CA LYS A 51 -2.41 -0.18 -2.75
C LYS A 51 -2.88 -0.98 -3.96
N GLY A 52 -3.19 -0.28 -5.05
CA GLY A 52 -3.64 -0.94 -6.26
C GLY A 52 -4.22 0.02 -7.26
N GLU A 53 -4.76 -0.52 -8.36
CA GLU A 53 -5.35 0.31 -9.40
C GLU A 53 -6.62 1.02 -8.90
N THR A 54 -6.66 2.33 -9.07
CA THR A 54 -7.81 3.12 -8.62
C THR A 54 -8.74 3.41 -9.79
N SER A 55 -9.87 4.04 -9.49
CA SER A 55 -10.85 4.39 -10.51
C SER A 55 -10.66 5.82 -11.01
N PHE A 56 -9.99 6.65 -10.20
CA PHE A 56 -9.75 8.03 -10.56
C PHE A 56 -8.50 8.16 -11.43
N ALA A 57 -7.51 7.33 -11.15
CA ALA A 57 -6.26 7.35 -11.91
C ALA A 57 -5.77 5.94 -12.22
N LYS A 58 -4.94 5.82 -13.25
CA LYS A 58 -4.41 4.53 -13.66
C LYS A 58 -3.11 4.22 -12.90
N GLY A 59 -2.71 2.95 -12.91
CA GLY A 59 -1.51 2.55 -12.22
C GLY A 59 -1.74 2.24 -10.76
N PHE A 60 -0.68 1.91 -10.04
CA PHE A 60 -0.77 1.60 -8.61
C PHE A 60 -0.89 2.87 -7.79
N TRP A 61 -1.70 2.82 -6.74
CA TRP A 61 -1.91 3.97 -5.86
C TRP A 61 -1.99 3.53 -4.40
N ALA A 62 -0.90 3.71 -3.67
CA ALA A 62 -0.84 3.34 -2.26
C ALA A 62 -1.46 4.42 -1.38
N GLY A 63 -2.53 4.07 -0.68
CA GLY A 63 -3.19 5.03 0.20
C GLY A 63 -2.65 4.98 1.61
N VAL A 64 -1.62 5.76 1.88
CA VAL A 64 -1.01 5.81 3.20
C VAL A 64 -1.78 6.73 4.14
N GLU A 65 -1.93 6.32 5.40
CA GLU A 65 -2.64 7.12 6.38
C GLU A 65 -1.67 7.77 7.36
N LEU A 66 -1.44 9.07 7.16
CA LEU A 66 -0.53 9.83 8.03
C LEU A 66 -1.04 9.84 9.47
N ASP A 67 -0.11 9.90 10.41
CA ASP A 67 -0.47 9.93 11.82
C ASP A 67 -1.03 11.29 12.22
N LYS A 68 -0.53 12.34 11.57
CA LYS A 68 -0.97 13.70 11.85
C LYS A 68 -1.66 14.31 10.63
N PRO A 69 -2.55 15.29 10.86
CA PRO A 69 -3.28 15.95 9.77
C PRO A 69 -2.35 16.57 8.73
N GLU A 70 -1.92 15.74 7.77
CA GLU A 70 -1.02 16.19 6.72
C GLU A 70 -1.41 15.59 5.37
N GLY A 71 -2.70 15.30 5.22
CA GLY A 71 -3.18 14.71 3.98
C GLY A 71 -4.18 15.60 3.26
N ASN A 72 -5.20 14.98 2.68
CA ASN A 72 -6.22 15.73 1.95
C ASN A 72 -7.52 14.94 1.88
N ASN A 73 -7.40 13.65 1.58
CA ASN A 73 -8.57 12.78 1.46
C ASN A 73 -8.84 12.05 2.77
N ASN A 74 -9.87 11.20 2.77
CA ASN A 74 -10.23 10.44 3.97
C ASN A 74 -10.48 8.97 3.62
N GLY A 75 -9.70 8.45 2.67
CA GLY A 75 -9.86 7.06 2.26
C GLY A 75 -10.75 6.92 1.05
N THR A 76 -11.82 7.71 1.00
CA THR A 76 -12.75 7.66 -0.12
C THR A 76 -12.40 8.71 -1.17
N TYR A 77 -12.02 8.25 -2.36
CA TYR A 77 -11.66 9.16 -3.45
C TYR A 77 -12.83 9.37 -4.39
N ASP A 78 -13.52 10.49 -4.23
CA ASP A 78 -14.67 10.81 -5.07
C ASP A 78 -15.76 9.75 -4.95
N GLY A 79 -15.84 9.13 -3.78
CA GLY A 79 -16.84 8.10 -3.56
C GLY A 79 -16.23 6.73 -3.39
N ILE A 80 -15.15 6.47 -4.13
CA ILE A 80 -14.47 5.19 -4.07
C ILE A 80 -13.78 5.00 -2.73
N ALA A 81 -14.42 4.23 -1.84
CA ALA A 81 -13.88 3.98 -0.52
C ALA A 81 -12.75 2.95 -0.58
N TYR A 82 -11.54 3.38 -0.20
CA TYR A 82 -10.38 2.50 -0.21
C TYR A 82 -10.01 2.06 1.21
N PHE A 83 -10.25 2.95 2.17
CA PHE A 83 -9.94 2.66 3.56
C PHE A 83 -10.61 3.67 4.48
N GLU A 84 -10.37 3.51 5.79
CA GLU A 84 -10.96 4.41 6.78
C GLU A 84 -9.88 5.25 7.46
N CYS A 85 -10.19 6.52 7.70
CA CYS A 85 -9.25 7.43 8.34
C CYS A 85 -9.89 8.80 8.58
N LYS A 86 -9.11 9.73 9.11
CA LYS A 86 -9.59 11.08 9.38
C LYS A 86 -10.09 11.74 8.11
N GLU A 87 -10.35 13.04 8.20
CA GLU A 87 -10.83 13.80 7.04
C GLU A 87 -9.72 14.02 6.01
N LYS A 88 -8.56 14.45 6.49
CA LYS A 88 -7.42 14.69 5.62
C LYS A 88 -6.16 14.02 6.16
N HIS A 89 -6.28 12.74 6.48
CA HIS A 89 -5.15 11.97 7.00
C HIS A 89 -4.64 10.99 5.96
N GLY A 90 -5.50 10.60 5.04
CA GLY A 90 -5.11 9.65 4.00
C GLY A 90 -4.70 10.34 2.72
N ILE A 91 -3.55 9.95 2.18
CA ILE A 91 -3.06 10.54 0.94
C ILE A 91 -2.54 9.47 -0.01
N PHE A 92 -3.16 9.37 -1.18
CA PHE A 92 -2.76 8.38 -2.18
C PHE A 92 -1.49 8.82 -2.90
N ALA A 93 -0.49 7.94 -2.91
CA ALA A 93 0.78 8.23 -3.56
C ALA A 93 1.25 7.04 -4.40
N PRO A 94 1.96 7.30 -5.50
CA PRO A 94 2.47 6.24 -6.38
C PRO A 94 3.28 5.19 -5.62
N PRO A 95 3.43 3.99 -6.20
CA PRO A 95 4.18 2.90 -5.56
C PRO A 95 5.66 3.25 -5.38
N GLN A 96 6.21 3.96 -6.35
CA GLN A 96 7.62 4.36 -6.30
C GLN A 96 7.90 5.20 -5.06
N LYS A 97 6.87 5.86 -4.55
CA LYS A 97 7.01 6.71 -3.37
C LYS A 97 6.57 5.97 -2.12
N ILE A 98 6.83 4.66 -2.08
CA ILE A 98 6.46 3.84 -0.93
C ILE A 98 7.62 2.98 -0.47
N SER A 99 8.03 3.17 0.79
CA SER A 99 9.13 2.42 1.36
C SER A 99 8.88 2.09 2.82
N HIS A 100 9.56 1.06 3.32
CA HIS A 100 9.40 0.66 4.71
C HIS A 100 10.08 1.65 5.65
N ILE A 101 9.34 2.10 6.66
CA ILE A 101 9.87 3.04 7.63
C ILE A 101 10.91 2.38 8.55
N PRO A 102 12.06 3.04 8.78
CA PRO A 102 13.12 2.50 9.63
C PRO A 102 12.60 2.10 11.01
N GLU A 103 13.33 1.22 11.68
CA GLU A 103 12.95 0.76 13.01
C GLU A 103 13.25 1.81 14.07
N ASN A 104 14.26 2.64 13.80
CA ASN A 104 14.66 3.69 14.72
C ASN A 104 14.04 5.03 14.33
N PHE A 105 12.85 4.98 13.75
CA PHE A 105 12.15 6.20 13.32
C PHE A 105 10.95 6.46 14.21
N ASP A 106 10.29 5.39 14.65
CA ASP A 106 9.12 5.52 15.52
C ASP A 106 9.34 4.80 16.84
N ASP A 107 9.95 3.63 16.78
CA ASP A 107 10.22 2.83 17.98
C ASP A 107 8.93 2.43 18.68
N TYR A 108 8.72 1.13 18.82
CA TYR A 108 7.53 0.61 19.48
C TYR A 108 6.27 0.99 18.69
N VAL A 109 5.55 -0.01 18.21
CA VAL A 109 4.33 0.22 17.45
C VAL A 109 3.10 0.20 18.36
N ASP A 110 2.25 1.22 18.22
CA ASP A 110 1.05 1.31 19.02
C ASP A 110 -0.07 2.01 18.26
N ILE A 111 -0.15 1.75 16.96
CA ILE A 111 -1.16 2.35 16.10
C ILE A 111 -1.93 1.29 15.32
N ASN A 112 -2.92 1.73 14.55
CA ASN A 112 -3.73 0.82 13.76
C ASN A 112 -4.45 -0.19 14.65
N GLU A 113 -5.25 -1.05 14.03
CA GLU A 113 -6.00 -2.07 14.77
C GLU A 113 -5.05 -3.12 15.35
N ASP A 114 -5.03 -3.22 16.67
CA ASP A 114 -4.17 -4.18 17.35
C ASP A 114 -4.95 -5.46 17.67
N GLU A 115 -4.60 -6.54 16.97
CA GLU A 115 -5.27 -7.83 17.18
C GLU A 115 -4.26 -8.97 17.13
N ASP A 116 -4.64 -10.11 17.70
CA ASP A 116 -3.78 -11.28 17.72
C ASP A 116 -4.46 -12.47 17.06
N SER A 117 -3.69 -13.54 16.84
CA SER A 117 -4.22 -14.74 16.21
C SER A 117 -3.71 -15.99 16.92
N GLY A 118 -4.53 -17.04 16.93
CA GLY A 118 -4.14 -18.28 17.57
C GLY A 118 -5.33 -19.00 18.19
N PRO A 119 -5.22 -20.33 18.37
CA PRO A 119 -6.30 -21.13 18.95
C PRO A 119 -6.50 -20.84 20.44
N SER A 120 -5.40 -20.62 21.15
CA SER A 120 -5.46 -20.33 22.57
C SER A 120 -5.88 -18.88 22.82
N SER A 121 -6.27 -18.58 24.05
CA SER A 121 -6.70 -17.24 24.42
C SER A 121 -6.87 -17.11 25.93
N GLY A 122 -6.36 -16.02 26.49
CA GLY A 122 -6.45 -15.79 27.92
C GLY A 122 -7.56 -14.83 28.28
N GLY A 1 4.54 -31.17 14.26
CA GLY A 1 3.91 -30.13 15.12
C GLY A 1 3.45 -28.93 14.33
N SER A 2 3.00 -29.16 13.10
CA SER A 2 2.53 -28.08 12.24
C SER A 2 3.65 -27.07 11.98
N SER A 3 4.49 -27.36 10.99
CA SER A 3 5.60 -26.49 10.63
C SER A 3 5.30 -25.71 9.35
N GLY A 4 5.31 -24.39 9.45
CA GLY A 4 5.04 -23.56 8.29
C GLY A 4 3.58 -23.60 7.87
N SER A 5 3.06 -22.46 7.44
CA SER A 5 1.66 -22.37 7.01
C SER A 5 1.54 -22.67 5.52
N SER A 6 0.30 -22.67 5.03
CA SER A 6 0.05 -22.93 3.61
C SER A 6 0.54 -24.33 3.22
N GLY A 7 -0.28 -25.34 3.48
CA GLY A 7 0.09 -26.70 3.15
C GLY A 7 0.94 -27.35 4.22
N VAL A 8 0.97 -28.68 4.23
CA VAL A 8 1.76 -29.42 5.20
C VAL A 8 3.21 -29.54 4.77
N GLU A 9 3.43 -29.58 3.46
CA GLU A 9 4.78 -29.69 2.92
C GLU A 9 5.29 -28.34 2.44
N HIS A 10 6.48 -27.96 2.89
CA HIS A 10 7.08 -26.70 2.51
C HIS A 10 8.49 -26.90 1.96
N GLU A 11 9.17 -25.79 1.65
CA GLU A 11 10.52 -25.85 1.12
C GLU A 11 11.41 -24.80 1.77
N GLN A 12 12.71 -25.06 1.80
CA GLN A 12 13.67 -24.13 2.39
C GLN A 12 14.95 -24.07 1.57
N GLN A 13 15.71 -23.00 1.75
CA GLN A 13 16.97 -22.82 1.04
C GLN A 13 16.72 -22.67 -0.46
N VAL A 14 16.51 -23.80 -1.13
CA VAL A 14 16.26 -23.81 -2.57
C VAL A 14 14.95 -24.52 -2.89
N THR A 15 14.09 -23.85 -3.66
CA THR A 15 12.81 -24.42 -4.04
C THR A 15 12.98 -25.48 -5.12
N GLU A 16 13.99 -25.29 -5.97
CA GLU A 16 14.27 -26.23 -7.05
C GLU A 16 15.76 -26.28 -7.35
N SER A 17 16.33 -25.13 -7.67
CA SER A 17 17.76 -25.04 -7.99
C SER A 17 18.18 -23.59 -8.17
N PRO A 18 19.50 -23.32 -8.07
CA PRO A 18 20.04 -21.97 -8.22
C PRO A 18 19.96 -21.47 -9.66
N SER A 19 19.05 -20.53 -9.91
CA SER A 19 18.87 -19.98 -11.25
C SER A 19 19.37 -18.55 -11.32
N LEU A 20 19.88 -18.16 -12.48
CA LEU A 20 20.41 -16.81 -12.68
C LEU A 20 19.49 -16.00 -13.59
N ALA A 21 18.34 -15.58 -13.05
CA ALA A 21 17.38 -14.80 -13.82
C ALA A 21 16.35 -14.14 -12.90
N SER A 22 16.08 -12.87 -13.14
CA SER A 22 15.12 -12.13 -12.33
C SER A 22 14.18 -11.32 -13.21
N VAL A 23 13.05 -11.94 -13.58
CA VAL A 23 12.06 -11.27 -14.43
C VAL A 23 11.15 -10.38 -13.60
N PRO A 24 10.96 -9.11 -14.02
CA PRO A 24 10.10 -8.17 -13.31
C PRO A 24 8.70 -8.72 -13.06
N THR A 25 7.85 -7.93 -12.42
CA THR A 25 6.49 -8.34 -12.11
C THR A 25 5.58 -7.14 -11.93
N ALA A 26 4.47 -7.12 -12.66
CA ALA A 26 3.51 -6.02 -12.58
C ALA A 26 2.80 -6.02 -11.23
N ASP A 27 3.37 -5.33 -10.25
CA ASP A 27 2.80 -5.26 -8.92
C ASP A 27 3.44 -4.15 -8.10
N GLU A 28 4.76 -4.03 -8.20
CA GLU A 28 5.50 -3.00 -7.47
C GLU A 28 5.40 -3.22 -5.97
N LEU A 29 4.26 -2.83 -5.39
CA LEU A 29 4.04 -2.99 -3.97
C LEU A 29 3.71 -4.44 -3.63
N PHE A 30 4.67 -5.32 -3.86
CA PHE A 30 4.48 -6.75 -3.57
C PHE A 30 4.96 -7.08 -2.17
N ASP A 31 5.98 -6.37 -1.71
CA ASP A 31 6.53 -6.60 -0.38
C ASP A 31 5.99 -5.58 0.63
N PHE A 32 4.75 -5.14 0.39
CA PHE A 32 4.11 -4.16 1.26
C PHE A 32 2.77 -4.68 1.76
N HIS A 33 2.79 -5.35 2.91
CA HIS A 33 1.56 -5.89 3.49
C HIS A 33 0.68 -4.78 4.05
N ILE A 34 -0.63 -4.95 3.93
CA ILE A 34 -1.58 -3.97 4.42
C ILE A 34 -1.64 -3.97 5.94
N GLY A 35 -1.33 -2.83 6.56
CA GLY A 35 -1.36 -2.73 8.00
C GLY A 35 0.02 -2.52 8.59
N ASP A 36 0.92 -1.92 7.80
CA ASP A 36 2.27 -1.66 8.26
C ASP A 36 2.68 -0.22 7.97
N ARG A 37 3.68 0.27 8.71
CA ARG A 37 4.16 1.63 8.54
C ARG A 37 4.94 1.77 7.23
N VAL A 38 4.75 2.90 6.56
CA VAL A 38 5.44 3.17 5.30
C VAL A 38 5.81 4.64 5.17
N LEU A 39 7.02 4.90 4.68
CA LEU A 39 7.49 6.26 4.50
C LEU A 39 7.27 6.74 3.07
N ILE A 40 6.59 7.88 2.93
CA ILE A 40 6.31 8.44 1.61
C ILE A 40 7.42 9.39 1.17
N GLY A 41 8.16 8.98 0.14
CA GLY A 41 9.25 9.81 -0.35
C GLY A 41 10.30 10.10 0.70
N ASN A 42 10.36 9.25 1.72
CA ASN A 42 11.34 9.42 2.80
C ASN A 42 11.18 10.78 3.47
N VAL A 43 9.93 11.13 3.79
CA VAL A 43 9.65 12.41 4.43
C VAL A 43 8.29 12.38 5.12
N GLN A 44 7.29 11.84 4.43
CA GLN A 44 5.94 11.77 4.99
C GLN A 44 5.65 10.35 5.50
N PRO A 45 5.76 10.13 6.82
CA PRO A 45 5.50 8.82 7.43
C PRO A 45 4.01 8.49 7.49
N GLY A 46 3.69 7.20 7.50
CA GLY A 46 2.30 6.78 7.56
C GLY A 46 2.15 5.28 7.59
N ILE A 47 0.95 4.80 7.28
CA ILE A 47 0.68 3.37 7.28
C ILE A 47 0.01 2.94 5.98
N LEU A 48 0.45 1.81 5.44
CA LEU A 48 -0.12 1.28 4.19
C LEU A 48 -1.51 0.70 4.42
N ARG A 49 -2.51 1.36 3.87
CA ARG A 49 -3.90 0.91 4.01
C ARG A 49 -4.40 0.27 2.71
N PHE A 50 -3.89 0.76 1.58
CA PHE A 50 -4.29 0.24 0.28
C PHE A 50 -3.13 0.29 -0.70
N LYS A 51 -3.25 -0.46 -1.79
CA LYS A 51 -2.20 -0.50 -2.82
C LYS A 51 -2.70 -1.21 -4.07
N GLY A 52 -2.92 -0.44 -5.14
CA GLY A 52 -3.39 -1.02 -6.37
C GLY A 52 -4.04 0.01 -7.28
N GLU A 53 -4.54 -0.44 -8.42
CA GLU A 53 -5.18 0.44 -9.38
C GLU A 53 -6.48 1.02 -8.81
N THR A 54 -6.69 2.31 -9.02
CA THR A 54 -7.89 2.98 -8.54
C THR A 54 -8.86 3.26 -9.68
N SER A 55 -10.00 3.87 -9.34
CA SER A 55 -11.02 4.19 -10.33
C SER A 55 -10.87 5.64 -10.80
N PHE A 56 -10.40 6.50 -9.91
CA PHE A 56 -10.21 7.91 -10.25
C PHE A 56 -9.00 8.10 -11.15
N ALA A 57 -8.00 7.24 -10.99
CA ALA A 57 -6.79 7.30 -11.80
C ALA A 57 -6.17 5.92 -11.99
N LYS A 58 -5.56 5.71 -13.15
CA LYS A 58 -4.93 4.43 -13.46
C LYS A 58 -3.58 4.30 -12.75
N GLY A 59 -3.04 3.08 -12.73
CA GLY A 59 -1.76 2.85 -12.08
C GLY A 59 -1.91 2.56 -10.60
N PHE A 60 -0.85 2.00 -10.01
CA PHE A 60 -0.86 1.67 -8.59
C PHE A 60 -0.99 2.93 -7.74
N TRP A 61 -1.90 2.88 -6.77
CA TRP A 61 -2.12 4.02 -5.89
C TRP A 61 -2.23 3.57 -4.43
N ALA A 62 -1.10 3.62 -3.72
CA ALA A 62 -1.06 3.21 -2.32
C ALA A 62 -1.64 4.30 -1.42
N GLY A 63 -2.71 3.95 -0.70
CA GLY A 63 -3.33 4.92 0.19
C GLY A 63 -2.75 4.87 1.59
N VAL A 64 -1.65 5.58 1.78
CA VAL A 64 -0.98 5.62 3.09
C VAL A 64 -1.76 6.47 4.08
N GLU A 65 -1.73 6.07 5.34
CA GLU A 65 -2.43 6.80 6.39
C GLU A 65 -1.44 7.52 7.30
N LEU A 66 -1.37 8.84 7.17
CA LEU A 66 -0.46 9.65 7.98
C LEU A 66 -0.90 9.66 9.44
N ASP A 67 0.06 9.82 10.34
CA ASP A 67 -0.23 9.85 11.78
C ASP A 67 -0.93 11.15 12.17
N LYS A 68 -0.53 12.24 11.52
CA LYS A 68 -1.12 13.54 11.80
C LYS A 68 -1.89 14.07 10.60
N PRO A 69 -2.86 14.97 10.81
CA PRO A 69 -3.68 15.55 9.75
C PRO A 69 -2.84 16.34 8.75
N GLU A 70 -2.11 15.64 7.89
CA GLU A 70 -1.27 16.28 6.89
C GLU A 70 -1.75 15.97 5.47
N GLY A 71 -2.37 14.80 5.31
CA GLY A 71 -2.87 14.39 4.01
C GLY A 71 -3.99 15.28 3.51
N ASN A 72 -4.74 14.79 2.53
CA ASN A 72 -5.85 15.55 1.97
C ASN A 72 -6.98 14.62 1.52
N ASN A 73 -7.12 13.50 2.23
CA ASN A 73 -8.15 12.52 1.91
C ASN A 73 -8.54 11.72 3.15
N ASN A 74 -9.68 11.04 3.07
CA ASN A 74 -10.17 10.23 4.18
C ASN A 74 -10.43 8.80 3.74
N GLY A 75 -9.68 8.34 2.75
CA GLY A 75 -9.86 6.99 2.24
C GLY A 75 -10.77 6.92 1.04
N THR A 76 -11.74 7.83 0.99
CA THR A 76 -12.69 7.87 -0.11
C THR A 76 -12.31 8.94 -1.13
N TYR A 77 -11.87 8.50 -2.31
CA TYR A 77 -11.46 9.42 -3.37
C TYR A 77 -12.61 9.66 -4.34
N ASP A 78 -13.25 10.82 -4.21
CA ASP A 78 -14.36 11.18 -5.10
C ASP A 78 -15.51 10.18 -4.95
N GLY A 79 -15.64 9.61 -3.75
CA GLY A 79 -16.70 8.66 -3.50
C GLY A 79 -16.18 7.23 -3.41
N ILE A 80 -15.11 6.95 -4.14
CA ILE A 80 -14.52 5.61 -4.14
C ILE A 80 -13.78 5.34 -2.83
N ALA A 81 -14.38 4.50 -1.99
CA ALA A 81 -13.78 4.16 -0.70
C ALA A 81 -12.76 3.04 -0.86
N TYR A 82 -11.61 3.20 -0.20
CA TYR A 82 -10.56 2.20 -0.26
C TYR A 82 -10.15 1.75 1.13
N PHE A 83 -10.00 2.70 2.05
CA PHE A 83 -9.61 2.40 3.42
C PHE A 83 -10.28 3.36 4.39
N GLU A 84 -10.14 3.09 5.68
CA GLU A 84 -10.74 3.92 6.72
C GLU A 84 -9.67 4.75 7.43
N CYS A 85 -9.97 6.03 7.64
CA CYS A 85 -9.04 6.94 8.30
C CYS A 85 -9.72 8.26 8.63
N LYS A 86 -8.94 9.20 9.16
CA LYS A 86 -9.45 10.51 9.52
C LYS A 86 -9.98 11.25 8.30
N GLU A 87 -10.25 12.54 8.46
CA GLU A 87 -10.75 13.37 7.37
C GLU A 87 -9.64 13.73 6.40
N LYS A 88 -8.49 14.14 6.95
CA LYS A 88 -7.35 14.51 6.13
C LYS A 88 -6.07 13.83 6.64
N HIS A 89 -6.12 12.52 6.76
CA HIS A 89 -4.97 11.74 7.23
C HIS A 89 -4.41 10.86 6.12
N GLY A 90 -5.31 10.18 5.42
CA GLY A 90 -4.89 9.31 4.33
C GLY A 90 -4.56 10.08 3.07
N ILE A 91 -3.53 9.62 2.35
CA ILE A 91 -3.11 10.26 1.12
C ILE A 91 -2.65 9.24 0.09
N PHE A 92 -3.22 9.31 -1.12
CA PHE A 92 -2.88 8.39 -2.19
C PHE A 92 -1.55 8.80 -2.83
N ALA A 93 -0.60 7.88 -2.85
CA ALA A 93 0.71 8.13 -3.44
C ALA A 93 1.17 6.95 -4.28
N PRO A 94 1.83 7.21 -5.43
CA PRO A 94 2.33 6.15 -6.31
C PRO A 94 3.20 5.15 -5.57
N PRO A 95 3.38 3.94 -6.16
CA PRO A 95 4.19 2.89 -5.54
C PRO A 95 5.66 3.30 -5.40
N GLN A 96 6.12 4.15 -6.31
CA GLN A 96 7.50 4.62 -6.29
C GLN A 96 7.77 5.43 -5.02
N LYS A 97 6.73 6.04 -4.47
CA LYS A 97 6.86 6.83 -3.26
C LYS A 97 6.46 6.03 -2.03
N ILE A 98 6.69 4.73 -2.08
CA ILE A 98 6.35 3.85 -0.96
C ILE A 98 7.58 3.10 -0.45
N SER A 99 8.06 3.49 0.72
CA SER A 99 9.23 2.86 1.32
C SER A 99 8.94 2.43 2.76
N HIS A 100 9.79 1.56 3.29
CA HIS A 100 9.63 1.07 4.65
C HIS A 100 10.24 2.04 5.65
N ILE A 101 9.44 2.46 6.63
CA ILE A 101 9.91 3.39 7.65
C ILE A 101 10.98 2.74 8.53
N PRO A 102 12.10 3.46 8.78
CA PRO A 102 13.19 2.93 9.61
C PRO A 102 12.70 2.46 10.97
N GLU A 103 13.63 1.97 11.79
CA GLU A 103 13.30 1.48 13.12
C GLU A 103 13.36 2.60 14.14
N ASN A 104 14.21 3.59 13.90
CA ASN A 104 14.36 4.72 14.80
C ASN A 104 13.56 5.93 14.30
N PHE A 105 12.42 5.65 13.67
CA PHE A 105 11.57 6.70 13.14
C PHE A 105 10.24 6.75 13.89
N ASP A 106 9.74 5.58 14.27
CA ASP A 106 8.47 5.48 14.99
C ASP A 106 8.57 4.44 16.10
N ASP A 107 8.80 4.91 17.32
CA ASP A 107 8.91 4.02 18.47
C ASP A 107 7.57 3.88 19.18
N TYR A 108 6.80 4.97 19.21
CA TYR A 108 5.49 4.96 19.86
C TYR A 108 4.54 4.02 19.14
N VAL A 109 4.15 2.94 19.82
CA VAL A 109 3.24 1.96 19.26
C VAL A 109 1.86 2.55 19.04
N ASP A 110 1.57 2.94 17.80
CA ASP A 110 0.27 3.52 17.47
C ASP A 110 -0.09 3.24 16.01
N ILE A 111 -0.63 2.06 15.76
CA ILE A 111 -1.02 1.66 14.41
C ILE A 111 -2.53 1.38 14.33
N ASN A 112 -3.27 2.34 13.79
CA ASN A 112 -4.72 2.19 13.65
C ASN A 112 -5.37 2.01 15.02
N GLU A 113 -6.68 2.22 15.07
CA GLU A 113 -7.44 2.08 16.31
C GLU A 113 -8.92 1.87 16.04
N ASP A 114 -9.32 0.61 15.92
CA ASP A 114 -10.71 0.27 15.65
C ASP A 114 -11.59 0.60 16.86
N GLU A 115 -12.60 1.43 16.63
CA GLU A 115 -13.52 1.83 17.70
C GLU A 115 -14.92 1.30 17.44
N ASP A 116 -15.18 0.09 17.91
CA ASP A 116 -16.48 -0.54 17.74
C ASP A 116 -16.91 -1.28 19.00
N SER A 117 -18.16 -1.72 19.03
CA SER A 117 -18.69 -2.44 20.19
C SER A 117 -19.96 -3.21 19.81
N GLY A 118 -20.99 -2.48 19.39
CA GLY A 118 -22.24 -3.11 19.01
C GLY A 118 -23.07 -3.53 20.21
N PRO A 119 -23.47 -4.80 20.30
CA PRO A 119 -24.28 -5.31 21.42
C PRO A 119 -23.50 -5.33 22.73
N SER A 120 -22.18 -5.47 22.62
CA SER A 120 -21.31 -5.51 23.79
C SER A 120 -21.66 -6.70 24.68
N SER A 121 -21.08 -7.85 24.37
CA SER A 121 -21.32 -9.07 25.14
C SER A 121 -22.80 -9.43 25.11
N GLY A 122 -23.15 -10.54 25.77
CA GLY A 122 -24.53 -10.98 25.81
C GLY A 122 -24.69 -12.41 25.32
N GLY A 1 23.07 -9.85 -55.75
CA GLY A 1 21.90 -10.26 -54.91
C GLY A 1 21.24 -11.53 -55.42
N SER A 2 20.29 -12.05 -54.64
CA SER A 2 19.58 -13.27 -55.01
C SER A 2 18.37 -13.49 -54.12
N SER A 3 17.39 -14.22 -54.64
CA SER A 3 16.17 -14.50 -53.89
C SER A 3 16.12 -15.97 -53.46
N GLY A 4 16.70 -16.83 -54.29
CA GLY A 4 16.71 -18.25 -53.98
C GLY A 4 16.73 -19.11 -55.22
N SER A 5 15.61 -19.77 -55.51
CA SER A 5 15.50 -20.63 -56.68
C SER A 5 14.05 -20.76 -57.13
N SER A 6 13.73 -20.19 -58.29
CA SER A 6 12.38 -20.25 -58.84
C SER A 6 11.40 -19.53 -57.92
N GLY A 7 10.98 -20.21 -56.86
CA GLY A 7 10.04 -19.61 -55.92
C GLY A 7 10.51 -19.71 -54.48
N VAL A 8 11.07 -20.86 -54.12
CA VAL A 8 11.57 -21.08 -52.77
C VAL A 8 12.58 -20.01 -52.37
N GLU A 9 12.97 -20.00 -51.10
CA GLU A 9 13.92 -19.03 -50.60
C GLU A 9 14.64 -19.56 -49.36
N HIS A 10 15.85 -20.09 -49.56
CA HIS A 10 16.63 -20.63 -48.45
C HIS A 10 17.94 -19.86 -48.28
N GLU A 11 17.95 -18.94 -47.33
CA GLU A 11 19.13 -18.12 -47.06
C GLU A 11 19.04 -17.46 -45.70
N GLN A 12 17.89 -16.84 -45.42
CA GLN A 12 17.68 -16.16 -44.14
C GLN A 12 16.29 -16.46 -43.61
N GLN A 13 15.28 -16.27 -44.45
CA GLN A 13 13.89 -16.51 -44.06
C GLN A 13 13.49 -15.61 -42.91
N VAL A 14 12.18 -15.49 -42.67
CA VAL A 14 11.66 -14.64 -41.60
C VAL A 14 10.77 -15.44 -40.66
N THR A 15 11.09 -15.39 -39.37
CA THR A 15 10.32 -16.12 -38.36
C THR A 15 8.96 -15.45 -38.13
N GLU A 16 8.98 -14.26 -37.55
CA GLU A 16 7.76 -13.52 -37.28
C GLU A 16 6.86 -14.29 -36.31
N SER A 17 7.44 -14.71 -35.20
CA SER A 17 6.70 -15.46 -34.18
C SER A 17 5.86 -14.53 -33.31
N PRO A 18 6.51 -13.60 -32.58
CA PRO A 18 5.81 -12.66 -31.70
C PRO A 18 5.09 -11.56 -32.49
N SER A 19 4.11 -10.93 -31.85
CA SER A 19 3.35 -9.86 -32.49
C SER A 19 2.70 -8.95 -31.44
N LEU A 20 3.47 -8.62 -30.40
CA LEU A 20 2.98 -7.76 -29.33
C LEU A 20 1.80 -8.40 -28.62
N ALA A 21 1.85 -9.72 -28.44
CA ALA A 21 0.78 -10.44 -27.79
C ALA A 21 1.30 -11.19 -26.56
N SER A 22 1.30 -10.51 -25.42
CA SER A 22 1.78 -11.11 -24.17
C SER A 22 0.97 -10.59 -22.98
N VAL A 23 1.37 -11.00 -21.79
CA VAL A 23 0.69 -10.58 -20.57
C VAL A 23 1.59 -9.70 -19.71
N PRO A 24 1.36 -8.37 -19.72
CA PRO A 24 2.16 -7.43 -18.93
C PRO A 24 1.94 -7.59 -17.44
N THR A 25 2.76 -6.90 -16.64
CA THR A 25 2.65 -6.97 -15.19
C THR A 25 2.96 -5.62 -14.56
N ALA A 26 2.00 -5.08 -13.82
CA ALA A 26 2.17 -3.80 -13.16
C ALA A 26 1.71 -3.85 -11.70
N ASP A 27 2.57 -4.39 -10.84
CA ASP A 27 2.25 -4.50 -9.41
C ASP A 27 3.06 -3.50 -8.59
N GLU A 28 4.38 -3.62 -8.68
CA GLU A 28 5.28 -2.74 -7.93
C GLU A 28 5.20 -3.02 -6.44
N LEU A 29 4.05 -2.72 -5.84
CA LEU A 29 3.85 -2.94 -4.41
C LEU A 29 3.32 -4.35 -4.15
N PHE A 30 4.20 -5.34 -4.30
CA PHE A 30 3.82 -6.73 -4.07
C PHE A 30 4.21 -7.18 -2.67
N ASP A 31 5.43 -6.87 -2.27
CA ASP A 31 5.93 -7.24 -0.95
C ASP A 31 5.23 -6.45 0.14
N PHE A 32 4.85 -5.21 -0.18
CA PHE A 32 4.17 -4.34 0.77
C PHE A 32 2.81 -4.92 1.16
N HIS A 33 2.61 -5.13 2.46
CA HIS A 33 1.37 -5.67 2.97
C HIS A 33 0.51 -4.58 3.62
N ILE A 34 -0.78 -4.83 3.72
CA ILE A 34 -1.70 -3.87 4.31
C ILE A 34 -1.59 -3.87 5.83
N GLY A 35 -1.58 -2.67 6.42
CA GLY A 35 -1.47 -2.57 7.86
C GLY A 35 -0.03 -2.56 8.34
N ASP A 36 0.85 -1.92 7.56
CA ASP A 36 2.26 -1.85 7.90
C ASP A 36 2.79 -0.42 7.77
N ARG A 37 3.90 -0.14 8.43
CA ARG A 37 4.49 1.19 8.39
C ARG A 37 5.15 1.45 7.03
N VAL A 38 4.99 2.67 6.53
CA VAL A 38 5.56 3.04 5.24
C VAL A 38 5.85 4.54 5.19
N LEU A 39 6.89 4.91 4.45
CA LEU A 39 7.26 6.31 4.31
C LEU A 39 6.99 6.81 2.89
N ILE A 40 6.24 7.91 2.80
CA ILE A 40 5.89 8.49 1.51
C ILE A 40 6.98 9.46 1.03
N GLY A 41 7.65 9.08 -0.05
CA GLY A 41 8.71 9.92 -0.59
C GLY A 41 9.81 10.19 0.42
N ASN A 42 9.93 9.32 1.41
CA ASN A 42 10.96 9.48 2.44
C ASN A 42 10.84 10.83 3.14
N VAL A 43 9.65 11.12 3.66
CA VAL A 43 9.41 12.38 4.35
C VAL A 43 8.07 12.35 5.08
N GLN A 44 7.05 11.83 4.42
CA GLN A 44 5.72 11.74 5.01
C GLN A 44 5.43 10.33 5.52
N PRO A 45 5.58 10.12 6.84
CA PRO A 45 5.34 8.80 7.45
C PRO A 45 3.85 8.46 7.52
N GLY A 46 3.55 7.17 7.53
CA GLY A 46 2.17 6.73 7.60
C GLY A 46 2.03 5.23 7.61
N ILE A 47 0.80 4.74 7.44
CA ILE A 47 0.53 3.31 7.42
C ILE A 47 -0.14 2.90 6.12
N LEU A 48 0.41 1.87 5.48
CA LEU A 48 -0.15 1.37 4.23
C LEU A 48 -1.55 0.79 4.43
N ARG A 49 -2.55 1.52 3.97
CA ARG A 49 -3.94 1.08 4.11
C ARG A 49 -4.44 0.45 2.82
N PHE A 50 -4.03 1.01 1.69
CA PHE A 50 -4.44 0.50 0.39
C PHE A 50 -3.26 0.50 -0.59
N LYS A 51 -3.39 -0.25 -1.68
CA LYS A 51 -2.34 -0.34 -2.68
C LYS A 51 -2.84 -1.08 -3.92
N GLY A 52 -3.16 -0.34 -4.97
CA GLY A 52 -3.64 -0.95 -6.19
C GLY A 52 -4.27 0.06 -7.14
N GLU A 53 -4.83 -0.43 -8.23
CA GLU A 53 -5.48 0.43 -9.22
C GLU A 53 -6.75 1.05 -8.65
N THR A 54 -7.21 2.14 -9.25
CA THR A 54 -8.41 2.82 -8.80
C THR A 54 -9.43 2.92 -9.93
N SER A 55 -10.54 3.60 -9.66
CA SER A 55 -11.60 3.77 -10.65
C SER A 55 -11.61 5.19 -11.21
N PHE A 56 -10.44 5.82 -11.25
CA PHE A 56 -10.32 7.17 -11.77
C PHE A 56 -9.02 7.35 -12.55
N ALA A 57 -7.92 6.86 -12.00
CA ALA A 57 -6.62 6.96 -12.65
C ALA A 57 -5.88 5.62 -12.61
N LYS A 58 -5.49 5.14 -13.78
CA LYS A 58 -4.77 3.87 -13.89
C LYS A 58 -3.47 3.92 -13.09
N GLY A 59 -2.95 2.75 -12.75
CA GLY A 59 -1.70 2.68 -11.99
C GLY A 59 -1.93 2.38 -10.53
N PHE A 60 -0.88 1.96 -9.84
CA PHE A 60 -0.96 1.63 -8.42
C PHE A 60 -1.11 2.90 -7.59
N TRP A 61 -2.01 2.86 -6.61
CA TRP A 61 -2.24 4.00 -5.73
C TRP A 61 -2.26 3.57 -4.27
N ALA A 62 -1.11 3.71 -3.61
CA ALA A 62 -0.99 3.34 -2.20
C ALA A 62 -1.64 4.37 -1.30
N GLY A 63 -2.57 3.92 -0.47
CA GLY A 63 -3.25 4.82 0.44
C GLY A 63 -2.64 4.82 1.84
N VAL A 64 -1.61 5.64 2.03
CA VAL A 64 -0.94 5.73 3.32
C VAL A 64 -1.72 6.62 4.29
N GLU A 65 -1.78 6.19 5.55
CA GLU A 65 -2.48 6.94 6.57
C GLU A 65 -1.51 7.71 7.46
N LEU A 66 -1.36 9.00 7.19
CA LEU A 66 -0.45 9.84 7.96
C LEU A 66 -0.91 9.95 9.41
N ASP A 67 0.01 9.77 10.34
CA ASP A 67 -0.30 9.85 11.76
C ASP A 67 -0.85 11.23 12.12
N LYS A 68 -0.42 12.25 11.39
CA LYS A 68 -0.88 13.61 11.62
C LYS A 68 -1.63 14.15 10.41
N PRO A 69 -2.39 15.25 10.58
CA PRO A 69 -3.16 15.86 9.50
C PRO A 69 -2.26 16.52 8.46
N GLU A 70 -1.63 15.70 7.62
CA GLU A 70 -0.75 16.20 6.58
C GLU A 70 -1.21 15.77 5.18
N GLY A 71 -2.29 14.99 5.13
CA GLY A 71 -2.81 14.53 3.86
C GLY A 71 -3.88 15.44 3.30
N ASN A 72 -4.75 14.89 2.46
CA ASN A 72 -5.82 15.67 1.86
C ASN A 72 -6.98 14.75 1.43
N ASN A 73 -7.18 13.68 2.18
CA ASN A 73 -8.24 12.73 1.88
C ASN A 73 -8.68 11.99 3.15
N ASN A 74 -9.73 11.19 3.02
CA ASN A 74 -10.25 10.43 4.16
C ASN A 74 -10.48 8.96 3.78
N GLY A 75 -9.68 8.47 2.84
CA GLY A 75 -9.81 7.09 2.41
C GLY A 75 -10.65 6.95 1.15
N THR A 76 -11.58 7.90 0.95
CA THR A 76 -12.45 7.88 -0.21
C THR A 76 -11.96 8.87 -1.27
N TYR A 77 -11.48 8.34 -2.39
CA TYR A 77 -10.98 9.18 -3.48
C TYR A 77 -12.04 9.33 -4.56
N ASP A 78 -12.61 10.54 -4.66
CA ASP A 78 -13.63 10.81 -5.66
C ASP A 78 -14.84 9.92 -5.46
N GLY A 79 -15.11 9.57 -4.21
CA GLY A 79 -16.24 8.71 -3.90
C GLY A 79 -15.85 7.27 -3.69
N ILE A 80 -14.79 6.84 -4.36
CA ILE A 80 -14.30 5.47 -4.24
C ILE A 80 -13.61 5.25 -2.91
N ALA A 81 -14.23 4.46 -2.03
CA ALA A 81 -13.68 4.18 -0.73
C ALA A 81 -12.60 3.10 -0.81
N TYR A 82 -11.58 3.23 0.03
CA TYR A 82 -10.49 2.26 0.06
C TYR A 82 -10.15 1.85 1.49
N PHE A 83 -10.00 2.84 2.36
CA PHE A 83 -9.68 2.58 3.76
C PHE A 83 -10.35 3.60 4.67
N GLU A 84 -10.10 3.48 5.98
CA GLU A 84 -10.68 4.38 6.95
C GLU A 84 -9.60 5.26 7.60
N CYS A 85 -9.92 6.53 7.81
CA CYS A 85 -8.98 7.47 8.41
C CYS A 85 -9.65 8.80 8.68
N LYS A 86 -8.87 9.76 9.18
CA LYS A 86 -9.39 11.09 9.48
C LYS A 86 -9.83 11.81 8.20
N GLU A 87 -10.24 13.07 8.35
CA GLU A 87 -10.68 13.86 7.21
C GLU A 87 -9.51 14.20 6.30
N LYS A 88 -8.35 14.47 6.89
CA LYS A 88 -7.16 14.81 6.12
C LYS A 88 -5.92 14.11 6.69
N HIS A 89 -5.91 12.78 6.63
CA HIS A 89 -4.79 12.00 7.12
C HIS A 89 -4.29 11.03 6.06
N GLY A 90 -5.22 10.38 5.37
CA GLY A 90 -4.87 9.44 4.33
C GLY A 90 -4.52 10.13 3.03
N ILE A 91 -3.48 9.64 2.35
CA ILE A 91 -3.05 10.22 1.09
C ILE A 91 -2.64 9.13 0.10
N PHE A 92 -3.16 9.23 -1.12
CA PHE A 92 -2.86 8.25 -2.16
C PHE A 92 -1.63 8.67 -2.95
N ALA A 93 -0.54 7.91 -2.80
CA ALA A 93 0.70 8.20 -3.50
C ALA A 93 1.16 7.00 -4.33
N PRO A 94 1.77 7.25 -5.49
CA PRO A 94 2.26 6.18 -6.38
C PRO A 94 3.16 5.19 -5.64
N PRO A 95 3.31 3.98 -6.19
CA PRO A 95 4.15 2.93 -5.58
C PRO A 95 5.62 3.34 -5.51
N GLN A 96 6.04 4.18 -6.46
CA GLN A 96 7.41 4.64 -6.51
C GLN A 96 7.76 5.47 -5.27
N LYS A 97 6.75 6.11 -4.69
CA LYS A 97 6.95 6.92 -3.49
C LYS A 97 6.59 6.14 -2.23
N ILE A 98 6.80 4.82 -2.28
CA ILE A 98 6.50 3.97 -1.14
C ILE A 98 7.74 3.21 -0.68
N SER A 99 8.09 3.39 0.59
CA SER A 99 9.27 2.72 1.16
C SER A 99 9.02 2.35 2.62
N HIS A 100 9.81 1.42 3.13
CA HIS A 100 9.68 0.96 4.51
C HIS A 100 10.35 1.94 5.47
N ILE A 101 9.60 2.37 6.47
CA ILE A 101 10.12 3.31 7.47
C ILE A 101 11.28 2.69 8.26
N PRO A 102 12.41 3.41 8.37
CA PRO A 102 13.59 2.91 9.11
C PRO A 102 13.24 2.49 10.52
N GLU A 103 13.88 1.41 10.98
CA GLU A 103 13.63 0.90 12.33
C GLU A 103 14.01 1.93 13.38
N ASN A 104 14.94 2.82 13.04
CA ASN A 104 15.38 3.86 13.95
C ASN A 104 14.66 5.18 13.67
N PHE A 105 13.43 5.08 13.21
CA PHE A 105 12.63 6.26 12.90
C PHE A 105 11.50 6.44 13.91
N ASP A 106 10.99 5.33 14.42
CA ASP A 106 9.91 5.36 15.40
C ASP A 106 10.44 5.13 16.81
N ASP A 107 10.89 6.20 17.45
CA ASP A 107 11.42 6.12 18.80
C ASP A 107 10.31 6.29 19.83
N TYR A 108 9.31 7.10 19.49
CA TYR A 108 8.18 7.35 20.40
C TYR A 108 7.25 6.14 20.43
N VAL A 109 6.25 6.20 21.32
CA VAL A 109 5.29 5.13 21.46
C VAL A 109 4.13 5.30 20.49
N ASP A 110 3.99 4.38 19.55
CA ASP A 110 2.92 4.44 18.56
C ASP A 110 2.78 3.10 17.83
N ILE A 111 1.59 2.52 17.93
CA ILE A 111 1.33 1.24 17.27
C ILE A 111 0.05 1.30 16.44
N ASN A 112 0.15 0.89 15.18
CA ASN A 112 -1.00 0.90 14.28
C ASN A 112 -1.09 -0.41 13.51
N GLU A 113 -1.85 -1.36 14.04
CA GLU A 113 -2.02 -2.66 13.39
C GLU A 113 -3.44 -3.18 13.59
N ASP A 114 -4.38 -2.66 12.80
CA ASP A 114 -5.77 -3.07 12.90
C ASP A 114 -6.16 -3.93 11.69
N GLU A 115 -6.40 -5.21 11.95
CA GLU A 115 -6.78 -6.14 10.89
C GLU A 115 -7.83 -7.12 11.38
N ASP A 116 -7.43 -8.01 12.29
CA ASP A 116 -8.33 -9.01 12.84
C ASP A 116 -8.24 -9.05 14.36
N SER A 117 -9.27 -9.58 15.00
CA SER A 117 -9.30 -9.69 16.46
C SER A 117 -9.00 -11.12 16.91
N GLY A 118 -8.13 -11.80 16.16
CA GLY A 118 -7.78 -13.16 16.51
C GLY A 118 -6.53 -13.64 15.78
N PRO A 119 -5.38 -12.99 16.03
CA PRO A 119 -4.12 -13.36 15.40
C PRO A 119 -3.80 -14.84 15.57
N SER A 120 -3.11 -15.41 14.58
CA SER A 120 -2.75 -16.82 14.62
C SER A 120 -1.35 -17.03 14.03
N SER A 121 -0.37 -17.21 14.91
CA SER A 121 1.01 -17.42 14.48
C SER A 121 1.44 -18.86 14.76
N GLY A 122 1.64 -19.62 13.69
CA GLY A 122 2.06 -21.01 13.84
C GLY A 122 3.31 -21.32 13.04
N GLY A 1 -21.37 -19.46 -15.23
CA GLY A 1 -22.76 -19.45 -15.76
C GLY A 1 -22.89 -20.18 -17.09
N SER A 2 -24.10 -20.22 -17.63
CA SER A 2 -24.35 -20.89 -18.90
C SER A 2 -25.40 -20.14 -19.72
N SER A 3 -25.41 -18.81 -19.57
CA SER A 3 -26.36 -17.98 -20.30
C SER A 3 -25.70 -16.67 -20.76
N GLY A 4 -25.80 -16.38 -22.05
CA GLY A 4 -25.21 -15.17 -22.58
C GLY A 4 -26.20 -14.03 -22.67
N SER A 5 -25.70 -12.82 -22.84
CA SER A 5 -26.56 -11.64 -22.94
C SER A 5 -26.08 -10.72 -24.06
N SER A 6 -24.85 -10.21 -23.91
CA SER A 6 -24.28 -9.31 -24.90
C SER A 6 -23.10 -9.97 -25.62
N GLY A 7 -22.41 -9.19 -26.44
CA GLY A 7 -21.26 -9.73 -27.18
C GLY A 7 -20.18 -8.70 -27.37
N VAL A 8 -19.29 -8.57 -26.38
CA VAL A 8 -18.19 -7.61 -26.45
C VAL A 8 -16.84 -8.32 -26.51
N GLU A 9 -16.65 -9.26 -25.58
CA GLU A 9 -15.40 -10.01 -25.51
C GLU A 9 -15.60 -11.44 -26.01
N HIS A 10 -14.94 -11.78 -27.12
CA HIS A 10 -15.05 -13.11 -27.69
C HIS A 10 -13.74 -13.51 -28.36
N GLU A 11 -13.32 -12.74 -29.36
CA GLU A 11 -12.08 -13.02 -30.08
C GLU A 11 -11.48 -11.74 -30.65
N GLN A 12 -10.16 -11.63 -30.58
CA GLN A 12 -9.47 -10.45 -31.09
C GLN A 12 -9.93 -9.19 -30.37
N GLN A 13 -9.07 -8.67 -29.51
CA GLN A 13 -9.39 -7.45 -28.75
C GLN A 13 -8.88 -6.20 -29.47
N VAL A 14 -8.51 -6.35 -30.73
CA VAL A 14 -8.01 -5.23 -31.52
C VAL A 14 -6.86 -4.52 -30.80
N THR A 15 -6.13 -5.26 -30.00
CA THR A 15 -5.00 -4.71 -29.26
C THR A 15 -4.07 -5.80 -28.76
N GLU A 16 -4.57 -6.63 -27.84
CA GLU A 16 -3.78 -7.72 -27.28
C GLU A 16 -4.54 -9.03 -27.36
N SER A 17 -3.85 -10.10 -27.77
CA SER A 17 -4.45 -11.41 -27.90
C SER A 17 -3.85 -12.39 -26.89
N PRO A 18 -4.43 -12.48 -25.68
CA PRO A 18 -3.94 -13.38 -24.63
C PRO A 18 -3.74 -14.80 -25.14
N SER A 19 -2.62 -15.41 -24.73
CA SER A 19 -2.31 -16.77 -25.14
C SER A 19 -2.65 -17.77 -24.04
N LEU A 20 -2.44 -19.05 -24.32
CA LEU A 20 -2.73 -20.10 -23.35
C LEU A 20 -1.44 -20.67 -22.77
N ALA A 21 -0.98 -20.07 -21.68
CA ALA A 21 0.25 -20.51 -21.02
C ALA A 21 0.32 -20.01 -19.58
N SER A 22 0.28 -18.70 -19.42
CA SER A 22 0.34 -18.08 -18.10
C SER A 22 -0.60 -16.89 -18.00
N VAL A 23 -0.59 -16.22 -16.86
CA VAL A 23 -1.44 -15.05 -16.64
C VAL A 23 -0.65 -13.90 -16.02
N PRO A 24 -0.29 -12.88 -16.82
CA PRO A 24 0.47 -11.72 -16.33
C PRO A 24 -0.13 -11.13 -15.06
N THR A 25 0.60 -11.26 -13.95
CA THR A 25 0.13 -10.73 -12.67
C THR A 25 0.30 -9.22 -12.61
N ALA A 26 1.53 -8.77 -12.85
CA ALA A 26 1.83 -7.33 -12.82
C ALA A 26 1.49 -6.73 -11.46
N ASP A 27 2.48 -6.68 -10.58
CA ASP A 27 2.28 -6.13 -9.25
C ASP A 27 3.54 -5.42 -8.76
N GLU A 28 3.41 -4.13 -8.47
CA GLU A 28 4.54 -3.34 -7.99
C GLU A 28 4.69 -3.45 -6.48
N LEU A 29 3.58 -3.33 -5.77
CA LEU A 29 3.58 -3.42 -4.31
C LEU A 29 3.08 -4.79 -3.85
N PHE A 30 3.85 -5.83 -4.15
CA PHE A 30 3.48 -7.18 -3.78
C PHE A 30 4.02 -7.53 -2.39
N ASP A 31 5.16 -6.93 -2.04
CA ASP A 31 5.78 -7.17 -0.75
C ASP A 31 5.44 -6.05 0.24
N PHE A 32 4.21 -5.55 0.15
CA PHE A 32 3.75 -4.48 1.02
C PHE A 32 2.39 -4.82 1.63
N HIS A 33 2.41 -5.50 2.77
CA HIS A 33 1.19 -5.88 3.46
C HIS A 33 0.46 -4.66 4.00
N ILE A 34 -0.87 -4.73 4.04
CA ILE A 34 -1.67 -3.62 4.53
C ILE A 34 -1.64 -3.56 6.06
N GLY A 35 -1.19 -2.44 6.59
CA GLY A 35 -1.12 -2.28 8.03
C GLY A 35 0.31 -2.29 8.54
N ASP A 36 1.25 -1.86 7.70
CA ASP A 36 2.66 -1.82 8.07
C ASP A 36 3.22 -0.41 7.92
N ARG A 37 4.22 -0.09 8.73
CA ARG A 37 4.84 1.23 8.68
C ARG A 37 5.46 1.48 7.31
N VAL A 38 5.10 2.60 6.70
CA VAL A 38 5.62 2.96 5.38
C VAL A 38 5.87 4.46 5.28
N LEU A 39 6.99 4.83 4.66
CA LEU A 39 7.35 6.23 4.50
C LEU A 39 7.10 6.68 3.06
N ILE A 40 6.37 7.78 2.90
CA ILE A 40 6.07 8.32 1.59
C ILE A 40 7.12 9.32 1.13
N GLY A 41 7.85 8.98 0.09
CA GLY A 41 8.89 9.86 -0.43
C GLY A 41 9.94 10.19 0.62
N ASN A 42 10.05 9.34 1.64
CA ASN A 42 11.03 9.55 2.71
C ASN A 42 10.83 10.91 3.36
N VAL A 43 9.61 11.18 3.80
CA VAL A 43 9.30 12.45 4.45
C VAL A 43 7.93 12.40 5.14
N GLN A 44 6.96 11.80 4.46
CA GLN A 44 5.61 11.69 5.00
C GLN A 44 5.37 10.30 5.56
N PRO A 45 5.47 10.12 6.90
CA PRO A 45 5.25 8.83 7.54
C PRO A 45 3.77 8.45 7.59
N GLY A 46 3.51 7.14 7.60
CA GLY A 46 2.14 6.67 7.64
C GLY A 46 2.05 5.16 7.57
N ILE A 47 0.83 4.65 7.43
CA ILE A 47 0.60 3.21 7.34
C ILE A 47 -0.10 2.84 6.03
N LEU A 48 0.42 1.82 5.36
CA LEU A 48 -0.15 1.38 4.10
C LEU A 48 -1.52 0.75 4.32
N ARG A 49 -2.56 1.49 3.92
CA ARG A 49 -3.93 1.01 4.07
C ARG A 49 -4.45 0.43 2.77
N PHE A 50 -4.00 0.98 1.65
CA PHE A 50 -4.42 0.51 0.33
C PHE A 50 -3.25 0.54 -0.65
N LYS A 51 -3.40 -0.19 -1.75
CA LYS A 51 -2.36 -0.25 -2.77
C LYS A 51 -2.83 -1.03 -4.00
N GLY A 52 -3.15 -0.31 -5.07
CA GLY A 52 -3.62 -0.95 -6.28
C GLY A 52 -4.18 0.04 -7.28
N GLU A 53 -4.78 -0.48 -8.35
CA GLU A 53 -5.36 0.37 -9.39
C GLU A 53 -6.61 1.07 -8.87
N THR A 54 -6.78 2.33 -9.26
CA THR A 54 -7.93 3.12 -8.84
C THR A 54 -8.94 3.24 -9.98
N SER A 55 -10.08 3.85 -9.69
CA SER A 55 -11.13 4.04 -10.68
C SER A 55 -10.95 5.37 -11.42
N PHE A 56 -10.42 6.36 -10.71
CA PHE A 56 -10.19 7.67 -11.28
C PHE A 56 -8.85 7.72 -12.03
N ALA A 57 -7.88 6.95 -11.54
CA ALA A 57 -6.57 6.91 -12.15
C ALA A 57 -6.17 5.48 -12.49
N LYS A 58 -5.07 5.33 -13.24
CA LYS A 58 -4.58 4.01 -13.63
C LYS A 58 -3.22 3.74 -13.02
N GLY A 59 -2.86 2.46 -12.90
CA GLY A 59 -1.58 2.08 -12.33
C GLY A 59 -1.71 1.62 -10.90
N PHE A 60 -0.82 2.10 -10.05
CA PHE A 60 -0.83 1.73 -8.63
C PHE A 60 -0.93 2.96 -7.74
N TRP A 61 -1.83 2.91 -6.77
CA TRP A 61 -2.03 4.02 -5.84
C TRP A 61 -2.13 3.53 -4.41
N ALA A 62 -1.11 3.81 -3.61
CA ALA A 62 -1.10 3.38 -2.22
C ALA A 62 -1.69 4.46 -1.31
N GLY A 63 -2.77 4.12 -0.61
CA GLY A 63 -3.41 5.07 0.28
C GLY A 63 -2.86 4.99 1.69
N VAL A 64 -1.76 5.69 1.93
CA VAL A 64 -1.14 5.70 3.25
C VAL A 64 -1.87 6.63 4.20
N GLU A 65 -2.02 6.20 5.45
CA GLU A 65 -2.70 7.00 6.47
C GLU A 65 -1.70 7.70 7.37
N LEU A 66 -1.46 8.98 7.10
CA LEU A 66 -0.53 9.77 7.90
C LEU A 66 -0.96 9.82 9.36
N ASP A 67 -0.01 10.15 10.24
CA ASP A 67 -0.30 10.24 11.66
C ASP A 67 -0.54 11.68 12.09
N LYS A 68 -1.09 12.48 11.17
CA LYS A 68 -1.38 13.88 11.45
C LYS A 68 -2.09 14.54 10.27
N PRO A 69 -2.84 15.62 10.51
CA PRO A 69 -3.56 16.34 9.47
C PRO A 69 -2.62 16.94 8.43
N GLU A 70 -2.08 16.10 7.56
CA GLU A 70 -1.17 16.55 6.52
C GLU A 70 -1.68 16.17 5.13
N GLY A 71 -2.27 14.99 5.03
CA GLY A 71 -2.80 14.53 3.76
C GLY A 71 -3.92 15.42 3.23
N ASN A 72 -4.62 14.95 2.21
CA ASN A 72 -5.71 15.70 1.62
C ASN A 72 -6.86 14.79 1.21
N ASN A 73 -7.03 13.69 1.95
CA ASN A 73 -8.09 12.73 1.65
C ASN A 73 -8.46 11.94 2.91
N ASN A 74 -9.67 11.38 2.90
CA ASN A 74 -10.15 10.60 4.04
C ASN A 74 -10.34 9.14 3.64
N GLY A 75 -9.58 8.68 2.66
CA GLY A 75 -9.68 7.31 2.21
C GLY A 75 -10.59 7.15 1.02
N THR A 76 -11.63 7.97 0.95
CA THR A 76 -12.58 7.92 -0.16
C THR A 76 -12.23 8.95 -1.22
N TYR A 77 -11.70 8.48 -2.34
CA TYR A 77 -11.32 9.36 -3.44
C TYR A 77 -12.42 9.41 -4.49
N ASP A 78 -13.11 10.55 -4.56
CA ASP A 78 -14.19 10.73 -5.52
C ASP A 78 -15.32 9.73 -5.27
N GLY A 79 -15.49 9.35 -4.02
CA GLY A 79 -16.54 8.40 -3.67
C GLY A 79 -16.00 6.99 -3.47
N ILE A 80 -14.90 6.67 -4.14
CA ILE A 80 -14.28 5.36 -4.03
C ILE A 80 -13.59 5.18 -2.69
N ALA A 81 -14.22 4.44 -1.79
CA ALA A 81 -13.65 4.19 -0.47
C ALA A 81 -12.62 3.07 -0.51
N TYR A 82 -11.38 3.41 -0.13
CA TYR A 82 -10.30 2.44 -0.13
C TYR A 82 -9.92 2.04 1.31
N PHE A 83 -9.91 3.03 2.19
CA PHE A 83 -9.57 2.79 3.59
C PHE A 83 -10.25 3.82 4.49
N GLU A 84 -10.19 3.57 5.80
CA GLU A 84 -10.80 4.47 6.77
C GLU A 84 -9.73 5.31 7.47
N CYS A 85 -10.01 6.60 7.64
CA CYS A 85 -9.08 7.51 8.29
C CYS A 85 -9.73 8.86 8.55
N LYS A 86 -8.94 9.81 9.05
CA LYS A 86 -9.44 11.15 9.34
C LYS A 86 -9.97 11.82 8.08
N GLU A 87 -10.29 13.11 8.19
CA GLU A 87 -10.80 13.86 7.05
C GLU A 87 -9.69 14.15 6.05
N LYS A 88 -8.51 14.52 6.57
CA LYS A 88 -7.37 14.82 5.72
C LYS A 88 -6.10 14.16 6.25
N HIS A 89 -6.14 12.84 6.35
CA HIS A 89 -4.99 12.08 6.85
C HIS A 89 -4.46 11.13 5.77
N GLY A 90 -5.37 10.52 5.04
CA GLY A 90 -4.97 9.60 3.98
C GLY A 90 -4.50 10.32 2.74
N ILE A 91 -3.44 9.80 2.12
CA ILE A 91 -2.89 10.40 0.91
C ILE A 91 -2.47 9.33 -0.09
N PHE A 92 -3.06 9.40 -1.29
CA PHE A 92 -2.74 8.44 -2.34
C PHE A 92 -1.46 8.81 -3.07
N ALA A 93 -0.49 7.90 -3.07
CA ALA A 93 0.78 8.14 -3.72
C ALA A 93 1.24 6.92 -4.52
N PRO A 94 1.92 7.13 -5.65
CA PRO A 94 2.40 6.04 -6.50
C PRO A 94 3.23 5.03 -5.72
N PRO A 95 3.41 3.81 -6.28
CA PRO A 95 4.18 2.75 -5.63
C PRO A 95 5.65 3.13 -5.46
N GLN A 96 6.16 3.95 -6.37
CA GLN A 96 7.55 4.40 -6.32
C GLN A 96 7.80 5.21 -5.06
N LYS A 97 6.76 5.86 -4.55
CA LYS A 97 6.88 6.67 -3.35
C LYS A 97 6.43 5.90 -2.11
N ILE A 98 6.61 4.58 -2.15
CA ILE A 98 6.22 3.71 -1.04
C ILE A 98 7.42 2.97 -0.47
N SER A 99 7.93 3.45 0.67
CA SER A 99 9.08 2.83 1.31
C SER A 99 8.75 2.44 2.74
N HIS A 100 9.68 1.74 3.39
CA HIS A 100 9.49 1.31 4.77
C HIS A 100 10.18 2.27 5.74
N ILE A 101 9.48 2.62 6.81
CA ILE A 101 10.02 3.53 7.82
C ILE A 101 11.19 2.89 8.56
N PRO A 102 12.37 3.54 8.54
CA PRO A 102 13.56 3.02 9.22
C PRO A 102 13.30 2.69 10.68
N GLU A 103 14.10 1.80 11.25
CA GLU A 103 13.96 1.42 12.64
C GLU A 103 14.24 2.59 13.58
N ASN A 104 15.04 3.54 13.09
CA ASN A 104 15.38 4.72 13.88
C ASN A 104 14.40 5.86 13.60
N PHE A 105 13.11 5.55 13.65
CA PHE A 105 12.07 6.54 13.41
C PHE A 105 10.81 6.22 14.20
N ASP A 106 10.65 6.88 15.34
CA ASP A 106 9.49 6.66 16.19
C ASP A 106 8.48 7.80 16.04
N ASP A 107 7.46 7.57 15.22
CA ASP A 107 6.42 8.57 14.98
C ASP A 107 5.49 8.68 16.19
N TYR A 108 4.39 9.38 16.01
CA TYR A 108 3.41 9.57 17.08
C TYR A 108 2.82 8.22 17.52
N VAL A 109 2.63 8.05 18.82
CA VAL A 109 2.08 6.81 19.36
C VAL A 109 0.69 6.54 18.79
N ASP A 110 0.62 5.65 17.81
CA ASP A 110 -0.64 5.29 17.18
C ASP A 110 -0.76 3.79 17.00
N ILE A 111 -1.41 3.14 17.95
CA ILE A 111 -1.60 1.69 17.90
C ILE A 111 -2.57 1.30 16.79
N ASN A 112 -2.23 0.27 16.03
CA ASN A 112 -3.08 -0.20 14.95
C ASN A 112 -2.48 -1.44 14.28
N GLU A 113 -1.17 -1.44 14.12
CA GLU A 113 -0.47 -2.56 13.49
C GLU A 113 -0.73 -3.86 14.25
N ASP A 114 -0.27 -4.97 13.69
CA ASP A 114 -0.46 -6.27 14.32
C ASP A 114 0.50 -6.47 15.48
N GLU A 115 -0.04 -6.54 16.69
CA GLU A 115 0.77 -6.72 17.88
C GLU A 115 -0.07 -7.27 19.04
N ASP A 116 -0.37 -8.56 18.99
CA ASP A 116 -1.16 -9.21 20.03
C ASP A 116 -0.86 -10.70 20.11
N SER A 117 -0.81 -11.22 21.32
CA SER A 117 -0.52 -12.64 21.54
C SER A 117 -1.79 -13.47 21.43
N GLY A 118 -1.65 -14.78 21.61
CA GLY A 118 -2.80 -15.66 21.53
C GLY A 118 -2.76 -16.75 22.59
N PRO A 119 -3.88 -17.49 22.77
CA PRO A 119 -3.96 -18.56 23.77
C PRO A 119 -3.11 -19.77 23.39
N SER A 120 -3.29 -20.87 24.11
CA SER A 120 -2.54 -22.09 23.85
C SER A 120 -3.03 -22.77 22.58
N SER A 121 -4.33 -22.63 22.30
CA SER A 121 -4.92 -23.22 21.11
C SER A 121 -5.27 -22.16 20.08
N GLY A 122 -5.89 -22.59 18.98
CA GLY A 122 -6.27 -21.65 17.93
C GLY A 122 -7.02 -22.33 16.81
N GLY A 1 -21.72 -8.80 19.62
CA GLY A 1 -21.45 -9.12 18.20
C GLY A 1 -19.99 -9.37 17.92
N SER A 2 -19.64 -10.62 17.60
CA SER A 2 -18.26 -10.98 17.32
C SER A 2 -17.36 -10.70 18.52
N SER A 3 -16.98 -11.75 19.23
CA SER A 3 -16.13 -11.61 20.40
C SER A 3 -15.29 -12.87 20.61
N GLY A 4 -14.35 -12.80 21.56
CA GLY A 4 -13.50 -13.94 21.83
C GLY A 4 -12.02 -13.61 21.69
N SER A 5 -11.56 -13.51 20.45
CA SER A 5 -10.16 -13.19 20.18
C SER A 5 -9.89 -11.71 20.41
N SER A 6 -8.86 -11.43 21.19
CA SER A 6 -8.48 -10.05 21.50
C SER A 6 -7.22 -9.64 20.72
N GLY A 7 -6.28 -10.58 20.61
CA GLY A 7 -5.05 -10.30 19.89
C GLY A 7 -4.53 -11.50 19.14
N VAL A 8 -5.24 -11.91 18.10
CA VAL A 8 -4.85 -13.05 17.30
C VAL A 8 -4.10 -12.62 16.04
N GLU A 9 -3.06 -13.36 15.69
CA GLU A 9 -2.27 -13.05 14.50
C GLU A 9 -2.63 -13.97 13.34
N HIS A 10 -3.03 -15.21 13.66
CA HIS A 10 -3.40 -16.18 12.65
C HIS A 10 -4.89 -16.53 12.75
N GLU A 11 -5.62 -16.29 11.68
CA GLU A 11 -7.05 -16.58 11.65
C GLU A 11 -7.31 -17.95 11.03
N GLN A 12 -8.16 -18.73 11.68
CA GLN A 12 -8.50 -20.06 11.19
C GLN A 12 -9.79 -20.57 11.84
N GLN A 13 -10.87 -20.58 11.05
CA GLN A 13 -12.16 -21.03 11.55
C GLN A 13 -13.19 -21.07 10.43
N VAL A 14 -13.16 -20.06 9.58
CA VAL A 14 -14.09 -19.96 8.45
C VAL A 14 -13.35 -20.00 7.13
N THR A 15 -12.19 -19.34 7.07
CA THR A 15 -11.39 -19.32 5.85
C THR A 15 -10.90 -20.71 5.49
N GLU A 16 -10.87 -21.00 4.19
CA GLU A 16 -10.41 -22.31 3.72
C GLU A 16 -10.34 -22.32 2.19
N SER A 17 -9.13 -22.27 1.66
CA SER A 17 -8.92 -22.28 0.21
C SER A 17 -7.85 -23.30 -0.16
N PRO A 18 -8.19 -24.26 -1.05
CA PRO A 18 -7.24 -25.29 -1.48
C PRO A 18 -5.95 -24.70 -2.04
N SER A 19 -4.87 -24.84 -1.28
CA SER A 19 -3.58 -24.32 -1.71
C SER A 19 -3.63 -22.81 -1.89
N LEU A 20 -2.49 -22.20 -2.20
CA LEU A 20 -2.41 -20.76 -2.41
C LEU A 20 -1.35 -20.42 -3.46
N ALA A 21 -1.80 -19.99 -4.63
CA ALA A 21 -0.90 -19.63 -5.71
C ALA A 21 -1.29 -18.29 -6.33
N SER A 22 -0.30 -17.42 -6.51
CA SER A 22 -0.54 -16.11 -7.09
C SER A 22 0.48 -15.80 -8.18
N VAL A 23 0.01 -15.76 -9.42
CA VAL A 23 0.88 -15.48 -10.56
C VAL A 23 1.04 -13.97 -10.78
N PRO A 24 2.27 -13.44 -10.62
CA PRO A 24 2.53 -12.01 -10.81
C PRO A 24 2.42 -11.58 -12.26
N THR A 25 1.78 -10.43 -12.50
CA THR A 25 1.61 -9.92 -13.85
C THR A 25 2.09 -8.48 -13.94
N ALA A 26 1.72 -7.67 -12.95
CA ALA A 26 2.10 -6.26 -12.92
C ALA A 26 2.01 -5.71 -11.50
N ASP A 27 2.38 -6.52 -10.53
CA ASP A 27 2.35 -6.11 -9.13
C ASP A 27 3.65 -5.43 -8.73
N GLU A 28 3.59 -4.11 -8.55
CA GLU A 28 4.77 -3.33 -8.17
C GLU A 28 5.00 -3.42 -6.67
N LEU A 29 3.93 -3.22 -5.90
CA LEU A 29 4.02 -3.27 -4.44
C LEU A 29 3.77 -4.69 -3.93
N PHE A 30 4.65 -5.60 -4.29
CA PHE A 30 4.52 -7.00 -3.87
C PHE A 30 5.07 -7.19 -2.47
N ASP A 31 6.06 -6.38 -2.10
CA ASP A 31 6.66 -6.47 -0.77
C ASP A 31 6.07 -5.42 0.16
N PHE A 32 4.77 -5.17 0.01
CA PHE A 32 4.08 -4.19 0.85
C PHE A 32 2.66 -4.65 1.16
N HIS A 33 2.42 -5.00 2.42
CA HIS A 33 1.11 -5.46 2.86
C HIS A 33 0.37 -4.36 3.60
N ILE A 34 -0.95 -4.51 3.73
CA ILE A 34 -1.78 -3.53 4.43
C ILE A 34 -1.67 -3.69 5.94
N GLY A 35 -1.38 -2.58 6.62
CA GLY A 35 -1.26 -2.62 8.06
C GLY A 35 0.12 -2.20 8.54
N ASP A 36 1.12 -2.43 7.70
CA ASP A 36 2.50 -2.06 8.04
C ASP A 36 2.75 -0.58 7.78
N ARG A 37 3.79 -0.04 8.41
CA ARG A 37 4.15 1.36 8.25
C ARG A 37 4.89 1.58 6.94
N VAL A 38 4.86 2.82 6.45
CA VAL A 38 5.54 3.16 5.20
C VAL A 38 5.87 4.65 5.16
N LEU A 39 7.08 4.96 4.67
CA LEU A 39 7.52 6.35 4.57
C LEU A 39 7.31 6.88 3.16
N ILE A 40 6.44 7.88 3.03
CA ILE A 40 6.15 8.48 1.74
C ILE A 40 7.28 9.42 1.30
N GLY A 41 8.04 8.98 0.29
CA GLY A 41 9.14 9.78 -0.20
C GLY A 41 10.23 9.99 0.83
N ASN A 42 10.29 9.09 1.82
CA ASN A 42 11.29 9.18 2.87
C ASN A 42 11.22 10.52 3.58
N VAL A 43 10.01 10.90 4.01
CA VAL A 43 9.81 12.16 4.70
C VAL A 43 8.45 12.17 5.41
N GLN A 44 7.42 11.70 4.72
CA GLN A 44 6.08 11.67 5.29
C GLN A 44 5.74 10.27 5.79
N PRO A 45 5.85 10.05 7.12
CA PRO A 45 5.54 8.75 7.72
C PRO A 45 4.05 8.44 7.73
N GLY A 46 3.71 7.17 7.60
CA GLY A 46 2.32 6.77 7.59
C GLY A 46 2.14 5.26 7.61
N ILE A 47 0.92 4.81 7.36
CA ILE A 47 0.63 3.37 7.34
C ILE A 47 -0.06 2.97 6.05
N LEU A 48 0.37 1.83 5.50
CA LEU A 48 -0.20 1.32 4.25
C LEU A 48 -1.62 0.81 4.47
N ARG A 49 -2.59 1.51 3.88
CA ARG A 49 -3.99 1.13 4.02
C ARG A 49 -4.49 0.45 2.75
N PHE A 50 -4.00 0.91 1.60
CA PHE A 50 -4.40 0.36 0.31
C PHE A 50 -3.24 0.43 -0.68
N LYS A 51 -3.34 -0.35 -1.75
CA LYS A 51 -2.30 -0.37 -2.78
C LYS A 51 -2.75 -1.21 -3.98
N GLY A 52 -2.94 -0.55 -5.11
CA GLY A 52 -3.36 -1.26 -6.32
C GLY A 52 -4.00 -0.34 -7.33
N GLU A 53 -4.61 -0.93 -8.35
CA GLU A 53 -5.28 -0.16 -9.40
C GLU A 53 -6.57 0.45 -8.88
N THR A 54 -6.70 1.77 -9.01
CA THR A 54 -7.89 2.47 -8.57
C THR A 54 -8.93 2.57 -9.69
N SER A 55 -10.05 3.22 -9.40
CA SER A 55 -11.11 3.39 -10.39
C SER A 55 -11.06 4.77 -11.02
N PHE A 56 -10.77 5.78 -10.21
CA PHE A 56 -10.68 7.15 -10.70
C PHE A 56 -9.47 7.33 -11.61
N ALA A 57 -8.35 6.72 -11.24
CA ALA A 57 -7.12 6.81 -12.03
C ALA A 57 -6.55 5.42 -12.30
N LYS A 58 -5.59 5.37 -13.22
CA LYS A 58 -4.96 4.11 -13.58
C LYS A 58 -3.62 3.94 -12.86
N GLY A 59 -3.09 2.71 -12.88
CA GLY A 59 -1.82 2.45 -12.23
C GLY A 59 -1.99 2.14 -10.75
N PHE A 60 -0.88 1.80 -10.11
CA PHE A 60 -0.91 1.48 -8.68
C PHE A 60 -1.00 2.75 -7.83
N TRP A 61 -1.82 2.70 -6.80
CA TRP A 61 -2.00 3.84 -5.91
C TRP A 61 -2.05 3.40 -4.45
N ALA A 62 -0.96 3.64 -3.73
CA ALA A 62 -0.89 3.26 -2.32
C ALA A 62 -1.51 4.34 -1.43
N GLY A 63 -2.50 3.94 -0.64
CA GLY A 63 -3.16 4.87 0.25
C GLY A 63 -2.57 4.86 1.64
N VAL A 64 -1.52 5.66 1.84
CA VAL A 64 -0.87 5.74 3.14
C VAL A 64 -1.65 6.63 4.10
N GLU A 65 -1.70 6.22 5.37
CA GLU A 65 -2.42 6.98 6.38
C GLU A 65 -1.44 7.73 7.28
N LEU A 66 -1.28 9.02 7.01
CA LEU A 66 -0.37 9.86 7.80
C LEU A 66 -0.82 9.93 9.25
N ASP A 67 0.13 10.15 10.15
CA ASP A 67 -0.17 10.25 11.57
C ASP A 67 -0.78 11.61 11.92
N LYS A 68 -0.35 12.63 11.21
CA LYS A 68 -0.86 13.98 11.44
C LYS A 68 -1.61 14.50 10.21
N PRO A 69 -2.56 15.42 10.42
CA PRO A 69 -3.35 16.00 9.33
C PRO A 69 -2.49 16.68 8.28
N GLU A 70 -1.96 15.89 7.35
CA GLU A 70 -1.11 16.42 6.29
C GLU A 70 -1.69 16.12 4.91
N GLY A 71 -2.29 14.93 4.77
CA GLY A 71 -2.87 14.55 3.50
C GLY A 71 -4.03 15.43 3.10
N ASN A 72 -4.78 15.01 2.10
CA ASN A 72 -5.93 15.78 1.62
C ASN A 72 -7.08 14.85 1.24
N ASN A 73 -7.18 13.72 1.92
CA ASN A 73 -8.23 12.74 1.66
C ASN A 73 -8.63 12.00 2.93
N ASN A 74 -9.66 11.16 2.83
CA ASN A 74 -10.13 10.40 3.97
C ASN A 74 -10.43 8.96 3.58
N GLY A 75 -9.71 8.47 2.56
CA GLY A 75 -9.92 7.10 2.11
C GLY A 75 -10.87 7.02 0.93
N THR A 76 -11.79 7.98 0.84
CA THR A 76 -12.76 8.00 -0.24
C THR A 76 -12.30 8.93 -1.36
N TYR A 77 -11.77 8.32 -2.43
CA TYR A 77 -11.29 9.09 -3.57
C TYR A 77 -12.39 9.26 -4.61
N ASP A 78 -12.93 10.47 -4.69
CA ASP A 78 -14.00 10.78 -5.65
C ASP A 78 -15.24 9.93 -5.36
N GLY A 79 -15.44 9.58 -4.09
CA GLY A 79 -16.58 8.78 -3.72
C GLY A 79 -16.21 7.33 -3.46
N ILE A 80 -15.19 6.85 -4.15
CA ILE A 80 -14.74 5.48 -3.99
C ILE A 80 -13.97 5.28 -2.68
N ALA A 81 -14.57 4.52 -1.76
CA ALA A 81 -13.94 4.26 -0.48
C ALA A 81 -12.97 3.08 -0.56
N TYR A 82 -11.69 3.35 -0.28
CA TYR A 82 -10.68 2.32 -0.33
C TYR A 82 -10.29 1.87 1.09
N PHE A 83 -10.06 2.83 1.96
CA PHE A 83 -9.69 2.54 3.34
C PHE A 83 -10.36 3.52 4.30
N GLU A 84 -10.06 3.36 5.59
CA GLU A 84 -10.64 4.22 6.62
C GLU A 84 -9.57 5.09 7.27
N CYS A 85 -9.92 6.34 7.55
CA CYS A 85 -8.99 7.27 8.19
C CYS A 85 -9.66 8.61 8.48
N LYS A 86 -8.89 9.55 9.01
CA LYS A 86 -9.41 10.87 9.33
C LYS A 86 -9.97 11.56 8.08
N GLU A 87 -10.25 12.85 8.20
CA GLU A 87 -10.79 13.63 7.08
C GLU A 87 -9.68 13.99 6.10
N LYS A 88 -8.49 14.27 6.63
CA LYS A 88 -7.36 14.63 5.79
C LYS A 88 -6.08 13.98 6.31
N HIS A 89 -6.14 12.67 6.53
CA HIS A 89 -4.99 11.93 7.01
C HIS A 89 -4.47 10.98 5.94
N GLY A 90 -5.38 10.42 5.15
CA GLY A 90 -4.99 9.50 4.10
C GLY A 90 -4.59 10.22 2.83
N ILE A 91 -3.56 9.73 2.16
CA ILE A 91 -3.08 10.32 0.92
C ILE A 91 -2.67 9.26 -0.08
N PHE A 92 -3.27 9.29 -1.27
CA PHE A 92 -2.96 8.32 -2.32
C PHE A 92 -1.68 8.71 -3.06
N ALA A 93 -0.61 7.97 -2.77
CA ALA A 93 0.67 8.24 -3.41
C ALA A 93 1.12 7.03 -4.25
N PRO A 94 1.75 7.29 -5.41
CA PRO A 94 2.23 6.23 -6.29
C PRO A 94 3.12 5.22 -5.55
N PRO A 95 3.32 4.02 -6.15
CA PRO A 95 4.16 2.98 -5.54
C PRO A 95 5.61 3.42 -5.38
N GLN A 96 6.06 4.27 -6.29
CA GLN A 96 7.43 4.77 -6.26
C GLN A 96 7.67 5.61 -5.01
N LYS A 97 6.59 6.18 -4.46
CA LYS A 97 6.69 7.02 -3.27
C LYS A 97 6.34 6.22 -2.03
N ILE A 98 6.60 4.91 -2.06
CA ILE A 98 6.30 4.04 -0.92
C ILE A 98 7.55 3.30 -0.47
N SER A 99 7.95 3.55 0.78
CA SER A 99 9.14 2.91 1.34
C SER A 99 8.88 2.47 2.78
N HIS A 100 9.79 1.66 3.31
CA HIS A 100 9.66 1.17 4.68
C HIS A 100 10.32 2.14 5.66
N ILE A 101 9.57 2.51 6.69
CA ILE A 101 10.08 3.43 7.71
C ILE A 101 11.19 2.79 8.52
N PRO A 102 12.32 3.50 8.71
CA PRO A 102 13.46 2.98 9.48
C PRO A 102 13.05 2.48 10.86
N GLU A 103 13.70 1.42 11.32
CA GLU A 103 13.41 0.85 12.63
C GLU A 103 13.60 1.88 13.74
N ASN A 104 14.53 2.81 13.51
CA ASN A 104 14.80 3.85 14.49
C ASN A 104 14.35 5.22 13.98
N PHE A 105 13.18 5.25 13.35
CA PHE A 105 12.63 6.48 12.82
C PHE A 105 11.83 7.23 13.88
N ASP A 106 11.10 6.48 14.69
CA ASP A 106 10.28 7.06 15.76
C ASP A 106 9.66 5.97 16.62
N ASP A 107 9.14 4.93 15.97
CA ASP A 107 8.51 3.82 16.67
C ASP A 107 7.36 4.31 17.54
N TYR A 108 6.66 5.34 17.07
CA TYR A 108 5.54 5.90 17.81
C TYR A 108 4.23 5.23 17.41
N VAL A 109 3.97 4.05 17.99
CA VAL A 109 2.76 3.31 17.68
C VAL A 109 1.71 3.52 18.77
N ASP A 110 0.49 3.86 18.35
CA ASP A 110 -0.60 4.10 19.28
C ASP A 110 -1.84 3.29 18.88
N ILE A 111 -1.61 2.09 18.33
CA ILE A 111 -2.70 1.23 17.92
C ILE A 111 -3.51 1.87 16.79
N ASN A 112 -3.46 1.26 15.61
CA ASN A 112 -4.20 1.78 14.46
C ASN A 112 -5.51 1.01 14.25
N GLU A 113 -6.12 0.61 15.36
CA GLU A 113 -7.38 -0.13 15.31
C GLU A 113 -8.16 0.04 16.60
N ASP A 114 -9.10 0.99 16.61
CA ASP A 114 -9.92 1.24 17.78
C ASP A 114 -11.09 0.27 17.85
N GLU A 115 -11.03 -0.66 18.81
CA GLU A 115 -12.08 -1.65 18.99
C GLU A 115 -13.23 -1.07 19.81
N ASP A 116 -14.07 -0.26 19.16
CA ASP A 116 -15.20 0.36 19.83
C ASP A 116 -16.50 -0.35 19.45
N SER A 117 -16.56 -0.87 18.23
CA SER A 117 -17.74 -1.57 17.75
C SER A 117 -18.96 -0.65 17.76
N GLY A 118 -19.27 -0.09 16.59
CA GLY A 118 -20.42 0.81 16.49
C GLY A 118 -21.11 0.69 15.14
N PRO A 119 -21.69 -0.48 14.82
CA PRO A 119 -22.39 -0.70 13.55
C PRO A 119 -23.45 0.37 13.29
N SER A 120 -23.25 1.14 12.24
CA SER A 120 -24.19 2.20 11.87
C SER A 120 -23.99 2.64 10.43
N SER A 121 -22.73 2.88 10.06
CA SER A 121 -22.40 3.31 8.70
C SER A 121 -20.99 2.87 8.32
N GLY A 122 -20.04 3.11 9.22
CA GLY A 122 -18.66 2.74 8.96
C GLY A 122 -17.75 3.93 8.87
N GLY A 1 -35.06 -25.09 -18.92
CA GLY A 1 -33.78 -24.42 -19.28
C GLY A 1 -32.90 -25.27 -20.18
N SER A 2 -32.99 -25.03 -21.48
CA SER A 2 -32.19 -25.78 -22.44
C SER A 2 -31.94 -24.95 -23.70
N SER A 3 -30.70 -24.96 -24.17
CA SER A 3 -30.32 -24.21 -25.36
C SER A 3 -31.05 -24.74 -26.59
N GLY A 4 -31.54 -23.82 -27.42
CA GLY A 4 -32.25 -24.22 -28.61
C GLY A 4 -32.11 -23.21 -29.74
N SER A 5 -33.22 -22.93 -30.42
CA SER A 5 -33.22 -21.96 -31.52
C SER A 5 -34.37 -20.98 -31.38
N SER A 6 -34.06 -19.72 -31.09
CA SER A 6 -35.07 -18.69 -30.94
C SER A 6 -34.59 -17.37 -31.54
N GLY A 7 -33.37 -16.98 -31.22
CA GLY A 7 -32.82 -15.75 -31.75
C GLY A 7 -31.95 -15.02 -30.74
N VAL A 8 -31.54 -13.81 -31.08
CA VAL A 8 -30.70 -13.01 -30.20
C VAL A 8 -29.35 -13.68 -29.97
N GLU A 9 -28.31 -12.87 -29.81
CA GLU A 9 -26.97 -13.38 -29.59
C GLU A 9 -26.51 -13.11 -28.15
N HIS A 10 -25.23 -13.34 -27.89
CA HIS A 10 -24.66 -13.12 -26.56
C HIS A 10 -23.15 -13.20 -26.59
N GLU A 11 -22.51 -12.62 -25.57
CA GLU A 11 -21.06 -12.62 -25.48
C GLU A 11 -20.44 -11.90 -26.68
N GLN A 12 -19.12 -11.74 -26.65
CA GLN A 12 -18.41 -11.07 -27.72
C GLN A 12 -16.94 -11.47 -27.74
N GLN A 13 -16.17 -10.85 -28.64
CA GLN A 13 -14.75 -11.15 -28.76
C GLN A 13 -13.94 -9.87 -28.92
N VAL A 14 -12.77 -9.82 -28.29
CA VAL A 14 -11.90 -8.65 -28.37
C VAL A 14 -11.23 -8.56 -29.74
N THR A 15 -11.34 -7.39 -30.36
CA THR A 15 -10.74 -7.17 -31.67
C THR A 15 -9.82 -5.96 -31.65
N GLU A 16 -10.27 -4.88 -31.02
CA GLU A 16 -9.47 -3.66 -30.93
C GLU A 16 -8.66 -3.64 -29.64
N SER A 17 -7.98 -4.74 -29.37
CA SER A 17 -7.15 -4.85 -28.17
C SER A 17 -7.99 -4.66 -26.90
N PRO A 18 -7.49 -5.13 -25.75
CA PRO A 18 -8.21 -5.01 -24.47
C PRO A 18 -8.27 -3.57 -23.98
N SER A 19 -7.37 -2.73 -24.47
CA SER A 19 -7.33 -1.32 -24.09
C SER A 19 -7.01 -1.18 -22.61
N LEU A 20 -6.88 0.06 -22.15
CA LEU A 20 -6.56 0.34 -20.75
C LEU A 20 -5.22 -0.28 -20.36
N ALA A 21 -4.31 -0.35 -21.33
CA ALA A 21 -2.99 -0.92 -21.08
C ALA A 21 -1.90 0.15 -21.22
N SER A 22 -1.42 0.64 -20.09
CA SER A 22 -0.38 1.66 -20.07
C SER A 22 0.80 1.22 -19.22
N VAL A 23 1.92 0.89 -19.88
CA VAL A 23 3.11 0.45 -19.18
C VAL A 23 2.87 -0.86 -18.45
N PRO A 24 3.74 -1.87 -18.65
CA PRO A 24 3.60 -3.17 -18.00
C PRO A 24 3.84 -3.10 -16.49
N THR A 25 2.76 -3.03 -15.74
CA THR A 25 2.85 -2.95 -14.29
C THR A 25 3.37 -4.26 -13.70
N ALA A 26 2.62 -5.32 -13.92
CA ALA A 26 3.00 -6.64 -13.42
C ALA A 26 3.08 -6.65 -11.90
N ASP A 27 2.15 -5.96 -11.26
CA ASP A 27 2.11 -5.88 -9.80
C ASP A 27 3.39 -5.23 -9.26
N GLU A 28 3.28 -3.98 -8.85
CA GLU A 28 4.41 -3.24 -8.31
C GLU A 28 4.57 -3.50 -6.81
N LEU A 29 3.52 -3.20 -6.05
CA LEU A 29 3.54 -3.39 -4.61
C LEU A 29 3.01 -4.78 -4.24
N PHE A 30 3.89 -5.76 -4.19
CA PHE A 30 3.52 -7.12 -3.84
C PHE A 30 4.01 -7.49 -2.45
N ASP A 31 5.23 -7.10 -2.13
CA ASP A 31 5.83 -7.39 -0.84
C ASP A 31 5.15 -6.57 0.26
N PHE A 32 4.69 -5.37 -0.10
CA PHE A 32 4.02 -4.49 0.86
C PHE A 32 2.66 -5.05 1.25
N HIS A 33 2.39 -5.06 2.56
CA HIS A 33 1.12 -5.56 3.07
C HIS A 33 0.29 -4.43 3.66
N ILE A 34 -1.03 -4.60 3.64
CA ILE A 34 -1.94 -3.60 4.17
C ILE A 34 -1.95 -3.61 5.69
N GLY A 35 -1.48 -2.52 6.30
CA GLY A 35 -1.45 -2.42 7.74
C GLY A 35 -0.03 -2.40 8.28
N ASP A 36 0.90 -1.88 7.48
CA ASP A 36 2.30 -1.80 7.89
C ASP A 36 2.83 -0.38 7.73
N ARG A 37 3.92 -0.08 8.42
CA ARG A 37 4.54 1.24 8.36
C ARG A 37 5.15 1.49 6.99
N VAL A 38 4.89 2.67 6.43
CA VAL A 38 5.42 3.03 5.12
C VAL A 38 5.75 4.52 5.06
N LEU A 39 6.94 4.83 4.55
CA LEU A 39 7.38 6.21 4.43
C LEU A 39 7.17 6.73 3.01
N ILE A 40 6.35 7.78 2.89
CA ILE A 40 6.06 8.35 1.59
C ILE A 40 7.16 9.33 1.16
N GLY A 41 7.85 8.99 0.08
CA GLY A 41 8.92 9.84 -0.42
C GLY A 41 10.03 10.02 0.60
N ASN A 42 10.11 9.11 1.56
CA ASN A 42 11.14 9.19 2.60
C ASN A 42 11.08 10.53 3.33
N VAL A 43 9.90 10.87 3.83
CA VAL A 43 9.71 12.13 4.55
C VAL A 43 8.37 12.16 5.28
N GLN A 44 7.33 11.66 4.60
CA GLN A 44 5.99 11.64 5.18
C GLN A 44 5.67 10.25 5.75
N PRO A 45 5.79 10.08 7.07
CA PRO A 45 5.49 8.80 7.73
C PRO A 45 4.01 8.49 7.76
N GLY A 46 3.67 7.21 7.61
CA GLY A 46 2.27 6.81 7.62
C GLY A 46 2.10 5.31 7.62
N ILE A 47 0.88 4.85 7.38
CA ILE A 47 0.58 3.42 7.36
C ILE A 47 -0.09 3.02 6.04
N LEU A 48 0.36 1.92 5.45
CA LEU A 48 -0.20 1.44 4.20
C LEU A 48 -1.60 0.87 4.42
N ARG A 49 -2.61 1.56 3.89
CA ARG A 49 -3.99 1.12 4.04
C ARG A 49 -4.52 0.53 2.73
N PHE A 50 -4.00 1.03 1.61
CA PHE A 50 -4.41 0.55 0.29
C PHE A 50 -3.25 0.57 -0.68
N LYS A 51 -3.40 -0.14 -1.80
CA LYS A 51 -2.35 -0.21 -2.82
C LYS A 51 -2.83 -1.01 -4.03
N GLY A 52 -3.08 -0.30 -5.13
CA GLY A 52 -3.54 -0.96 -6.33
C GLY A 52 -4.17 0.00 -7.32
N GLU A 53 -4.78 -0.54 -8.37
CA GLU A 53 -5.43 0.28 -9.39
C GLU A 53 -6.57 1.08 -8.79
N THR A 54 -6.88 2.22 -9.40
CA THR A 54 -7.95 3.09 -8.94
C THR A 54 -8.89 3.46 -10.08
N SER A 55 -9.85 4.33 -9.79
CA SER A 55 -10.82 4.77 -10.80
C SER A 55 -10.45 6.15 -11.33
N PHE A 56 -9.84 6.97 -10.48
CA PHE A 56 -9.44 8.32 -10.87
C PHE A 56 -8.19 8.29 -11.73
N ALA A 57 -7.33 7.30 -11.47
CA ALA A 57 -6.09 7.15 -12.23
C ALA A 57 -5.81 5.69 -12.56
N LYS A 58 -4.77 5.45 -13.34
CA LYS A 58 -4.39 4.10 -13.73
C LYS A 58 -3.05 3.70 -13.11
N GLY A 59 -2.81 2.40 -13.00
CA GLY A 59 -1.57 1.92 -12.43
C GLY A 59 -1.72 1.48 -10.98
N PHE A 60 -0.81 1.94 -10.13
CA PHE A 60 -0.85 1.59 -8.72
C PHE A 60 -0.95 2.84 -7.85
N TRP A 61 -1.74 2.75 -6.79
CA TRP A 61 -1.93 3.88 -5.88
C TRP A 61 -2.01 3.40 -4.44
N ALA A 62 -1.01 3.75 -3.64
CA ALA A 62 -0.97 3.36 -2.24
C ALA A 62 -1.63 4.42 -1.35
N GLY A 63 -2.60 4.00 -0.56
CA GLY A 63 -3.29 4.91 0.33
C GLY A 63 -2.69 4.92 1.72
N VAL A 64 -1.65 5.72 1.91
CA VAL A 64 -0.98 5.82 3.20
C VAL A 64 -1.77 6.70 4.17
N GLU A 65 -1.80 6.29 5.43
CA GLU A 65 -2.53 7.04 6.45
C GLU A 65 -1.55 7.78 7.37
N LEU A 66 -1.50 9.09 7.25
CA LEU A 66 -0.61 9.91 8.07
C LEU A 66 -1.12 9.99 9.50
N ASP A 67 -0.20 10.11 10.45
CA ASP A 67 -0.55 10.19 11.86
C ASP A 67 -1.16 11.55 12.19
N LYS A 68 -0.75 12.57 11.44
CA LYS A 68 -1.25 13.92 11.66
C LYS A 68 -2.09 14.38 10.46
N PRO A 69 -2.92 15.42 10.65
CA PRO A 69 -3.77 15.95 9.58
C PRO A 69 -2.96 16.66 8.49
N GLU A 70 -2.18 15.88 7.75
CA GLU A 70 -1.35 16.41 6.68
C GLU A 70 -1.88 15.98 5.31
N GLY A 71 -2.59 14.86 5.28
CA GLY A 71 -3.14 14.35 4.04
C GLY A 71 -4.15 15.30 3.42
N ASN A 72 -5.21 14.74 2.85
CA ASN A 72 -6.24 15.54 2.21
C ASN A 72 -7.56 14.79 2.14
N ASN A 73 -7.49 13.51 1.76
CA ASN A 73 -8.68 12.68 1.66
C ASN A 73 -8.89 11.87 2.93
N ASN A 74 -10.02 11.16 3.00
CA ASN A 74 -10.35 10.35 4.16
C ASN A 74 -10.50 8.89 3.77
N GLY A 75 -9.69 8.44 2.81
CA GLY A 75 -9.74 7.07 2.36
C GLY A 75 -10.61 6.90 1.12
N THR A 76 -11.56 7.80 0.95
CA THR A 76 -12.46 7.74 -0.20
C THR A 76 -12.07 8.78 -1.26
N TYR A 77 -11.49 8.31 -2.35
CA TYR A 77 -11.07 9.19 -3.43
C TYR A 77 -12.11 9.22 -4.55
N ASP A 78 -12.72 10.38 -4.76
CA ASP A 78 -13.72 10.54 -5.80
C ASP A 78 -14.94 9.65 -5.52
N GLY A 79 -15.15 9.34 -4.24
CA GLY A 79 -16.28 8.50 -3.87
C GLY A 79 -15.88 7.06 -3.61
N ILE A 80 -14.79 6.62 -4.24
CA ILE A 80 -14.30 5.27 -4.07
C ILE A 80 -13.64 5.07 -2.71
N ALA A 81 -14.38 4.44 -1.79
CA ALA A 81 -13.86 4.19 -0.45
C ALA A 81 -12.91 3.00 -0.43
N TYR A 82 -11.62 3.26 -0.26
CA TYR A 82 -10.62 2.21 -0.22
C TYR A 82 -10.33 1.78 1.22
N PHE A 83 -10.02 2.76 2.06
CA PHE A 83 -9.73 2.49 3.47
C PHE A 83 -10.42 3.50 4.38
N GLU A 84 -10.30 3.29 5.68
CA GLU A 84 -10.91 4.19 6.65
C GLU A 84 -9.86 4.99 7.40
N CYS A 85 -10.12 6.29 7.57
CA CYS A 85 -9.19 7.17 8.27
C CYS A 85 -9.84 8.51 8.59
N LYS A 86 -9.05 9.44 9.11
CA LYS A 86 -9.55 10.77 9.46
C LYS A 86 -10.02 11.51 8.21
N GLU A 87 -10.38 12.78 8.39
CA GLU A 87 -10.85 13.61 7.29
C GLU A 87 -9.75 13.80 6.24
N LYS A 88 -8.64 14.38 6.65
CA LYS A 88 -7.52 14.63 5.74
C LYS A 88 -6.24 13.97 6.25
N HIS A 89 -6.28 12.66 6.44
CA HIS A 89 -5.13 11.91 6.91
C HIS A 89 -4.64 10.90 5.87
N GLY A 90 -5.56 10.43 5.04
CA GLY A 90 -5.20 9.48 4.00
C GLY A 90 -4.80 10.15 2.71
N ILE A 91 -3.61 9.82 2.23
CA ILE A 91 -3.11 10.39 0.98
C ILE A 91 -2.62 9.31 0.03
N PHE A 92 -3.25 9.22 -1.13
CA PHE A 92 -2.89 8.22 -2.12
C PHE A 92 -1.63 8.65 -2.88
N ALA A 93 -0.58 7.83 -2.77
CA ALA A 93 0.68 8.12 -3.45
C ALA A 93 1.12 6.95 -4.30
N PRO A 94 1.77 7.23 -5.45
CA PRO A 94 2.25 6.19 -6.36
C PRO A 94 3.10 5.14 -5.65
N PRO A 95 3.33 3.98 -6.28
CA PRO A 95 4.14 2.90 -5.70
C PRO A 95 5.60 3.32 -5.50
N GLN A 96 6.11 4.13 -6.42
CA GLN A 96 7.48 4.60 -6.34
C GLN A 96 7.72 5.41 -5.06
N LYS A 97 6.65 5.99 -4.53
CA LYS A 97 6.73 6.79 -3.31
C LYS A 97 6.33 5.96 -2.10
N ILE A 98 6.56 4.65 -2.16
CA ILE A 98 6.23 3.76 -1.07
C ILE A 98 7.47 3.04 -0.54
N SER A 99 7.96 3.48 0.62
CA SER A 99 9.14 2.88 1.23
C SER A 99 8.86 2.47 2.67
N HIS A 100 9.80 1.78 3.29
CA HIS A 100 9.66 1.33 4.67
C HIS A 100 10.24 2.36 5.64
N ILE A 101 9.50 2.67 6.68
CA ILE A 101 9.94 3.64 7.68
C ILE A 101 11.04 3.05 8.56
N PRO A 102 12.24 3.66 8.57
CA PRO A 102 13.37 3.18 9.37
C PRO A 102 12.99 2.99 10.84
N GLU A 103 13.90 2.39 11.60
CA GLU A 103 13.66 2.15 13.01
C GLU A 103 13.98 3.39 13.84
N ASN A 104 14.95 4.17 13.37
CA ASN A 104 15.37 5.38 14.07
C ASN A 104 14.81 6.62 13.37
N PHE A 105 13.60 6.50 12.83
CA PHE A 105 12.97 7.62 12.13
C PHE A 105 11.99 8.34 13.05
N ASP A 106 11.34 7.59 13.93
CA ASP A 106 10.37 8.16 14.86
C ASP A 106 10.59 7.61 16.27
N ASP A 107 10.75 6.30 16.36
CA ASP A 107 10.96 5.64 17.65
C ASP A 107 9.81 5.94 18.61
N TYR A 108 8.61 6.12 18.07
CA TYR A 108 7.43 6.40 18.87
C TYR A 108 6.62 5.14 19.10
N VAL A 109 5.98 5.07 20.27
CA VAL A 109 5.16 3.90 20.61
C VAL A 109 3.67 4.22 20.47
N ASP A 110 3.34 5.01 19.45
CA ASP A 110 1.95 5.38 19.20
C ASP A 110 1.60 5.25 17.73
N ILE A 111 1.06 4.09 17.36
CA ILE A 111 0.69 3.83 15.98
C ILE A 111 -0.72 3.24 15.89
N ASN A 112 -1.67 4.07 15.44
CA ASN A 112 -3.06 3.64 15.31
C ASN A 112 -3.68 3.39 16.68
N GLU A 113 -3.25 2.32 17.35
CA GLU A 113 -3.76 1.98 18.66
C GLU A 113 -2.67 2.06 19.71
N ASP A 114 -3.04 2.47 20.93
CA ASP A 114 -2.08 2.60 22.02
C ASP A 114 -1.74 1.23 22.61
N GLU A 115 -2.76 0.49 22.98
CA GLU A 115 -2.57 -0.84 23.56
C GLU A 115 -1.74 -0.77 24.83
N ASP A 116 -1.49 -1.92 25.44
CA ASP A 116 -0.70 -1.99 26.67
C ASP A 116 -0.17 -3.40 26.90
N SER A 117 1.15 -3.54 26.93
CA SER A 117 1.78 -4.84 27.15
C SER A 117 3.19 -4.67 27.71
N GLY A 118 3.98 -3.82 27.07
CA GLY A 118 5.34 -3.59 27.52
C GLY A 118 6.37 -4.15 26.55
N PRO A 119 6.84 -5.38 26.77
CA PRO A 119 7.83 -6.02 25.90
C PRO A 119 7.26 -6.40 24.54
N SER A 120 8.15 -6.66 23.58
CA SER A 120 7.73 -7.04 22.23
C SER A 120 7.71 -8.56 22.08
N SER A 121 6.74 -9.06 21.32
CA SER A 121 6.61 -10.49 21.09
C SER A 121 7.03 -10.86 19.67
N GLY A 122 6.79 -9.94 18.73
CA GLY A 122 7.16 -10.19 17.35
C GLY A 122 6.72 -9.06 16.42
N GLY A 1 9.81 -3.04 -60.56
CA GLY A 1 8.79 -2.93 -59.49
C GLY A 1 7.61 -2.06 -59.89
N SER A 2 7.76 -0.76 -59.73
CA SER A 2 6.71 0.19 -60.07
C SER A 2 7.11 1.03 -61.29
N SER A 3 6.13 1.71 -61.88
CA SER A 3 6.38 2.56 -63.04
C SER A 3 6.10 4.03 -62.71
N GLY A 4 7.12 4.87 -62.86
CA GLY A 4 6.96 6.28 -62.58
C GLY A 4 8.28 6.98 -62.32
N SER A 5 8.68 7.03 -61.05
CA SER A 5 9.93 7.67 -60.68
C SER A 5 11.00 6.64 -60.37
N SER A 6 12.18 7.10 -59.98
CA SER A 6 13.29 6.22 -59.65
C SER A 6 14.05 6.72 -58.43
N GLY A 7 14.21 5.85 -57.44
CA GLY A 7 14.92 6.22 -56.22
C GLY A 7 14.50 5.40 -55.03
N VAL A 8 15.31 4.39 -54.70
CA VAL A 8 15.01 3.51 -53.58
C VAL A 8 15.58 4.09 -52.27
N GLU A 9 15.00 3.68 -51.16
CA GLU A 9 15.44 4.16 -49.85
C GLU A 9 15.07 3.16 -48.76
N HIS A 10 16.09 2.64 -48.07
CA HIS A 10 15.87 1.67 -47.00
C HIS A 10 17.17 1.41 -46.23
N GLU A 11 17.42 2.22 -45.21
CA GLU A 11 18.63 2.07 -44.41
C GLU A 11 18.28 1.85 -42.94
N GLN A 12 19.22 1.30 -42.19
CA GLN A 12 19.02 1.03 -40.77
C GLN A 12 19.99 1.83 -39.91
N GLN A 13 19.45 2.78 -39.14
CA GLN A 13 20.27 3.63 -38.28
C GLN A 13 19.41 4.38 -37.29
N VAL A 14 19.50 4.02 -36.02
CA VAL A 14 18.71 4.66 -34.97
C VAL A 14 19.54 4.81 -33.69
N THR A 15 19.05 5.63 -32.78
CA THR A 15 19.74 5.88 -31.51
C THR A 15 19.76 4.61 -30.67
N GLU A 16 18.63 3.90 -30.64
CA GLU A 16 18.52 2.67 -29.87
C GLU A 16 18.68 2.94 -28.38
N SER A 17 17.93 2.21 -27.56
CA SER A 17 17.99 2.37 -26.11
C SER A 17 18.36 1.06 -25.43
N PRO A 18 18.89 1.13 -24.20
CA PRO A 18 19.30 -0.06 -23.45
C PRO A 18 18.09 -0.88 -22.99
N SER A 19 17.81 -1.96 -23.72
CA SER A 19 16.69 -2.83 -23.39
C SER A 19 15.36 -2.07 -23.48
N LEU A 20 14.30 -2.79 -23.84
CA LEU A 20 12.98 -2.19 -23.97
C LEU A 20 11.89 -3.26 -23.95
N ALA A 21 12.15 -4.36 -23.24
CA ALA A 21 11.20 -5.45 -23.14
C ALA A 21 10.78 -5.69 -21.70
N SER A 22 9.72 -5.00 -21.27
CA SER A 22 9.23 -5.14 -19.91
C SER A 22 8.08 -6.15 -19.85
N VAL A 23 8.34 -7.28 -19.20
CA VAL A 23 7.32 -8.33 -19.08
C VAL A 23 6.19 -7.89 -18.15
N PRO A 24 4.98 -7.70 -18.70
CA PRO A 24 3.81 -7.28 -17.90
C PRO A 24 3.59 -8.17 -16.70
N THR A 25 3.61 -7.57 -15.52
CA THR A 25 3.41 -8.32 -14.27
C THR A 25 2.07 -7.98 -13.63
N ALA A 26 1.56 -6.79 -13.95
CA ALA A 26 0.28 -6.34 -13.41
C ALA A 26 0.35 -6.18 -11.89
N ASP A 27 1.50 -5.73 -11.40
CA ASP A 27 1.70 -5.54 -9.96
C ASP A 27 2.96 -4.72 -9.70
N GLU A 28 2.98 -4.03 -8.56
CA GLU A 28 4.13 -3.22 -8.18
C GLU A 28 4.42 -3.34 -6.70
N LEU A 29 3.38 -3.21 -5.88
CA LEU A 29 3.53 -3.30 -4.43
C LEU A 29 3.14 -4.70 -3.94
N PHE A 30 3.70 -5.72 -4.58
CA PHE A 30 3.42 -7.10 -4.20
C PHE A 30 4.05 -7.44 -2.86
N ASP A 31 5.17 -6.80 -2.55
CA ASP A 31 5.87 -7.04 -1.29
C ASP A 31 5.52 -5.97 -0.27
N PHE A 32 4.26 -5.52 -0.30
CA PHE A 32 3.80 -4.48 0.63
C PHE A 32 2.39 -4.79 1.12
N HIS A 33 2.29 -5.37 2.31
CA HIS A 33 0.99 -5.71 2.89
C HIS A 33 0.37 -4.49 3.56
N ILE A 34 -0.96 -4.48 3.62
CA ILE A 34 -1.69 -3.38 4.25
C ILE A 34 -1.63 -3.46 5.76
N GLY A 35 -1.45 -2.32 6.41
CA GLY A 35 -1.38 -2.29 7.85
C GLY A 35 0.01 -1.99 8.36
N ASP A 36 1.02 -2.37 7.57
CA ASP A 36 2.41 -2.14 7.95
C ASP A 36 2.79 -0.66 7.77
N ARG A 37 3.88 -0.27 8.41
CA ARG A 37 4.35 1.11 8.33
C ARG A 37 5.01 1.38 6.99
N VAL A 38 4.75 2.55 6.43
CA VAL A 38 5.32 2.93 5.13
C VAL A 38 5.72 4.40 5.13
N LEU A 39 6.89 4.69 4.56
CA LEU A 39 7.40 6.05 4.48
C LEU A 39 7.23 6.60 3.06
N ILE A 40 6.48 7.69 2.95
CA ILE A 40 6.24 8.32 1.65
C ILE A 40 7.42 9.19 1.24
N GLY A 41 8.12 8.78 0.19
CA GLY A 41 9.26 9.54 -0.28
C GLY A 41 10.33 9.72 0.77
N ASN A 42 10.32 8.85 1.77
CA ASN A 42 11.30 8.91 2.86
C ASN A 42 11.27 10.28 3.54
N VAL A 43 10.10 10.65 4.04
CA VAL A 43 9.94 11.93 4.73
C VAL A 43 8.58 12.01 5.44
N GLN A 44 7.54 11.55 4.76
CA GLN A 44 6.19 11.56 5.34
C GLN A 44 5.83 10.19 5.92
N PRO A 45 5.91 10.04 7.26
CA PRO A 45 5.58 8.78 7.93
C PRO A 45 4.09 8.49 7.93
N GLY A 46 3.74 7.27 7.57
CA GLY A 46 2.34 6.87 7.53
C GLY A 46 2.16 5.36 7.52
N ILE A 47 0.91 4.93 7.35
CA ILE A 47 0.62 3.50 7.33
C ILE A 47 -0.05 3.10 6.01
N LEU A 48 0.38 1.96 5.48
CA LEU A 48 -0.17 1.46 4.21
C LEU A 48 -1.59 0.94 4.41
N ARG A 49 -2.56 1.67 3.89
CA ARG A 49 -3.96 1.27 4.00
C ARG A 49 -4.47 0.68 2.70
N PHE A 50 -3.94 1.16 1.58
CA PHE A 50 -4.34 0.66 0.27
C PHE A 50 -3.16 0.68 -0.71
N LYS A 51 -3.29 -0.05 -1.80
CA LYS A 51 -2.24 -0.12 -2.81
C LYS A 51 -2.71 -0.91 -4.03
N GLY A 52 -3.04 -0.18 -5.10
CA GLY A 52 -3.50 -0.83 -6.32
C GLY A 52 -4.12 0.14 -7.29
N GLU A 53 -4.84 -0.39 -8.28
CA GLU A 53 -5.50 0.45 -9.28
C GLU A 53 -6.77 1.07 -8.70
N THR A 54 -7.17 2.20 -9.27
CA THR A 54 -8.37 2.91 -8.82
C THR A 54 -9.26 3.28 -9.99
N SER A 55 -10.32 4.02 -9.71
CA SER A 55 -11.26 4.44 -10.76
C SER A 55 -10.97 5.87 -11.19
N PHE A 56 -10.61 6.72 -10.23
CA PHE A 56 -10.30 8.12 -10.51
C PHE A 56 -9.08 8.23 -11.42
N ALA A 57 -8.16 7.29 -11.29
CA ALA A 57 -6.95 7.30 -12.10
C ALA A 57 -6.36 5.89 -12.21
N LYS A 58 -5.71 5.62 -13.34
CA LYS A 58 -5.10 4.31 -13.57
C LYS A 58 -3.75 4.21 -12.89
N GLY A 59 -3.23 3.00 -12.79
CA GLY A 59 -1.94 2.78 -12.16
C GLY A 59 -2.06 2.46 -10.68
N PHE A 60 -0.96 2.03 -10.07
CA PHE A 60 -0.95 1.69 -8.66
C PHE A 60 -1.02 2.95 -7.80
N TRP A 61 -1.94 2.95 -6.84
CA TRP A 61 -2.13 4.09 -5.95
C TRP A 61 -2.19 3.63 -4.49
N ALA A 62 -1.12 3.92 -3.75
CA ALA A 62 -1.06 3.54 -2.34
C ALA A 62 -1.64 4.63 -1.45
N GLY A 63 -2.64 4.27 -0.66
CA GLY A 63 -3.26 5.22 0.24
C GLY A 63 -2.70 5.17 1.64
N VAL A 64 -1.61 5.90 1.86
CA VAL A 64 -0.96 5.92 3.17
C VAL A 64 -1.72 6.84 4.13
N GLU A 65 -1.81 6.41 5.38
CA GLU A 65 -2.51 7.19 6.40
C GLU A 65 -1.52 7.98 7.25
N LEU A 66 -1.40 9.28 6.98
CA LEU A 66 -0.49 10.14 7.71
C LEU A 66 -0.91 10.26 9.17
N ASP A 67 0.07 10.49 10.05
CA ASP A 67 -0.21 10.62 11.47
C ASP A 67 -0.91 11.94 11.77
N LYS A 68 -0.51 12.99 11.06
CA LYS A 68 -1.10 14.31 11.25
C LYS A 68 -1.70 14.83 9.94
N PRO A 69 -2.63 15.79 10.03
CA PRO A 69 -3.28 16.37 8.85
C PRO A 69 -2.27 16.92 7.85
N GLU A 70 -1.80 16.07 6.95
CA GLU A 70 -0.83 16.47 5.94
C GLU A 70 -1.12 15.80 4.61
N GLY A 71 -2.39 15.52 4.34
CA GLY A 71 -2.78 14.87 3.11
C GLY A 71 -3.89 15.63 2.39
N ASN A 72 -4.87 14.88 1.88
CA ASN A 72 -6.00 15.48 1.17
C ASN A 72 -7.01 14.42 0.77
N ASN A 73 -7.23 13.45 1.66
CA ASN A 73 -8.17 12.37 1.40
C ASN A 73 -8.62 11.72 2.71
N ASN A 74 -9.79 11.08 2.68
CA ASN A 74 -10.32 10.42 3.87
C ASN A 74 -10.58 8.94 3.58
N GLY A 75 -9.81 8.37 2.66
CA GLY A 75 -9.98 6.96 2.31
C GLY A 75 -10.92 6.76 1.16
N THR A 76 -11.79 7.74 0.90
CA THR A 76 -12.75 7.65 -0.19
C THR A 76 -12.45 8.68 -1.29
N TYR A 77 -11.93 8.20 -2.41
CA TYR A 77 -11.60 9.07 -3.52
C TYR A 77 -12.70 9.04 -4.59
N ASP A 78 -13.39 10.16 -4.75
CA ASP A 78 -14.47 10.26 -5.73
C ASP A 78 -15.61 9.30 -5.39
N GLY A 79 -15.76 9.01 -4.10
CA GLY A 79 -16.81 8.11 -3.65
C GLY A 79 -16.31 6.70 -3.41
N ILE A 80 -15.25 6.32 -4.10
CA ILE A 80 -14.68 4.99 -3.95
C ILE A 80 -13.90 4.87 -2.64
N ALA A 81 -14.49 4.14 -1.69
CA ALA A 81 -13.86 3.94 -0.39
C ALA A 81 -12.83 2.81 -0.43
N TYR A 82 -11.62 3.12 -0.01
CA TYR A 82 -10.54 2.12 -0.01
C TYR A 82 -10.11 1.80 1.42
N PHE A 83 -10.09 2.82 2.27
CA PHE A 83 -9.70 2.65 3.67
C PHE A 83 -10.41 3.65 4.56
N GLU A 84 -10.11 3.61 5.86
CA GLU A 84 -10.72 4.51 6.82
C GLU A 84 -9.67 5.44 7.44
N CYS A 85 -10.04 6.69 7.63
CA CYS A 85 -9.15 7.68 8.23
C CYS A 85 -9.84 9.02 8.41
N LYS A 86 -9.09 10.01 8.87
CA LYS A 86 -9.64 11.35 9.10
C LYS A 86 -10.02 12.00 7.77
N GLU A 87 -10.46 13.25 7.85
CA GLU A 87 -10.85 13.99 6.65
C GLU A 87 -9.67 14.27 5.75
N LYS A 88 -8.56 14.73 6.33
CA LYS A 88 -7.36 15.03 5.58
C LYS A 88 -6.13 14.38 6.19
N HIS A 89 -6.16 13.05 6.27
CA HIS A 89 -5.03 12.30 6.83
C HIS A 89 -4.46 11.33 5.82
N GLY A 90 -5.34 10.65 5.09
CA GLY A 90 -4.89 9.70 4.09
C GLY A 90 -4.49 10.37 2.79
N ILE A 91 -3.53 9.79 2.09
CA ILE A 91 -3.05 10.34 0.83
C ILE A 91 -2.67 9.22 -0.15
N PHE A 92 -3.11 9.36 -1.40
CA PHE A 92 -2.81 8.36 -2.42
C PHE A 92 -1.49 8.69 -3.11
N ALA A 93 -0.44 7.96 -2.75
CA ALA A 93 0.88 8.17 -3.34
C ALA A 93 1.29 6.97 -4.19
N PRO A 94 1.94 7.21 -5.34
CA PRO A 94 2.39 6.14 -6.23
C PRO A 94 3.23 5.08 -5.51
N PRO A 95 3.38 3.90 -6.10
CA PRO A 95 4.17 2.81 -5.50
C PRO A 95 5.63 3.18 -5.33
N GLN A 96 6.15 3.96 -6.27
CA GLN A 96 7.55 4.39 -6.22
C GLN A 96 7.82 5.22 -4.98
N LYS A 97 6.76 5.86 -4.46
CA LYS A 97 6.88 6.70 -3.27
C LYS A 97 6.48 5.92 -2.01
N ILE A 98 6.74 4.62 -2.03
CA ILE A 98 6.41 3.77 -0.88
C ILE A 98 7.63 3.02 -0.37
N SER A 99 8.04 3.33 0.86
CA SER A 99 9.20 2.69 1.46
C SER A 99 8.88 2.21 2.88
N HIS A 100 9.82 1.49 3.48
CA HIS A 100 9.64 0.98 4.83
C HIS A 100 10.18 1.96 5.86
N ILE A 101 9.37 2.28 6.87
CA ILE A 101 9.77 3.21 7.92
C ILE A 101 10.76 2.55 8.88
N PRO A 102 11.94 3.19 9.11
CA PRO A 102 12.96 2.65 10.00
C PRO A 102 12.40 2.37 11.40
N GLU A 103 13.01 1.41 12.10
CA GLU A 103 12.58 1.06 13.44
C GLU A 103 13.01 2.12 14.45
N ASN A 104 14.11 2.81 14.15
CA ASN A 104 14.62 3.85 15.02
C ASN A 104 13.73 5.09 15.00
N PHE A 105 13.04 5.30 13.87
CA PHE A 105 12.17 6.44 13.71
C PHE A 105 11.11 6.48 14.82
N ASP A 106 10.32 5.42 14.90
CA ASP A 106 9.27 5.33 15.91
C ASP A 106 8.26 6.46 15.77
N ASP A 107 7.33 6.31 14.82
CA ASP A 107 6.31 7.32 14.59
C ASP A 107 4.93 6.80 14.99
N TYR A 108 4.73 5.50 14.85
CA TYR A 108 3.45 4.88 15.20
C TYR A 108 3.14 5.07 16.68
N VAL A 109 2.55 6.21 17.00
CA VAL A 109 2.19 6.52 18.39
C VAL A 109 0.72 6.23 18.66
N ASP A 110 0.20 5.20 17.99
CA ASP A 110 -1.20 4.81 18.15
C ASP A 110 -2.13 5.93 17.69
N ILE A 111 -2.37 6.00 16.38
CA ILE A 111 -3.24 7.01 15.82
C ILE A 111 -4.32 6.38 14.95
N ASN A 112 -4.72 5.16 15.30
CA ASN A 112 -5.74 4.44 14.55
C ASN A 112 -7.00 4.25 15.38
N GLU A 113 -8.11 4.81 14.92
CA GLU A 113 -9.38 4.70 15.62
C GLU A 113 -9.30 5.37 17.00
N ASP A 114 -10.39 6.00 17.40
CA ASP A 114 -10.44 6.69 18.69
C ASP A 114 -11.26 5.89 19.70
N GLU A 115 -10.70 5.72 20.90
CA GLU A 115 -11.37 4.97 21.95
C GLU A 115 -12.36 5.85 22.70
N ASP A 116 -12.04 7.14 22.80
CA ASP A 116 -12.88 8.09 23.49
C ASP A 116 -13.98 8.62 22.57
N SER A 117 -15.14 7.97 22.60
CA SER A 117 -16.26 8.37 21.76
C SER A 117 -16.79 9.74 22.18
N GLY A 118 -16.72 10.03 23.48
CA GLY A 118 -17.19 11.30 23.98
C GLY A 118 -16.22 11.93 24.96
N PRO A 119 -16.68 12.91 25.75
CA PRO A 119 -15.84 13.59 26.74
C PRO A 119 -15.47 12.69 27.91
N SER A 120 -14.80 13.27 28.91
CA SER A 120 -14.39 12.51 30.09
C SER A 120 -14.02 13.44 31.23
N SER A 121 -13.66 12.87 32.38
CA SER A 121 -13.28 13.65 33.54
C SER A 121 -11.87 13.30 34.00
N GLY A 122 -11.57 12.00 34.03
CA GLY A 122 -10.25 11.55 34.45
C GLY A 122 -9.68 10.50 33.52
N GLY A 1 38.92 -4.78 -25.24
CA GLY A 1 38.93 -4.17 -26.60
C GLY A 1 39.10 -5.21 -27.70
N SER A 2 38.21 -6.20 -27.71
CA SER A 2 38.27 -7.26 -28.71
C SER A 2 37.08 -7.16 -29.66
N SER A 3 35.91 -6.81 -29.11
CA SER A 3 34.70 -6.69 -29.92
C SER A 3 33.82 -5.56 -29.39
N GLY A 4 33.25 -5.75 -28.21
CA GLY A 4 32.40 -4.74 -27.62
C GLY A 4 31.38 -5.33 -26.67
N SER A 5 30.62 -4.46 -26.00
CA SER A 5 29.60 -4.89 -25.06
C SER A 5 30.23 -5.70 -23.92
N SER A 6 30.20 -5.14 -22.72
CA SER A 6 30.75 -5.81 -21.55
C SER A 6 29.74 -5.83 -20.41
N GLY A 7 29.37 -7.04 -19.97
CA GLY A 7 28.41 -7.18 -18.90
C GLY A 7 28.93 -8.05 -17.77
N VAL A 8 29.47 -7.42 -16.74
CA VAL A 8 30.01 -8.14 -15.59
C VAL A 8 29.39 -7.65 -14.29
N GLU A 9 29.58 -6.37 -14.00
CA GLU A 9 29.04 -5.76 -12.78
C GLU A 9 27.62 -5.25 -13.02
N HIS A 10 26.93 -4.96 -11.92
CA HIS A 10 25.56 -4.46 -12.01
C HIS A 10 24.65 -5.46 -12.70
N GLU A 11 23.38 -5.10 -12.87
CA GLU A 11 22.41 -5.97 -13.52
C GLU A 11 21.43 -5.17 -14.36
N GLN A 12 21.96 -4.22 -15.14
CA GLN A 12 21.13 -3.38 -15.99
C GLN A 12 21.70 -3.31 -17.41
N GLN A 13 21.08 -4.04 -18.32
CA GLN A 13 21.53 -4.06 -19.71
C GLN A 13 20.52 -3.35 -20.62
N VAL A 14 20.99 -2.33 -21.33
CA VAL A 14 20.14 -1.57 -22.24
C VAL A 14 20.97 -0.77 -23.23
N THR A 15 20.43 -0.59 -24.43
CA THR A 15 21.12 0.17 -25.47
C THR A 15 20.45 1.51 -25.71
N GLU A 16 19.14 1.48 -25.97
CA GLU A 16 18.38 2.70 -26.21
C GLU A 16 16.93 2.52 -25.80
N SER A 17 16.64 2.75 -24.51
CA SER A 17 15.28 2.61 -23.99
C SER A 17 14.42 3.80 -24.41
N PRO A 18 13.09 3.68 -24.27
CA PRO A 18 12.15 4.75 -24.62
C PRO A 18 12.32 5.98 -23.75
N SER A 19 12.79 5.77 -22.53
CA SER A 19 13.01 6.87 -21.59
C SER A 19 14.27 6.64 -20.75
N LEU A 20 14.23 5.63 -19.90
CA LEU A 20 15.37 5.30 -19.05
C LEU A 20 15.08 4.07 -18.20
N ALA A 21 13.89 4.05 -17.58
CA ALA A 21 13.50 2.93 -16.74
C ALA A 21 12.88 1.81 -17.57
N SER A 22 13.31 0.59 -17.29
CA SER A 22 12.80 -0.58 -18.02
C SER A 22 12.73 -1.80 -17.10
N VAL A 23 12.35 -1.57 -15.84
CA VAL A 23 12.25 -2.64 -14.86
C VAL A 23 10.79 -3.09 -14.70
N PRO A 24 10.40 -4.18 -15.37
CA PRO A 24 9.03 -4.71 -15.29
C PRO A 24 8.70 -5.27 -13.91
N THR A 25 7.70 -4.69 -13.26
CA THR A 25 7.28 -5.14 -11.94
C THR A 25 5.85 -5.65 -11.96
N ALA A 26 4.99 -4.93 -12.68
CA ALA A 26 3.59 -5.31 -12.78
C ALA A 26 2.94 -5.43 -11.42
N ASP A 27 3.41 -4.63 -10.47
CA ASP A 27 2.88 -4.66 -9.11
C ASP A 27 3.55 -3.59 -8.25
N GLU A 28 4.87 -3.61 -8.22
CA GLU A 28 5.64 -2.65 -7.42
C GLU A 28 5.46 -2.91 -5.93
N LEU A 29 4.25 -2.71 -5.44
CA LEU A 29 3.95 -2.92 -4.03
C LEU A 29 3.46 -4.35 -3.79
N PHE A 30 4.20 -5.32 -4.31
CA PHE A 30 3.85 -6.73 -4.14
C PHE A 30 4.27 -7.23 -2.77
N ASP A 31 5.43 -6.78 -2.30
CA ASP A 31 5.92 -7.19 -1.00
C ASP A 31 5.23 -6.42 0.13
N PHE A 32 4.83 -5.20 -0.16
CA PHE A 32 4.15 -4.36 0.82
C PHE A 32 2.79 -4.97 1.20
N HIS A 33 2.47 -4.91 2.49
CA HIS A 33 1.21 -5.45 2.98
C HIS A 33 0.37 -4.36 3.63
N ILE A 34 -0.93 -4.64 3.81
CA ILE A 34 -1.83 -3.68 4.43
C ILE A 34 -1.71 -3.70 5.95
N GLY A 35 -1.45 -2.54 6.54
CA GLY A 35 -1.32 -2.46 7.98
C GLY A 35 0.12 -2.50 8.43
N ASP A 36 0.99 -1.82 7.69
CA ASP A 36 2.42 -1.78 8.02
C ASP A 36 2.97 -0.37 7.87
N ARG A 37 4.06 -0.09 8.59
CA ARG A 37 4.69 1.23 8.55
C ARG A 37 5.33 1.47 7.19
N VAL A 38 5.04 2.62 6.59
CA VAL A 38 5.59 2.98 5.28
C VAL A 38 5.92 4.47 5.21
N LEU A 39 7.05 4.79 4.59
CA LEU A 39 7.48 6.16 4.45
C LEU A 39 7.27 6.66 3.02
N ILE A 40 6.42 7.67 2.88
CA ILE A 40 6.12 8.23 1.56
C ILE A 40 7.21 9.21 1.12
N GLY A 41 7.92 8.86 0.05
CA GLY A 41 8.97 9.72 -0.45
C GLY A 41 10.04 10.00 0.59
N ASN A 42 10.13 9.15 1.60
CA ASN A 42 11.12 9.32 2.66
C ASN A 42 10.97 10.69 3.32
N VAL A 43 9.80 10.94 3.90
CA VAL A 43 9.54 12.21 4.57
C VAL A 43 8.18 12.19 5.28
N GLN A 44 7.19 11.60 4.63
CA GLN A 44 5.85 11.51 5.19
C GLN A 44 5.59 10.13 5.79
N PRO A 45 5.71 9.98 7.12
CA PRO A 45 5.50 8.71 7.80
C PRO A 45 4.02 8.34 7.89
N GLY A 46 3.69 7.11 7.55
CA GLY A 46 2.31 6.66 7.60
C GLY A 46 2.18 5.15 7.51
N ILE A 47 0.95 4.67 7.36
CA ILE A 47 0.70 3.23 7.27
C ILE A 47 -0.01 2.89 5.96
N LEU A 48 0.44 1.83 5.31
CA LEU A 48 -0.16 1.39 4.06
C LEU A 48 -1.56 0.83 4.28
N ARG A 49 -2.56 1.62 3.93
CA ARG A 49 -3.95 1.20 4.08
C ARG A 49 -4.49 0.58 2.81
N PHE A 50 -3.97 1.04 1.66
CA PHE A 50 -4.40 0.51 0.37
C PHE A 50 -3.25 0.56 -0.63
N LYS A 51 -3.41 -0.20 -1.73
CA LYS A 51 -2.38 -0.24 -2.76
C LYS A 51 -2.85 -1.08 -3.95
N GLY A 52 -3.15 -0.42 -5.06
CA GLY A 52 -3.62 -1.13 -6.24
C GLY A 52 -4.20 -0.19 -7.28
N GLU A 53 -4.81 -0.77 -8.31
CA GLU A 53 -5.42 0.02 -9.39
C GLU A 53 -6.68 0.72 -8.89
N THR A 54 -6.76 2.02 -9.15
CA THR A 54 -7.92 2.81 -8.74
C THR A 54 -8.81 3.14 -9.94
N SER A 55 -9.86 3.91 -9.69
CA SER A 55 -10.78 4.30 -10.75
C SER A 55 -10.45 5.69 -11.30
N PHE A 56 -9.84 6.52 -10.45
CA PHE A 56 -9.48 7.88 -10.86
C PHE A 56 -8.17 7.88 -11.63
N ALA A 57 -7.30 6.91 -11.33
CA ALA A 57 -6.01 6.81 -12.00
C ALA A 57 -5.55 5.37 -12.09
N LYS A 58 -5.29 4.90 -13.31
CA LYS A 58 -4.84 3.52 -13.53
C LYS A 58 -3.49 3.28 -12.85
N GLY A 59 -2.96 2.08 -13.03
CA GLY A 59 -1.68 1.73 -12.45
C GLY A 59 -1.80 1.32 -10.99
N PHE A 60 -0.91 1.85 -10.15
CA PHE A 60 -0.92 1.52 -8.74
C PHE A 60 -1.00 2.79 -7.89
N TRP A 61 -1.82 2.75 -6.84
CA TRP A 61 -1.99 3.89 -5.96
C TRP A 61 -2.10 3.44 -4.50
N ALA A 62 -1.10 3.80 -3.70
CA ALA A 62 -1.09 3.43 -2.29
C ALA A 62 -1.68 4.54 -1.43
N GLY A 63 -2.63 4.18 -0.57
CA GLY A 63 -3.26 5.15 0.30
C GLY A 63 -2.73 5.10 1.71
N VAL A 64 -1.64 5.81 1.97
CA VAL A 64 -1.04 5.84 3.29
C VAL A 64 -1.80 6.77 4.23
N GLU A 65 -1.96 6.34 5.48
CA GLU A 65 -2.68 7.13 6.48
C GLU A 65 -1.71 7.85 7.40
N LEU A 66 -1.49 9.14 7.14
CA LEU A 66 -0.59 9.94 7.94
C LEU A 66 -1.09 10.05 9.38
N ASP A 67 -0.15 10.13 10.33
CA ASP A 67 -0.50 10.24 11.74
C ASP A 67 -1.14 11.58 12.05
N LYS A 68 -0.64 12.63 11.40
CA LYS A 68 -1.15 13.98 11.62
C LYS A 68 -1.83 14.51 10.35
N PRO A 69 -2.85 15.38 10.51
CA PRO A 69 -3.58 15.95 9.38
C PRO A 69 -2.66 16.65 8.39
N GLU A 70 -2.12 15.88 7.45
CA GLU A 70 -1.22 16.43 6.43
C GLU A 70 -1.76 16.16 5.03
N GLY A 71 -2.34 14.98 4.83
CA GLY A 71 -2.88 14.64 3.52
C GLY A 71 -4.06 15.50 3.14
N ASN A 72 -4.76 15.11 2.07
CA ASN A 72 -5.92 15.85 1.60
C ASN A 72 -7.03 14.90 1.18
N ASN A 73 -7.12 13.76 1.83
CA ASN A 73 -8.14 12.76 1.53
C ASN A 73 -8.62 12.07 2.80
N ASN A 74 -9.68 11.28 2.67
CA ASN A 74 -10.24 10.56 3.81
C ASN A 74 -10.51 9.09 3.46
N GLY A 75 -9.77 8.58 2.48
CA GLY A 75 -9.94 7.20 2.07
C GLY A 75 -10.91 7.05 0.91
N THR A 76 -11.84 8.00 0.79
CA THR A 76 -12.83 7.95 -0.28
C THR A 76 -12.47 8.94 -1.39
N TYR A 77 -11.94 8.42 -2.48
CA TYR A 77 -11.56 9.26 -3.62
C TYR A 77 -12.66 9.28 -4.67
N ASP A 78 -13.36 10.40 -4.77
CA ASP A 78 -14.45 10.55 -5.74
C ASP A 78 -15.56 9.55 -5.46
N GLY A 79 -15.74 9.19 -4.19
CA GLY A 79 -16.77 8.24 -3.82
C GLY A 79 -16.23 6.86 -3.55
N ILE A 80 -15.15 6.51 -4.25
CA ILE A 80 -14.52 5.19 -4.07
C ILE A 80 -13.78 5.10 -2.75
N ALA A 81 -14.33 4.32 -1.83
CA ALA A 81 -13.73 4.13 -0.51
C ALA A 81 -12.73 2.99 -0.53
N TYR A 82 -11.46 3.31 -0.28
CA TYR A 82 -10.40 2.31 -0.26
C TYR A 82 -10.04 1.94 1.17
N PHE A 83 -10.09 2.91 2.06
CA PHE A 83 -9.76 2.69 3.47
C PHE A 83 -10.50 3.67 4.37
N GLU A 84 -10.26 3.58 5.67
CA GLU A 84 -10.90 4.46 6.64
C GLU A 84 -9.88 5.36 7.33
N CYS A 85 -10.25 6.61 7.55
CA CYS A 85 -9.36 7.57 8.21
C CYS A 85 -10.06 8.91 8.41
N LYS A 86 -9.33 9.88 8.94
CA LYS A 86 -9.88 11.20 9.19
C LYS A 86 -10.28 11.88 7.87
N GLU A 87 -10.66 13.15 7.97
CA GLU A 87 -11.08 13.91 6.79
C GLU A 87 -9.87 14.24 5.91
N LYS A 88 -8.75 14.56 6.55
CA LYS A 88 -7.54 14.90 5.83
C LYS A 88 -6.32 14.23 6.45
N HIS A 89 -6.31 12.89 6.43
CA HIS A 89 -5.20 12.13 6.99
C HIS A 89 -4.61 11.20 5.95
N GLY A 90 -5.46 10.54 5.20
CA GLY A 90 -5.01 9.61 4.17
C GLY A 90 -4.58 10.33 2.90
N ILE A 91 -3.56 9.80 2.24
CA ILE A 91 -3.05 10.40 1.01
C ILE A 91 -2.61 9.33 0.02
N PHE A 92 -3.16 9.37 -1.19
CA PHE A 92 -2.82 8.40 -2.22
C PHE A 92 -1.51 8.78 -2.91
N ALA A 93 -0.51 7.91 -2.79
CA ALA A 93 0.79 8.16 -3.40
C ALA A 93 1.22 6.98 -4.28
N PRO A 94 1.89 7.25 -5.40
CA PRO A 94 2.36 6.19 -6.32
C PRO A 94 3.21 5.15 -5.61
N PRO A 95 3.36 3.96 -6.22
CA PRO A 95 4.15 2.88 -5.63
C PRO A 95 5.63 3.24 -5.51
N GLN A 96 6.11 4.05 -6.44
CA GLN A 96 7.50 4.49 -6.44
C GLN A 96 7.82 5.28 -5.18
N LYS A 97 6.81 5.93 -4.62
CA LYS A 97 6.99 6.73 -3.41
C LYS A 97 6.58 5.94 -2.17
N ILE A 98 6.78 4.62 -2.22
CA ILE A 98 6.43 3.76 -1.10
C ILE A 98 7.66 3.06 -0.54
N SER A 99 8.14 3.52 0.61
CA SER A 99 9.30 2.94 1.25
C SER A 99 8.99 2.48 2.67
N HIS A 100 9.93 1.78 3.29
CA HIS A 100 9.75 1.28 4.65
C HIS A 100 10.36 2.24 5.66
N ILE A 101 9.63 2.51 6.73
CA ILE A 101 10.10 3.41 7.78
C ILE A 101 11.16 2.73 8.65
N PRO A 102 12.35 3.34 8.77
CA PRO A 102 13.44 2.78 9.58
C PRO A 102 13.01 2.47 11.01
N GLU A 103 13.69 1.53 11.64
CA GLU A 103 13.38 1.15 13.01
C GLU A 103 13.80 2.22 13.99
N ASN A 104 14.87 2.93 13.66
CA ASN A 104 15.38 4.00 14.52
C ASN A 104 15.04 5.37 13.94
N PHE A 105 13.87 5.46 13.30
CA PHE A 105 13.42 6.71 12.70
C PHE A 105 12.86 7.65 13.77
N ASP A 106 12.23 7.08 14.78
CA ASP A 106 11.66 7.86 15.88
C ASP A 106 11.20 6.96 17.02
N ASP A 107 10.57 5.85 16.66
CA ASP A 107 10.08 4.90 17.65
C ASP A 107 9.47 3.67 16.98
N TYR A 108 9.34 2.59 17.74
CA TYR A 108 8.77 1.35 17.21
C TYR A 108 7.48 1.00 17.93
N VAL A 109 6.41 0.79 17.15
CA VAL A 109 5.11 0.46 17.72
C VAL A 109 4.22 -0.20 16.66
N ASP A 110 3.71 -1.38 16.99
CA ASP A 110 2.84 -2.11 16.07
C ASP A 110 1.38 -2.05 16.54
N ILE A 111 0.97 -0.88 17.04
CA ILE A 111 -0.39 -0.69 17.51
C ILE A 111 -1.06 0.48 16.80
N ASN A 112 -2.10 0.16 16.02
CA ASN A 112 -2.83 1.20 15.29
C ASN A 112 -3.95 1.78 16.15
N GLU A 113 -4.93 0.95 16.48
CA GLU A 113 -6.06 1.39 17.28
C GLU A 113 -6.57 0.26 18.16
N ASP A 114 -6.77 -0.91 17.55
CA ASP A 114 -7.26 -2.08 18.28
C ASP A 114 -7.28 -3.31 17.39
N GLU A 115 -7.96 -3.19 16.24
CA GLU A 115 -8.06 -4.30 15.30
C GLU A 115 -6.99 -4.17 14.22
N ASP A 116 -6.21 -5.24 14.04
CA ASP A 116 -5.15 -5.26 13.04
C ASP A 116 -5.72 -5.52 11.65
N SER A 117 -4.93 -5.21 10.62
CA SER A 117 -5.36 -5.41 9.24
C SER A 117 -5.44 -6.91 8.91
N GLY A 118 -4.58 -7.69 9.55
CA GLY A 118 -4.58 -9.13 9.31
C GLY A 118 -5.48 -9.88 10.27
N PRO A 119 -5.13 -11.14 10.60
CA PRO A 119 -5.92 -11.96 11.53
C PRO A 119 -5.86 -11.44 12.96
N SER A 120 -6.85 -11.82 13.77
CA SER A 120 -6.90 -11.39 15.16
C SER A 120 -6.27 -12.43 16.07
N SER A 121 -5.70 -11.97 17.18
CA SER A 121 -5.06 -12.86 18.14
C SER A 121 -5.60 -12.64 19.54
N GLY A 122 -6.24 -13.66 20.09
CA GLY A 122 -6.79 -13.56 21.43
C GLY A 122 -8.28 -13.88 21.47
N GLY A 1 33.85 -33.40 -0.28
CA GLY A 1 32.38 -33.49 -0.50
C GLY A 1 31.68 -34.25 0.61
N SER A 2 30.35 -34.34 0.51
CA SER A 2 29.56 -35.04 1.51
C SER A 2 29.68 -34.37 2.87
N SER A 3 28.61 -34.42 3.66
CA SER A 3 28.59 -33.81 4.97
C SER A 3 28.84 -32.30 4.88
N GLY A 4 27.76 -31.54 4.78
CA GLY A 4 27.89 -30.09 4.68
C GLY A 4 27.37 -29.55 3.35
N SER A 5 26.32 -30.17 2.83
CA SER A 5 25.73 -29.75 1.57
C SER A 5 24.34 -30.35 1.38
N SER A 6 23.32 -29.49 1.42
CA SER A 6 21.94 -29.92 1.26
C SER A 6 21.18 -28.99 0.32
N GLY A 7 20.66 -29.57 -0.76
CA GLY A 7 19.92 -28.78 -1.74
C GLY A 7 20.25 -29.16 -3.17
N VAL A 8 21.06 -28.35 -3.82
CA VAL A 8 21.45 -28.60 -5.20
C VAL A 8 22.55 -29.66 -5.28
N GLU A 9 23.38 -29.72 -4.25
CA GLU A 9 24.47 -30.68 -4.19
C GLU A 9 25.38 -30.54 -5.41
N HIS A 10 25.45 -29.33 -5.95
CA HIS A 10 26.29 -29.07 -7.12
C HIS A 10 26.94 -27.69 -7.02
N GLU A 11 28.16 -27.66 -6.47
CA GLU A 11 28.89 -26.41 -6.32
C GLU A 11 28.12 -25.43 -5.45
N GLN A 12 28.63 -25.18 -4.24
CA GLN A 12 27.99 -24.25 -3.32
C GLN A 12 27.93 -22.84 -3.89
N GLN A 13 26.81 -22.51 -4.53
CA GLN A 13 26.63 -21.20 -5.13
C GLN A 13 25.17 -20.94 -5.48
N VAL A 14 24.54 -21.97 -6.06
CA VAL A 14 23.13 -21.87 -6.44
C VAL A 14 22.21 -22.30 -5.30
N THR A 15 21.35 -21.38 -4.87
CA THR A 15 20.42 -21.67 -3.78
C THR A 15 18.98 -21.37 -4.20
N GLU A 16 18.65 -21.75 -5.43
CA GLU A 16 17.31 -21.53 -5.96
C GLU A 16 16.99 -20.03 -6.00
N SER A 17 18.02 -19.22 -6.22
CA SER A 17 17.84 -17.76 -6.29
C SER A 17 18.80 -17.15 -7.29
N PRO A 18 18.52 -17.30 -8.60
CA PRO A 18 19.37 -16.75 -9.67
C PRO A 18 19.65 -15.26 -9.47
N SER A 19 18.60 -14.49 -9.21
CA SER A 19 18.74 -13.06 -9.01
C SER A 19 17.66 -12.53 -8.05
N LEU A 20 16.42 -12.93 -8.31
CA LEU A 20 15.30 -12.52 -7.47
C LEU A 20 14.24 -13.61 -7.39
N ALA A 21 13.90 -13.98 -6.16
CA ALA A 21 12.89 -15.02 -5.94
C ALA A 21 11.49 -14.51 -6.24
N SER A 22 10.90 -15.02 -7.32
CA SER A 22 9.56 -14.61 -7.72
C SER A 22 9.51 -13.12 -8.01
N VAL A 23 9.30 -12.77 -9.29
CA VAL A 23 9.23 -11.38 -9.69
C VAL A 23 7.90 -11.08 -10.39
N PRO A 24 7.20 -10.00 -9.97
CA PRO A 24 5.92 -9.62 -10.56
C PRO A 24 6.09 -8.99 -11.93
N THR A 25 5.03 -9.08 -12.75
CA THR A 25 5.06 -8.52 -14.09
C THR A 25 4.34 -7.18 -14.14
N ALA A 26 3.33 -7.03 -13.29
CA ALA A 26 2.55 -5.80 -13.23
C ALA A 26 2.25 -5.42 -11.78
N ASP A 27 3.20 -5.69 -10.90
CA ASP A 27 3.03 -5.38 -9.48
C ASP A 27 4.27 -4.65 -8.95
N GLU A 28 4.03 -3.56 -8.22
CA GLU A 28 5.13 -2.78 -7.64
C GLU A 28 5.08 -2.83 -6.11
N LEU A 29 3.88 -2.78 -5.55
CA LEU A 29 3.71 -2.82 -4.11
C LEU A 29 3.32 -4.22 -3.65
N PHE A 30 3.85 -5.23 -4.33
CA PHE A 30 3.55 -6.61 -3.98
C PHE A 30 4.22 -7.01 -2.68
N ASP A 31 5.34 -6.37 -2.37
CA ASP A 31 6.08 -6.66 -1.15
C ASP A 31 5.74 -5.65 -0.05
N PHE A 32 4.49 -5.20 -0.05
CA PHE A 32 4.04 -4.24 0.95
C PHE A 32 2.76 -4.72 1.63
N HIS A 33 2.89 -5.14 2.89
CA HIS A 33 1.75 -5.62 3.65
C HIS A 33 0.93 -4.46 4.20
N ILE A 34 -0.38 -4.68 4.29
CA ILE A 34 -1.28 -3.64 4.80
C ILE A 34 -1.20 -3.54 6.32
N GLY A 35 -1.23 -2.32 6.83
CA GLY A 35 -1.15 -2.11 8.26
C GLY A 35 0.26 -1.85 8.74
N ASP A 36 1.25 -2.20 7.92
CA ASP A 36 2.64 -1.99 8.27
C ASP A 36 3.05 -0.53 8.08
N ARG A 37 4.18 -0.16 8.67
CA ARG A 37 4.68 1.21 8.57
C ARG A 37 5.29 1.45 7.19
N VAL A 38 5.00 2.63 6.63
CA VAL A 38 5.53 2.99 5.31
C VAL A 38 5.92 4.46 5.26
N LEU A 39 6.88 4.78 4.40
CA LEU A 39 7.35 6.15 4.25
C LEU A 39 7.12 6.65 2.83
N ILE A 40 6.56 7.85 2.71
CA ILE A 40 6.28 8.44 1.41
C ILE A 40 7.38 9.41 1.00
N GLY A 41 8.11 9.06 -0.05
CA GLY A 41 9.19 9.92 -0.52
C GLY A 41 10.23 10.21 0.55
N ASN A 42 10.28 9.34 1.55
CA ASN A 42 11.24 9.50 2.65
C ASN A 42 11.08 10.87 3.32
N VAL A 43 9.89 11.10 3.88
CA VAL A 43 9.61 12.37 4.55
C VAL A 43 8.26 12.32 5.27
N GLN A 44 7.26 11.77 4.59
CA GLN A 44 5.92 11.66 5.16
C GLN A 44 5.63 10.23 5.62
N PRO A 45 5.76 9.97 6.94
CA PRO A 45 5.52 8.64 7.50
C PRO A 45 4.03 8.32 7.59
N GLY A 46 3.70 7.03 7.55
CA GLY A 46 2.32 6.61 7.63
C GLY A 46 2.16 5.11 7.52
N ILE A 47 0.92 4.64 7.51
CA ILE A 47 0.63 3.21 7.42
C ILE A 47 -0.04 2.87 6.10
N LEU A 48 0.37 1.75 5.50
CA LEU A 48 -0.20 1.31 4.22
C LEU A 48 -1.60 0.75 4.42
N ARG A 49 -2.60 1.51 4.02
CA ARG A 49 -3.99 1.08 4.15
C ARG A 49 -4.51 0.50 2.84
N PHE A 50 -3.99 1.00 1.73
CA PHE A 50 -4.40 0.53 0.40
C PHE A 50 -3.23 0.54 -0.57
N LYS A 51 -3.37 -0.18 -1.68
CA LYS A 51 -2.32 -0.25 -2.68
C LYS A 51 -2.77 -1.06 -3.89
N GLY A 52 -3.07 -0.38 -4.98
CA GLY A 52 -3.50 -1.06 -6.19
C GLY A 52 -4.06 -0.11 -7.23
N GLU A 53 -4.75 -0.65 -8.22
CA GLU A 53 -5.33 0.16 -9.29
C GLU A 53 -6.58 0.87 -8.79
N THR A 54 -6.79 2.08 -9.30
CA THR A 54 -7.96 2.88 -8.91
C THR A 54 -8.97 2.94 -10.05
N SER A 55 -10.05 3.68 -9.82
CA SER A 55 -11.10 3.82 -10.82
C SER A 55 -10.97 5.16 -11.55
N PHE A 56 -10.77 6.22 -10.79
CA PHE A 56 -10.62 7.56 -11.36
C PHE A 56 -9.45 7.62 -12.33
N ALA A 57 -8.38 6.89 -11.98
CA ALA A 57 -7.17 6.87 -12.81
C ALA A 57 -6.61 5.46 -12.91
N LYS A 58 -5.46 5.33 -13.57
CA LYS A 58 -4.82 4.04 -13.74
C LYS A 58 -3.47 4.00 -13.00
N GLY A 59 -2.95 2.80 -12.78
CA GLY A 59 -1.69 2.66 -12.09
C GLY A 59 -1.86 2.34 -10.62
N PHE A 60 -0.76 1.97 -9.96
CA PHE A 60 -0.79 1.65 -8.55
C PHE A 60 -0.96 2.90 -7.69
N TRP A 61 -1.83 2.82 -6.69
CA TRP A 61 -2.08 3.95 -5.80
C TRP A 61 -2.16 3.49 -4.35
N ALA A 62 -1.13 3.77 -3.58
CA ALA A 62 -1.08 3.37 -2.18
C ALA A 62 -1.72 4.44 -1.30
N GLY A 63 -2.71 4.04 -0.51
CA GLY A 63 -3.38 4.97 0.37
C GLY A 63 -2.80 4.97 1.78
N VAL A 64 -1.74 5.74 1.97
CA VAL A 64 -1.08 5.83 3.27
C VAL A 64 -1.88 6.70 4.23
N GLU A 65 -1.84 6.35 5.51
CA GLU A 65 -2.54 7.10 6.54
C GLU A 65 -1.58 7.86 7.43
N LEU A 66 -1.41 9.15 7.17
CA LEU A 66 -0.51 9.99 7.96
C LEU A 66 -0.99 10.09 9.40
N ASP A 67 -0.03 10.20 10.32
CA ASP A 67 -0.35 10.31 11.74
C ASP A 67 -1.10 11.60 12.04
N LYS A 68 -0.67 12.68 11.41
CA LYS A 68 -1.31 13.98 11.60
C LYS A 68 -2.01 14.44 10.32
N PRO A 69 -2.85 15.48 10.42
CA PRO A 69 -3.57 16.01 9.26
C PRO A 69 -2.64 16.67 8.24
N GLU A 70 -1.92 15.85 7.50
CA GLU A 70 -0.97 16.35 6.50
C GLU A 70 -1.29 15.76 5.12
N GLY A 71 -2.56 15.46 4.88
CA GLY A 71 -2.95 14.90 3.60
C GLY A 71 -4.04 15.72 2.92
N ASN A 72 -4.95 15.03 2.25
CA ASN A 72 -6.05 15.70 1.56
C ASN A 72 -7.11 14.70 1.10
N ASN A 73 -7.30 13.66 1.91
CA ASN A 73 -8.29 12.63 1.59
C ASN A 73 -8.70 11.87 2.85
N ASN A 74 -9.84 11.19 2.77
CA ASN A 74 -10.36 10.43 3.90
C ASN A 74 -10.60 8.97 3.50
N GLY A 75 -9.83 8.48 2.53
CA GLY A 75 -9.99 7.11 2.09
C GLY A 75 -10.88 7.00 0.86
N THR A 76 -11.89 7.87 0.78
CA THR A 76 -12.81 7.86 -0.36
C THR A 76 -12.37 8.87 -1.41
N TYR A 77 -11.79 8.38 -2.49
CA TYR A 77 -11.34 9.24 -3.58
C TYR A 77 -12.45 9.47 -4.59
N ASP A 78 -13.06 10.65 -4.55
CA ASP A 78 -14.14 10.99 -5.47
C ASP A 78 -15.31 10.04 -5.30
N GLY A 79 -15.50 9.54 -4.08
CA GLY A 79 -16.58 8.62 -3.81
C GLY A 79 -16.11 7.19 -3.68
N ILE A 80 -15.02 6.86 -4.35
CA ILE A 80 -14.48 5.51 -4.31
C ILE A 80 -13.78 5.24 -2.96
N ALA A 81 -14.45 4.47 -2.11
CA ALA A 81 -13.90 4.14 -0.80
C ALA A 81 -12.84 3.05 -0.91
N TYR A 82 -11.76 3.20 -0.16
CA TYR A 82 -10.67 2.22 -0.17
C TYR A 82 -10.29 1.82 1.25
N PHE A 83 -10.05 2.82 2.10
CA PHE A 83 -9.68 2.56 3.49
C PHE A 83 -10.35 3.55 4.43
N GLU A 84 -10.29 3.26 5.72
CA GLU A 84 -10.89 4.14 6.72
C GLU A 84 -9.84 5.01 7.40
N CYS A 85 -10.12 6.30 7.52
CA CYS A 85 -9.20 7.23 8.15
C CYS A 85 -9.89 8.56 8.46
N LYS A 86 -9.12 9.51 8.96
CA LYS A 86 -9.65 10.83 9.29
C LYS A 86 -10.16 11.55 8.05
N GLU A 87 -10.46 12.84 8.19
CA GLU A 87 -10.95 13.63 7.07
C GLU A 87 -9.83 13.93 6.07
N LYS A 88 -8.71 14.41 6.58
CA LYS A 88 -7.57 14.74 5.73
C LYS A 88 -6.29 14.12 6.28
N HIS A 89 -6.32 12.81 6.53
CA HIS A 89 -5.16 12.10 7.05
C HIS A 89 -4.58 11.15 6.01
N GLY A 90 -5.47 10.43 5.31
CA GLY A 90 -5.02 9.51 4.30
C GLY A 90 -4.68 10.20 3.00
N ILE A 91 -3.65 9.70 2.31
CA ILE A 91 -3.22 10.27 1.05
C ILE A 91 -2.78 9.19 0.07
N PHE A 92 -3.26 9.29 -1.17
CA PHE A 92 -2.91 8.31 -2.20
C PHE A 92 -1.64 8.74 -2.94
N ALA A 93 -0.62 7.89 -2.88
CA ALA A 93 0.65 8.17 -3.54
C ALA A 93 1.11 6.98 -4.36
N PRO A 94 1.74 7.24 -5.53
CA PRO A 94 2.24 6.17 -6.41
C PRO A 94 3.15 5.19 -5.67
N PRO A 95 3.37 4.01 -6.26
CA PRO A 95 4.23 2.97 -5.66
C PRO A 95 5.67 3.43 -5.51
N GLN A 96 6.15 4.17 -6.51
CA GLN A 96 7.53 4.67 -6.49
C GLN A 96 7.76 5.56 -5.27
N LYS A 97 6.69 6.14 -4.75
CA LYS A 97 6.78 7.01 -3.58
C LYS A 97 6.44 6.24 -2.30
N ILE A 98 6.82 4.97 -2.26
CA ILE A 98 6.56 4.13 -1.10
C ILE A 98 7.81 3.40 -0.65
N SER A 99 8.07 3.40 0.65
CA SER A 99 9.23 2.74 1.21
C SER A 99 9.00 2.34 2.66
N HIS A 100 9.98 1.68 3.26
CA HIS A 100 9.88 1.25 4.65
C HIS A 100 10.51 2.28 5.58
N ILE A 101 9.80 2.63 6.65
CA ILE A 101 10.29 3.60 7.62
C ILE A 101 11.55 3.08 8.32
N PRO A 102 12.64 3.86 8.30
CA PRO A 102 13.90 3.47 8.94
C PRO A 102 13.71 3.10 10.41
N GLU A 103 14.69 2.39 10.97
CA GLU A 103 14.62 1.98 12.37
C GLU A 103 15.08 3.09 13.30
N ASN A 104 15.47 4.23 12.72
CA ASN A 104 15.94 5.36 13.52
C ASN A 104 14.94 6.52 13.47
N PHE A 105 14.15 6.57 12.39
CA PHE A 105 13.17 7.63 12.22
C PHE A 105 12.22 7.69 13.41
N ASP A 106 11.38 6.68 13.54
CA ASP A 106 10.42 6.61 14.64
C ASP A 106 9.57 7.88 14.70
N ASP A 107 8.38 7.81 14.10
CA ASP A 107 7.48 8.96 14.09
C ASP A 107 6.19 8.64 14.85
N TYR A 108 6.20 8.89 16.16
CA TYR A 108 5.05 8.63 17.00
C TYR A 108 4.63 7.17 16.93
N VAL A 109 3.75 6.77 17.85
CA VAL A 109 3.28 5.39 17.89
C VAL A 109 1.94 5.25 17.16
N ASP A 110 1.91 4.38 16.15
CA ASP A 110 0.69 4.15 15.37
C ASP A 110 0.62 2.71 14.89
N ILE A 111 -0.45 2.02 15.25
CA ILE A 111 -0.64 0.64 14.84
C ILE A 111 -2.09 0.36 14.46
N ASN A 112 -2.29 -0.51 13.47
CA ASN A 112 -3.63 -0.85 13.02
C ASN A 112 -3.88 -2.35 13.16
N GLU A 113 -2.97 -3.16 12.63
CA GLU A 113 -3.10 -4.60 12.69
C GLU A 113 -2.25 -5.17 13.83
N ASP A 114 -2.19 -6.50 13.91
CA ASP A 114 -1.41 -7.17 14.95
C ASP A 114 -1.94 -6.84 16.34
N GLU A 115 -3.24 -7.07 16.53
CA GLU A 115 -3.89 -6.79 17.82
C GLU A 115 -4.93 -7.86 18.14
N ASP A 116 -4.66 -9.09 17.70
CA ASP A 116 -5.58 -10.19 17.95
C ASP A 116 -5.01 -11.14 18.99
N SER A 117 -5.90 -11.83 19.71
CA SER A 117 -5.48 -12.77 20.74
C SER A 117 -6.38 -14.00 20.74
N GLY A 118 -7.68 -13.78 20.76
CA GLY A 118 -8.63 -14.88 20.76
C GLY A 118 -10.07 -14.41 20.79
N PRO A 119 -10.81 -14.55 19.67
CA PRO A 119 -12.22 -14.12 19.60
C PRO A 119 -13.13 -14.98 20.47
N SER A 120 -12.97 -14.84 21.79
CA SER A 120 -13.78 -15.59 22.73
C SER A 120 -14.73 -14.68 23.49
N SER A 121 -14.28 -13.46 23.77
CA SER A 121 -15.09 -12.48 24.48
C SER A 121 -15.43 -12.99 25.88
N GLY A 122 -14.63 -12.57 26.87
CA GLY A 122 -14.87 -12.99 28.24
C GLY A 122 -13.92 -12.34 29.21
N GLY A 1 -2.01 -19.97 0.75
CA GLY A 1 -0.68 -20.60 0.87
C GLY A 1 -0.64 -22.01 0.33
N SER A 2 0.14 -22.87 0.96
CA SER A 2 0.26 -24.27 0.54
C SER A 2 -0.31 -25.20 1.59
N SER A 3 -1.22 -26.08 1.17
CA SER A 3 -1.85 -27.03 2.07
C SER A 3 -1.55 -28.47 1.65
N GLY A 4 -0.49 -29.04 2.22
CA GLY A 4 -0.12 -30.41 1.88
C GLY A 4 1.35 -30.53 1.55
N SER A 5 1.90 -31.73 1.74
CA SER A 5 3.30 -31.99 1.46
C SER A 5 3.54 -33.47 1.17
N SER A 6 4.30 -33.74 0.11
CA SER A 6 4.60 -35.12 -0.27
C SER A 6 6.10 -35.32 -0.44
N GLY A 7 6.74 -34.41 -1.17
CA GLY A 7 8.17 -34.51 -1.39
C GLY A 7 8.78 -33.18 -1.80
N VAL A 8 8.17 -32.08 -1.36
CA VAL A 8 8.66 -30.76 -1.69
C VAL A 8 9.49 -30.18 -0.55
N GLU A 9 10.43 -29.32 -0.89
CA GLU A 9 11.30 -28.69 0.10
C GLU A 9 11.75 -27.31 -0.35
N HIS A 10 10.90 -26.64 -1.12
CA HIS A 10 11.21 -25.30 -1.63
C HIS A 10 9.99 -24.68 -2.28
N GLU A 11 9.90 -23.35 -2.19
CA GLU A 11 8.77 -22.62 -2.77
C GLU A 11 9.27 -21.58 -3.78
N GLN A 12 8.32 -20.83 -4.36
CA GLN A 12 8.65 -19.80 -5.34
C GLN A 12 9.38 -20.41 -6.53
N GLN A 13 8.65 -20.55 -7.64
CA GLN A 13 9.20 -21.11 -8.87
C GLN A 13 8.39 -20.70 -10.08
N VAL A 14 7.26 -21.36 -10.28
CA VAL A 14 6.37 -21.07 -11.40
C VAL A 14 4.92 -20.98 -10.95
N THR A 15 4.12 -20.24 -11.71
CA THR A 15 2.70 -20.08 -11.40
C THR A 15 1.83 -20.37 -12.62
N GLU A 16 2.21 -19.79 -13.75
CA GLU A 16 1.47 -19.99 -14.99
C GLU A 16 2.25 -20.88 -15.96
N SER A 17 1.68 -21.11 -17.13
CA SER A 17 2.33 -21.94 -18.15
C SER A 17 2.65 -21.12 -19.39
N PRO A 18 3.75 -21.47 -20.10
CA PRO A 18 4.18 -20.76 -21.30
C PRO A 18 3.24 -21.03 -22.48
N SER A 19 2.45 -20.03 -22.85
CA SER A 19 1.52 -20.16 -23.97
C SER A 19 1.95 -19.29 -25.13
N LEU A 20 2.32 -18.04 -24.83
CA LEU A 20 2.75 -17.10 -25.86
C LEU A 20 3.85 -16.20 -25.34
N ALA A 21 4.62 -16.69 -24.36
CA ALA A 21 5.71 -15.92 -23.77
C ALA A 21 5.22 -14.57 -23.24
N SER A 22 3.96 -14.55 -22.79
CA SER A 22 3.37 -13.32 -22.25
C SER A 22 3.26 -13.41 -20.73
N VAL A 23 3.45 -12.27 -20.07
CA VAL A 23 3.37 -12.21 -18.62
C VAL A 23 2.55 -11.00 -18.17
N PRO A 24 1.21 -11.14 -18.13
CA PRO A 24 0.32 -10.06 -17.72
C PRO A 24 0.43 -9.75 -16.22
N THR A 25 -0.52 -8.97 -15.71
CA THR A 25 -0.52 -8.60 -14.30
C THR A 25 0.73 -7.80 -13.94
N ALA A 26 0.64 -6.49 -14.05
CA ALA A 26 1.76 -5.60 -13.74
C ALA A 26 2.21 -5.78 -12.30
N ASP A 27 1.46 -5.17 -11.38
CA ASP A 27 1.76 -5.24 -9.96
C ASP A 27 3.07 -4.53 -9.65
N GLU A 28 3.04 -3.69 -8.62
CA GLU A 28 4.23 -2.95 -8.21
C GLU A 28 4.50 -3.12 -6.72
N LEU A 29 3.45 -3.04 -5.91
CA LEU A 29 3.57 -3.20 -4.46
C LEU A 29 3.24 -4.62 -4.04
N PHE A 30 3.67 -5.59 -4.84
CA PHE A 30 3.43 -6.99 -4.55
C PHE A 30 4.15 -7.42 -3.28
N ASP A 31 5.25 -6.75 -2.97
CA ASP A 31 6.04 -7.07 -1.78
C ASP A 31 5.70 -6.11 -0.65
N PHE A 32 4.44 -5.67 -0.60
CA PHE A 32 4.00 -4.75 0.44
C PHE A 32 2.68 -5.22 1.04
N HIS A 33 2.61 -5.23 2.37
CA HIS A 33 1.40 -5.66 3.07
C HIS A 33 0.63 -4.46 3.59
N ILE A 34 -0.65 -4.67 3.90
CA ILE A 34 -1.51 -3.61 4.41
C ILE A 34 -1.47 -3.55 5.93
N GLY A 35 -1.23 -2.35 6.45
CA GLY A 35 -1.16 -2.18 7.90
C GLY A 35 0.26 -2.13 8.42
N ASP A 36 1.18 -1.67 7.57
CA ASP A 36 2.59 -1.58 7.95
C ASP A 36 3.09 -0.14 7.82
N ARG A 37 4.10 0.20 8.62
CA ARG A 37 4.67 1.53 8.59
C ARG A 37 5.39 1.80 7.27
N VAL A 38 4.85 2.73 6.49
CA VAL A 38 5.44 3.08 5.19
C VAL A 38 5.78 4.56 5.13
N LEU A 39 6.83 4.89 4.39
CA LEU A 39 7.25 6.27 4.23
C LEU A 39 6.99 6.77 2.81
N ILE A 40 6.35 7.93 2.70
CA ILE A 40 6.04 8.51 1.41
C ILE A 40 7.10 9.54 1.00
N GLY A 41 7.91 9.18 0.01
CA GLY A 41 8.95 10.07 -0.46
C GLY A 41 9.96 10.42 0.61
N ASN A 42 10.07 9.55 1.62
CA ASN A 42 11.01 9.76 2.72
C ASN A 42 10.78 11.11 3.39
N VAL A 43 9.53 11.37 3.78
CA VAL A 43 9.18 12.61 4.44
C VAL A 43 7.83 12.51 5.13
N GLN A 44 6.86 11.88 4.47
CA GLN A 44 5.53 11.72 5.02
C GLN A 44 5.32 10.29 5.54
N PRO A 45 5.45 10.09 6.86
CA PRO A 45 5.28 8.78 7.48
C PRO A 45 3.81 8.37 7.59
N GLY A 46 3.56 7.07 7.63
CA GLY A 46 2.20 6.59 7.74
C GLY A 46 2.11 5.08 7.63
N ILE A 47 0.89 4.57 7.44
CA ILE A 47 0.67 3.14 7.31
C ILE A 47 -0.03 2.80 6.00
N LEU A 48 0.44 1.75 5.32
CA LEU A 48 -0.14 1.33 4.06
C LEU A 48 -1.53 0.75 4.26
N ARG A 49 -2.55 1.49 3.82
CA ARG A 49 -3.93 1.04 3.96
C ARG A 49 -4.46 0.50 2.64
N PHE A 50 -3.98 1.04 1.54
CA PHE A 50 -4.40 0.62 0.21
C PHE A 50 -3.22 0.58 -0.76
N LYS A 51 -3.40 -0.11 -1.87
CA LYS A 51 -2.35 -0.21 -2.88
C LYS A 51 -2.86 -0.96 -4.12
N GLY A 52 -3.22 -0.20 -5.15
CA GLY A 52 -3.71 -0.80 -6.38
C GLY A 52 -4.24 0.24 -7.36
N GLU A 53 -4.76 -0.24 -8.49
CA GLU A 53 -5.30 0.65 -9.51
C GLU A 53 -6.55 1.36 -9.00
N THR A 54 -6.80 2.56 -9.53
CA THR A 54 -7.96 3.34 -9.14
C THR A 54 -8.92 3.54 -10.31
N SER A 55 -10.00 4.27 -10.07
CA SER A 55 -10.99 4.52 -11.12
C SER A 55 -10.83 5.93 -11.68
N PHE A 56 -10.39 6.85 -10.84
CA PHE A 56 -10.19 8.24 -11.26
C PHE A 56 -8.90 8.38 -12.05
N ALA A 57 -7.90 7.59 -11.70
CA ALA A 57 -6.61 7.62 -12.38
C ALA A 57 -6.15 6.22 -12.75
N LYS A 58 -4.95 6.13 -13.33
CA LYS A 58 -4.39 4.84 -13.73
C LYS A 58 -3.09 4.56 -12.99
N GLY A 59 -2.74 3.29 -12.87
CA GLY A 59 -1.52 2.91 -12.18
C GLY A 59 -1.76 2.59 -10.72
N PHE A 60 -0.73 2.06 -10.06
CA PHE A 60 -0.84 1.69 -8.65
C PHE A 60 -0.89 2.94 -7.77
N TRP A 61 -1.83 2.96 -6.83
CA TRP A 61 -1.98 4.09 -5.92
C TRP A 61 -2.11 3.61 -4.48
N ALA A 62 -1.05 3.82 -3.70
CA ALA A 62 -1.03 3.41 -2.30
C ALA A 62 -1.62 4.50 -1.41
N GLY A 63 -2.62 4.12 -0.60
CA GLY A 63 -3.24 5.08 0.29
C GLY A 63 -2.71 4.97 1.71
N VAL A 64 -1.62 5.68 1.99
CA VAL A 64 -1.02 5.66 3.31
C VAL A 64 -1.77 6.58 4.27
N GLU A 65 -1.92 6.14 5.51
CA GLU A 65 -2.62 6.93 6.52
C GLU A 65 -1.62 7.64 7.43
N LEU A 66 -1.40 8.92 7.17
CA LEU A 66 -0.47 9.71 7.96
C LEU A 66 -0.90 9.76 9.42
N ASP A 67 0.03 10.10 10.30
CA ASP A 67 -0.25 10.19 11.73
C ASP A 67 -0.84 11.54 12.09
N LYS A 68 -0.35 12.60 11.44
CA LYS A 68 -0.83 13.95 11.70
C LYS A 68 -1.57 14.50 10.47
N PRO A 69 -2.48 15.46 10.69
CA PRO A 69 -3.25 16.07 9.61
C PRO A 69 -2.37 16.69 8.54
N GLU A 70 -1.91 15.87 7.60
CA GLU A 70 -1.05 16.35 6.52
C GLU A 70 -1.65 16.01 5.16
N GLY A 71 -2.23 14.82 5.05
CA GLY A 71 -2.83 14.40 3.80
C GLY A 71 -3.92 15.35 3.32
N ASN A 72 -4.55 15.00 2.21
CA ASN A 72 -5.62 15.83 1.66
C ASN A 72 -6.81 14.97 1.24
N ASN A 73 -7.01 13.87 1.95
CA ASN A 73 -8.12 12.97 1.66
C ASN A 73 -8.58 12.23 2.92
N ASN A 74 -9.57 11.37 2.77
CA ASN A 74 -10.10 10.61 3.90
C ASN A 74 -10.35 9.16 3.51
N GLY A 75 -9.63 8.69 2.49
CA GLY A 75 -9.78 7.31 2.04
C GLY A 75 -10.77 7.17 0.91
N THR A 76 -11.75 8.07 0.86
CA THR A 76 -12.76 8.04 -0.19
C THR A 76 -12.43 9.03 -1.30
N TYR A 77 -12.05 8.51 -2.46
CA TYR A 77 -11.69 9.35 -3.60
C TYR A 77 -12.85 9.41 -4.60
N ASP A 78 -13.57 10.53 -4.60
CA ASP A 78 -14.69 10.72 -5.51
C ASP A 78 -15.78 9.68 -5.23
N GLY A 79 -15.87 9.23 -3.98
CA GLY A 79 -16.87 8.25 -3.61
C GLY A 79 -16.29 6.88 -3.36
N ILE A 80 -15.24 6.54 -4.10
CA ILE A 80 -14.58 5.25 -3.95
C ILE A 80 -13.83 5.17 -2.63
N ALA A 81 -14.36 4.40 -1.68
CA ALA A 81 -13.74 4.25 -0.38
C ALA A 81 -12.71 3.13 -0.39
N TYR A 82 -11.43 3.51 -0.31
CA TYR A 82 -10.35 2.54 -0.31
C TYR A 82 -9.99 2.13 1.11
N PHE A 83 -10.15 3.04 2.05
CA PHE A 83 -9.84 2.77 3.45
C PHE A 83 -10.52 3.78 4.36
N GLU A 84 -10.37 3.59 5.66
CA GLU A 84 -10.97 4.49 6.65
C GLU A 84 -9.90 5.32 7.36
N CYS A 85 -10.18 6.60 7.56
CA CYS A 85 -9.24 7.49 8.23
C CYS A 85 -9.88 8.86 8.48
N LYS A 86 -9.09 9.78 9.00
CA LYS A 86 -9.57 11.14 9.28
C LYS A 86 -10.02 11.83 8.00
N GLU A 87 -10.26 13.14 8.10
CA GLU A 87 -10.70 13.91 6.95
C GLU A 87 -9.54 14.20 6.00
N LYS A 88 -8.39 14.54 6.59
CA LYS A 88 -7.20 14.83 5.80
C LYS A 88 -5.97 14.12 6.36
N HIS A 89 -6.10 12.81 6.55
CA HIS A 89 -5.00 12.00 7.08
C HIS A 89 -4.48 11.03 6.03
N GLY A 90 -5.40 10.51 5.21
CA GLY A 90 -5.01 9.57 4.16
C GLY A 90 -4.55 10.27 2.90
N ILE A 91 -3.47 9.75 2.32
CA ILE A 91 -2.92 10.33 1.09
C ILE A 91 -2.51 9.23 0.10
N PHE A 92 -2.94 9.38 -1.14
CA PHE A 92 -2.62 8.41 -2.18
C PHE A 92 -1.31 8.75 -2.86
N ALA A 93 -0.37 7.82 -2.84
CA ALA A 93 0.94 8.02 -3.46
C ALA A 93 1.36 6.80 -4.26
N PRO A 94 2.06 7.02 -5.39
CA PRO A 94 2.52 5.93 -6.25
C PRO A 94 3.32 4.88 -5.48
N PRO A 95 3.48 3.68 -6.06
CA PRO A 95 4.23 2.58 -5.42
C PRO A 95 5.69 2.94 -5.22
N GLN A 96 6.27 3.64 -6.19
CA GLN A 96 7.67 4.05 -6.12
C GLN A 96 7.93 4.90 -4.89
N LYS A 97 6.88 5.57 -4.39
CA LYS A 97 7.01 6.42 -3.22
C LYS A 97 6.57 5.68 -1.96
N ILE A 98 6.82 4.38 -1.92
CA ILE A 98 6.44 3.56 -0.77
C ILE A 98 7.62 2.73 -0.27
N SER A 99 8.21 3.17 0.83
CA SER A 99 9.36 2.46 1.41
C SER A 99 9.14 2.21 2.90
N HIS A 100 9.64 1.08 3.38
CA HIS A 100 9.50 0.72 4.79
C HIS A 100 10.16 1.76 5.68
N ILE A 101 9.41 2.28 6.64
CA ILE A 101 9.92 3.29 7.56
C ILE A 101 11.03 2.71 8.44
N PRO A 102 12.28 3.17 8.26
CA PRO A 102 13.41 2.68 9.06
C PRO A 102 13.13 2.72 10.55
N GLU A 103 14.11 2.26 11.34
CA GLU A 103 13.97 2.24 12.79
C GLU A 103 14.65 3.44 13.43
N ASN A 104 14.67 4.56 12.71
CA ASN A 104 15.30 5.78 13.19
C ASN A 104 14.74 7.00 12.49
N PHE A 105 13.48 6.92 12.08
CA PHE A 105 12.82 8.02 11.39
C PHE A 105 11.77 8.67 12.28
N ASP A 106 11.03 7.84 13.00
CA ASP A 106 9.97 8.32 13.89
C ASP A 106 10.30 7.99 15.34
N ASP A 107 10.91 6.84 15.56
CA ASP A 107 11.27 6.40 16.92
C ASP A 107 10.04 6.27 17.79
N TYR A 108 8.92 5.91 17.18
CA TYR A 108 7.66 5.75 17.90
C TYR A 108 6.86 4.56 17.35
N VAL A 109 6.91 3.44 18.07
CA VAL A 109 6.20 2.24 17.65
C VAL A 109 5.03 1.94 18.59
N ASP A 110 3.87 2.52 18.29
CA ASP A 110 2.69 2.32 19.11
C ASP A 110 1.43 2.74 18.36
N ILE A 111 1.38 2.43 17.06
CA ILE A 111 0.24 2.78 16.24
C ILE A 111 -0.05 1.68 15.22
N ASN A 112 -1.29 1.17 15.25
CA ASN A 112 -1.69 0.11 14.32
C ASN A 112 -0.83 -1.13 14.51
N GLU A 113 -1.41 -2.16 15.10
CA GLU A 113 -0.69 -3.42 15.34
C GLU A 113 -1.67 -4.58 15.48
N ASP A 114 -1.39 -5.66 14.76
CA ASP A 114 -2.25 -6.84 14.81
C ASP A 114 -1.52 -8.01 15.48
N GLU A 115 -0.28 -8.25 15.08
CA GLU A 115 0.51 -9.32 15.64
C GLU A 115 -0.15 -10.67 15.39
N ASP A 116 -0.72 -10.84 14.21
CA ASP A 116 -1.39 -12.09 13.85
C ASP A 116 -0.59 -12.86 12.80
N SER A 117 -0.31 -12.20 11.69
CA SER A 117 0.45 -12.82 10.60
C SER A 117 1.95 -12.70 10.85
N GLY A 118 2.63 -13.83 10.91
CA GLY A 118 4.07 -13.82 11.14
C GLY A 118 4.42 -14.12 12.58
N PRO A 119 4.46 -15.40 12.97
CA PRO A 119 4.79 -15.81 14.33
C PRO A 119 6.11 -15.20 14.81
N SER A 120 6.03 -14.03 15.41
CA SER A 120 7.21 -13.33 15.91
C SER A 120 6.83 -12.05 16.65
N SER A 121 7.83 -11.23 16.95
CA SER A 121 7.60 -9.97 17.65
C SER A 121 8.82 -9.07 17.55
N GLY A 122 8.60 -7.77 17.77
CA GLY A 122 9.69 -6.82 17.71
C GLY A 122 9.67 -5.82 18.84
N GLY A 1 31.40 0.08 4.01
CA GLY A 1 31.07 0.37 5.44
C GLY A 1 32.30 0.54 6.31
N SER A 2 32.28 -0.05 7.49
CA SER A 2 33.41 0.04 8.41
C SER A 2 33.43 -1.14 9.37
N SER A 3 34.59 -1.77 9.49
CA SER A 3 34.74 -2.93 10.37
C SER A 3 36.14 -2.96 10.98
N GLY A 4 37.15 -2.82 10.14
CA GLY A 4 38.53 -2.84 10.62
C GLY A 4 39.44 -3.68 9.74
N SER A 5 40.12 -3.03 8.80
CA SER A 5 41.03 -3.73 7.90
C SER A 5 41.77 -2.74 7.01
N SER A 6 42.52 -3.27 6.05
CA SER A 6 43.29 -2.43 5.13
C SER A 6 43.30 -3.04 3.73
N GLY A 7 42.71 -2.34 2.78
CA GLY A 7 42.67 -2.82 1.41
C GLY A 7 41.25 -3.11 0.94
N VAL A 8 40.65 -2.13 0.29
CA VAL A 8 39.28 -2.27 -0.22
C VAL A 8 39.28 -2.54 -1.72
N GLU A 9 40.31 -3.22 -2.20
CA GLU A 9 40.44 -3.54 -3.62
C GLU A 9 39.24 -4.38 -4.09
N HIS A 10 38.72 -5.21 -3.19
CA HIS A 10 37.58 -6.06 -3.51
C HIS A 10 36.31 -5.24 -3.65
N GLU A 11 36.15 -4.59 -4.79
CA GLU A 11 34.97 -3.76 -5.05
C GLU A 11 33.80 -4.62 -5.51
N GLN A 12 32.99 -5.07 -4.55
CA GLN A 12 31.83 -5.91 -4.85
C GLN A 12 30.59 -5.05 -5.05
N GLN A 13 29.46 -5.70 -5.35
CA GLN A 13 28.20 -5.00 -5.55
C GLN A 13 28.30 -4.04 -6.73
N VAL A 14 27.91 -4.52 -7.90
CA VAL A 14 27.95 -3.70 -9.11
C VAL A 14 26.59 -3.66 -9.80
N THR A 15 25.53 -3.78 -9.02
CA THR A 15 24.17 -3.76 -9.56
C THR A 15 23.22 -3.06 -8.60
N GLU A 16 23.22 -3.48 -7.33
CA GLU A 16 22.36 -2.88 -6.32
C GLU A 16 20.89 -3.11 -6.66
N SER A 17 20.09 -3.41 -5.64
CA SER A 17 18.66 -3.65 -5.83
C SER A 17 17.84 -2.90 -4.78
N PRO A 18 16.81 -2.16 -5.21
CA PRO A 18 15.95 -1.39 -4.29
C PRO A 18 15.01 -2.30 -3.50
N SER A 19 14.39 -3.25 -4.19
CA SER A 19 13.47 -4.19 -3.55
C SER A 19 13.43 -5.51 -4.29
N LEU A 20 12.71 -6.48 -3.74
CA LEU A 20 12.60 -7.80 -4.35
C LEU A 20 11.18 -8.05 -4.86
N ALA A 21 11.06 -8.93 -5.84
CA ALA A 21 9.76 -9.25 -6.42
C ALA A 21 9.87 -10.43 -7.38
N SER A 22 10.39 -10.16 -8.57
CA SER A 22 10.55 -11.19 -9.60
C SER A 22 9.20 -11.80 -9.96
N VAL A 23 8.16 -10.98 -9.95
CA VAL A 23 6.82 -11.44 -10.29
C VAL A 23 6.16 -10.52 -11.30
N PRO A 24 6.40 -10.75 -12.60
CA PRO A 24 5.83 -9.93 -13.67
C PRO A 24 4.32 -10.15 -13.83
N THR A 25 3.57 -9.81 -12.78
CA THR A 25 2.12 -9.97 -12.80
C THR A 25 1.42 -8.62 -12.68
N ALA A 26 2.03 -7.60 -13.26
CA ALA A 26 1.48 -6.24 -13.22
C ALA A 26 1.32 -5.77 -11.78
N ASP A 27 2.29 -6.11 -10.94
CA ASP A 27 2.26 -5.70 -9.54
C ASP A 27 3.43 -4.77 -9.22
N GLU A 28 3.27 -3.98 -8.16
CA GLU A 28 4.31 -3.04 -7.75
C GLU A 28 4.54 -3.11 -6.23
N LEU A 29 3.44 -3.09 -5.48
CA LEU A 29 3.52 -3.15 -4.03
C LEU A 29 3.00 -4.48 -3.50
N PHE A 30 3.27 -5.55 -4.25
CA PHE A 30 2.84 -6.89 -3.87
C PHE A 30 3.54 -7.34 -2.59
N ASP A 31 4.77 -6.90 -2.41
CA ASP A 31 5.55 -7.25 -1.23
C ASP A 31 5.09 -6.45 -0.01
N PHE A 32 4.62 -5.23 -0.26
CA PHE A 32 4.16 -4.36 0.82
C PHE A 32 2.79 -4.81 1.32
N HIS A 33 2.78 -5.43 2.50
CA HIS A 33 1.53 -5.91 3.09
C HIS A 33 0.76 -4.76 3.73
N ILE A 34 -0.57 -4.89 3.75
CA ILE A 34 -1.43 -3.86 4.33
C ILE A 34 -1.30 -3.83 5.85
N GLY A 35 -1.30 -2.63 6.42
CA GLY A 35 -1.18 -2.49 7.86
C GLY A 35 0.26 -2.43 8.32
N ASP A 36 1.14 -1.94 7.45
CA ASP A 36 2.55 -1.83 7.78
C ASP A 36 3.03 -0.38 7.65
N ARG A 37 4.07 -0.03 8.41
CA ARG A 37 4.61 1.31 8.39
C ARG A 37 5.35 1.58 7.07
N VAL A 38 5.01 2.69 6.44
CA VAL A 38 5.64 3.07 5.17
C VAL A 38 5.92 4.56 5.12
N LEU A 39 6.96 4.93 4.39
CA LEU A 39 7.34 6.35 4.26
C LEU A 39 7.10 6.83 2.84
N ILE A 40 6.36 7.93 2.70
CA ILE A 40 6.07 8.49 1.38
C ILE A 40 7.12 9.51 0.98
N GLY A 41 7.84 9.21 -0.09
CA GLY A 41 8.88 10.12 -0.57
C GLY A 41 9.93 10.41 0.48
N ASN A 42 10.04 9.53 1.48
CA ASN A 42 11.01 9.71 2.54
C ASN A 42 10.82 11.06 3.24
N VAL A 43 9.62 11.29 3.76
CA VAL A 43 9.31 12.54 4.45
C VAL A 43 7.96 12.46 5.14
N GLN A 44 6.98 11.87 4.47
CA GLN A 44 5.64 11.74 5.02
C GLN A 44 5.41 10.32 5.56
N PRO A 45 5.53 10.14 6.89
CA PRO A 45 5.33 8.82 7.52
C PRO A 45 3.85 8.45 7.60
N GLY A 46 3.58 7.15 7.57
CA GLY A 46 2.22 6.67 7.64
C GLY A 46 2.12 5.16 7.55
N ILE A 47 0.90 4.65 7.50
CA ILE A 47 0.67 3.21 7.41
C ILE A 47 0.01 2.84 6.09
N LEU A 48 0.42 1.72 5.51
CA LEU A 48 -0.15 1.26 4.24
C LEU A 48 -1.55 0.69 4.45
N ARG A 49 -2.55 1.42 3.98
CA ARG A 49 -3.93 1.00 4.11
C ARG A 49 -4.46 0.41 2.80
N PHE A 50 -3.94 0.91 1.69
CA PHE A 50 -4.36 0.44 0.37
C PHE A 50 -3.19 0.46 -0.61
N LYS A 51 -3.34 -0.26 -1.72
CA LYS A 51 -2.29 -0.31 -2.73
C LYS A 51 -2.77 -1.08 -3.96
N GLY A 52 -3.12 -0.34 -5.00
CA GLY A 52 -3.60 -0.97 -6.23
C GLY A 52 -4.12 0.04 -7.24
N GLU A 53 -4.58 -0.45 -8.38
CA GLU A 53 -5.10 0.41 -9.42
C GLU A 53 -6.38 1.11 -8.96
N THR A 54 -6.61 2.31 -9.47
CA THR A 54 -7.80 3.08 -9.11
C THR A 54 -8.61 3.44 -10.34
N SER A 55 -9.72 4.14 -10.13
CA SER A 55 -10.60 4.55 -11.23
C SER A 55 -10.25 5.96 -11.70
N PHE A 56 -10.06 6.86 -10.74
CA PHE A 56 -9.72 8.24 -11.05
C PHE A 56 -8.42 8.33 -11.85
N ALA A 57 -7.52 7.39 -11.60
CA ALA A 57 -6.23 7.36 -12.29
C ALA A 57 -5.72 5.93 -12.43
N LYS A 58 -4.86 5.70 -13.42
CA LYS A 58 -4.29 4.38 -13.65
C LYS A 58 -3.05 4.16 -12.80
N GLY A 59 -2.49 2.96 -12.88
CA GLY A 59 -1.29 2.64 -12.12
C GLY A 59 -1.60 2.37 -10.66
N PHE A 60 -0.63 1.79 -9.95
CA PHE A 60 -0.80 1.48 -8.54
C PHE A 60 -0.95 2.76 -7.71
N TRP A 61 -1.81 2.71 -6.70
CA TRP A 61 -2.04 3.86 -5.84
C TRP A 61 -2.15 3.42 -4.38
N ALA A 62 -1.10 3.68 -3.61
CA ALA A 62 -1.08 3.30 -2.20
C ALA A 62 -1.69 4.40 -1.33
N GLY A 63 -2.70 4.02 -0.55
CA GLY A 63 -3.35 4.98 0.32
C GLY A 63 -2.80 4.95 1.73
N VAL A 64 -1.71 5.68 1.95
CA VAL A 64 -1.07 5.73 3.27
C VAL A 64 -1.86 6.62 4.22
N GLU A 65 -1.93 6.20 5.48
CA GLU A 65 -2.66 6.96 6.50
C GLU A 65 -1.68 7.73 7.38
N LEU A 66 -1.53 9.02 7.10
CA LEU A 66 -0.63 9.87 7.87
C LEU A 66 -1.12 10.03 9.30
N ASP A 67 -0.19 10.20 10.23
CA ASP A 67 -0.53 10.35 11.64
C ASP A 67 -1.04 11.77 11.93
N LYS A 68 -0.43 12.75 11.27
CA LYS A 68 -0.82 14.14 11.46
C LYS A 68 -1.60 14.65 10.25
N PRO A 69 -2.52 15.61 10.46
CA PRO A 69 -3.34 16.19 9.38
C PRO A 69 -2.48 16.84 8.30
N GLU A 70 -1.96 16.03 7.39
CA GLU A 70 -1.12 16.53 6.30
C GLU A 70 -1.71 16.18 4.94
N GLY A 71 -2.29 14.98 4.85
CA GLY A 71 -2.88 14.54 3.59
C GLY A 71 -4.01 15.44 3.14
N ASN A 72 -4.91 14.91 2.32
CA ASN A 72 -6.04 15.68 1.82
C ASN A 72 -7.19 14.75 1.43
N ASN A 73 -7.34 13.66 2.17
CA ASN A 73 -8.41 12.69 1.89
C ASN A 73 -8.73 11.88 3.15
N ASN A 74 -9.89 11.22 3.13
CA ASN A 74 -10.33 10.41 4.26
C ASN A 74 -10.56 8.96 3.84
N GLY A 75 -9.76 8.50 2.88
CA GLY A 75 -9.90 7.13 2.41
C GLY A 75 -10.76 7.03 1.17
N THR A 76 -11.69 7.97 1.01
CA THR A 76 -12.58 7.97 -0.14
C THR A 76 -12.12 9.00 -1.17
N TYR A 77 -11.58 8.51 -2.28
CA TYR A 77 -11.10 9.37 -3.35
C TYR A 77 -12.17 9.59 -4.41
N ASP A 78 -12.73 10.79 -4.44
CA ASP A 78 -13.77 11.12 -5.40
C ASP A 78 -14.99 10.22 -5.22
N GLY A 79 -15.22 9.79 -3.99
CA GLY A 79 -16.36 8.93 -3.71
C GLY A 79 -15.95 7.47 -3.57
N ILE A 80 -14.88 7.09 -4.25
CA ILE A 80 -14.39 5.72 -4.21
C ILE A 80 -13.68 5.44 -2.89
N ALA A 81 -14.29 4.61 -2.06
CA ALA A 81 -13.71 4.26 -0.76
C ALA A 81 -12.59 3.22 -0.92
N TYR A 82 -11.64 3.25 -0.01
CA TYR A 82 -10.52 2.32 -0.04
C TYR A 82 -10.15 1.85 1.36
N PHE A 83 -10.02 2.80 2.29
CA PHE A 83 -9.67 2.49 3.67
C PHE A 83 -10.34 3.46 4.63
N GLU A 84 -10.08 3.29 5.92
CA GLU A 84 -10.66 4.15 6.95
C GLU A 84 -9.59 5.01 7.60
N CYS A 85 -9.91 6.29 7.79
CA CYS A 85 -8.97 7.22 8.40
C CYS A 85 -9.66 8.53 8.74
N LYS A 86 -8.87 9.51 9.20
CA LYS A 86 -9.41 10.82 9.57
C LYS A 86 -9.95 11.54 8.33
N GLU A 87 -10.33 12.80 8.51
CA GLU A 87 -10.86 13.60 7.41
C GLU A 87 -9.78 13.89 6.38
N LYS A 88 -8.64 14.41 6.85
CA LYS A 88 -7.53 14.73 5.97
C LYS A 88 -6.23 14.13 6.49
N HIS A 89 -6.19 12.80 6.54
CA HIS A 89 -5.00 12.09 7.01
C HIS A 89 -4.50 11.10 5.97
N GLY A 90 -5.42 10.39 5.34
CA GLY A 90 -5.05 9.42 4.32
C GLY A 90 -4.71 10.08 2.99
N ILE A 91 -3.62 9.63 2.38
CA ILE A 91 -3.18 10.18 1.10
C ILE A 91 -2.77 9.08 0.14
N PHE A 92 -3.24 9.18 -1.10
CA PHE A 92 -2.92 8.19 -2.12
C PHE A 92 -1.66 8.58 -2.89
N ALA A 93 -0.59 7.81 -2.69
CA ALA A 93 0.67 8.09 -3.37
C ALA A 93 1.12 6.89 -4.20
N PRO A 94 1.73 7.14 -5.38
CA PRO A 94 2.21 6.06 -6.26
C PRO A 94 3.12 5.07 -5.53
N PRO A 95 3.33 3.88 -6.13
CA PRO A 95 4.19 2.84 -5.53
C PRO A 95 5.63 3.30 -5.41
N GLN A 96 6.10 4.06 -6.39
CA GLN A 96 7.47 4.56 -6.39
C GLN A 96 7.75 5.37 -5.13
N LYS A 97 6.70 5.97 -4.57
CA LYS A 97 6.83 6.78 -3.37
C LYS A 97 6.41 5.98 -2.13
N ILE A 98 6.78 4.70 -2.10
CA ILE A 98 6.43 3.83 -0.99
C ILE A 98 7.67 3.09 -0.47
N SER A 99 8.12 3.46 0.73
CA SER A 99 9.28 2.83 1.33
C SER A 99 9.00 2.45 2.78
N HIS A 100 9.96 1.79 3.42
CA HIS A 100 9.83 1.37 4.80
C HIS A 100 10.36 2.43 5.75
N ILE A 101 9.57 2.76 6.77
CA ILE A 101 9.96 3.76 7.75
C ILE A 101 11.07 3.24 8.66
N PRO A 102 12.26 3.87 8.64
CA PRO A 102 13.39 3.45 9.47
C PRO A 102 13.01 3.34 10.94
N GLU A 103 13.96 2.89 11.76
CA GLU A 103 13.72 2.72 13.19
C GLU A 103 14.02 4.02 13.95
N ASN A 104 14.97 4.80 13.43
CA ASN A 104 15.35 6.06 14.05
C ASN A 104 14.93 7.24 13.18
N PHE A 105 13.83 7.07 12.45
CA PHE A 105 13.33 8.12 11.58
C PHE A 105 12.85 9.32 12.39
N ASP A 106 11.73 9.15 13.07
CA ASP A 106 11.15 10.22 13.89
C ASP A 106 10.77 9.69 15.27
N ASP A 107 9.72 8.88 15.28
CA ASP A 107 9.22 8.30 16.53
C ASP A 107 8.24 7.17 16.25
N TYR A 108 8.60 5.95 16.66
CA TYR A 108 7.75 4.79 16.44
C TYR A 108 6.48 4.89 17.29
N VAL A 109 5.53 5.71 16.83
CA VAL A 109 4.27 5.89 17.54
C VAL A 109 3.13 5.18 16.83
N ASP A 110 2.41 4.34 17.56
CA ASP A 110 1.28 3.60 17.01
C ASP A 110 -0.04 4.15 17.52
N ILE A 111 -0.93 4.48 16.59
CA ILE A 111 -2.24 5.03 16.95
C ILE A 111 -3.36 4.26 16.25
N ASN A 112 -3.28 2.94 16.26
CA ASN A 112 -4.29 2.10 15.63
C ASN A 112 -4.75 1.00 16.59
N GLU A 113 -5.97 1.15 17.10
CA GLU A 113 -6.53 0.18 18.02
C GLU A 113 -8.06 0.26 18.04
N ASP A 114 -8.70 -0.80 17.57
CA ASP A 114 -10.16 -0.86 17.52
C ASP A 114 -10.70 -1.87 18.53
N GLU A 115 -9.99 -2.04 19.63
CA GLU A 115 -10.40 -2.99 20.66
C GLU A 115 -9.61 -2.75 21.96
N ASP A 116 -10.27 -2.16 22.94
CA ASP A 116 -9.65 -1.88 24.23
C ASP A 116 -10.20 -2.79 25.31
N SER A 117 -10.57 -4.01 24.92
CA SER A 117 -11.11 -4.98 25.87
C SER A 117 -10.03 -5.47 26.83
N GLY A 118 -10.45 -6.17 27.87
CA GLY A 118 -9.50 -6.68 28.85
C GLY A 118 -9.89 -6.31 30.27
N PRO A 119 -10.41 -7.27 31.05
CA PRO A 119 -10.82 -7.02 32.44
C PRO A 119 -9.62 -6.74 33.35
N SER A 120 -8.54 -7.50 33.15
CA SER A 120 -7.33 -7.34 33.94
C SER A 120 -6.09 -7.50 33.08
N SER A 121 -6.06 -8.55 32.27
CA SER A 121 -4.93 -8.82 31.39
C SER A 121 -5.39 -9.11 29.98
N GLY A 122 -4.45 -9.43 29.10
CA GLY A 122 -4.79 -9.73 27.72
C GLY A 122 -5.25 -8.51 26.96
N GLY A 1 7.26 -32.67 -31.71
CA GLY A 1 7.49 -34.12 -31.47
C GLY A 1 8.26 -34.38 -30.19
N SER A 2 9.21 -33.49 -29.88
CA SER A 2 10.01 -33.64 -28.67
C SER A 2 10.55 -32.29 -28.21
N SER A 3 9.82 -31.64 -27.31
CA SER A 3 10.22 -30.34 -26.79
C SER A 3 10.66 -30.45 -25.34
N GLY A 4 11.25 -31.58 -24.98
CA GLY A 4 11.71 -31.78 -23.63
C GLY A 4 13.16 -32.24 -23.56
N SER A 5 13.98 -31.72 -24.46
CA SER A 5 15.39 -32.09 -24.50
C SER A 5 16.26 -31.02 -23.86
N SER A 6 15.89 -29.75 -24.08
CA SER A 6 16.64 -28.63 -23.53
C SER A 6 18.08 -28.63 -24.02
N GLY A 7 18.30 -28.03 -25.19
CA GLY A 7 19.63 -27.96 -25.75
C GLY A 7 20.57 -27.07 -24.95
N VAL A 8 20.00 -26.08 -24.27
CA VAL A 8 20.78 -25.15 -23.47
C VAL A 8 21.54 -25.89 -22.37
N GLU A 9 22.86 -25.67 -22.32
CA GLU A 9 23.70 -26.30 -21.32
C GLU A 9 23.97 -25.37 -20.14
N HIS A 10 24.29 -25.94 -19.00
CA HIS A 10 24.57 -25.16 -17.79
C HIS A 10 26.07 -25.02 -17.58
N GLU A 11 26.66 -24.00 -18.18
CA GLU A 11 28.10 -23.76 -18.04
C GLU A 11 28.37 -22.64 -17.04
N GLN A 12 27.52 -22.56 -16.01
CA GLN A 12 27.68 -21.54 -14.97
C GLN A 12 27.68 -22.17 -13.58
N GLN A 13 28.62 -21.75 -12.74
CA GLN A 13 28.73 -22.28 -11.38
C GLN A 13 28.90 -21.14 -10.37
N VAL A 14 28.37 -19.97 -10.72
CA VAL A 14 28.47 -18.80 -9.85
C VAL A 14 27.09 -18.34 -9.40
N THR A 15 26.10 -18.49 -10.28
CA THR A 15 24.73 -18.08 -9.97
C THR A 15 23.79 -18.44 -11.12
N GLU A 16 22.51 -18.57 -10.80
CA GLU A 16 21.50 -18.90 -11.80
C GLU A 16 20.16 -18.25 -11.48
N SER A 17 19.15 -18.56 -12.29
CA SER A 17 17.82 -18.00 -12.09
C SER A 17 16.76 -18.86 -12.77
N PRO A 18 16.13 -19.79 -12.03
CA PRO A 18 15.09 -20.67 -12.58
C PRO A 18 13.83 -19.91 -12.98
N SER A 19 13.61 -18.75 -12.34
CA SER A 19 12.44 -17.94 -12.63
C SER A 19 11.16 -18.68 -12.30
N LEU A 20 10.03 -17.99 -12.40
CA LEU A 20 8.73 -18.59 -12.12
C LEU A 20 8.09 -19.14 -13.39
N ALA A 21 7.08 -19.98 -13.22
CA ALA A 21 6.38 -20.57 -14.35
C ALA A 21 4.92 -20.12 -14.39
N SER A 22 4.18 -20.43 -13.35
CA SER A 22 2.77 -20.07 -13.26
C SER A 22 2.58 -18.88 -12.33
N VAL A 23 1.33 -18.59 -11.98
CA VAL A 23 1.00 -17.47 -11.10
C VAL A 23 1.38 -16.14 -11.73
N PRO A 24 0.43 -15.21 -11.86
CA PRO A 24 0.68 -13.89 -12.45
C PRO A 24 1.54 -13.00 -11.56
N THR A 25 2.20 -12.02 -12.16
CA THR A 25 3.06 -11.10 -11.42
C THR A 25 3.13 -9.74 -12.09
N ALA A 26 2.07 -8.96 -11.94
CA ALA A 26 2.01 -7.63 -12.54
C ALA A 26 1.70 -6.57 -11.49
N ASP A 27 2.15 -6.79 -10.26
CA ASP A 27 1.91 -5.85 -9.18
C ASP A 27 3.16 -5.00 -8.90
N GLU A 28 2.94 -3.76 -8.49
CA GLU A 28 4.05 -2.85 -8.19
C GLU A 28 4.45 -2.96 -6.72
N LEU A 29 3.46 -2.87 -5.84
CA LEU A 29 3.71 -2.96 -4.40
C LEU A 29 3.52 -4.37 -3.89
N PHE A 30 4.21 -5.33 -4.51
CA PHE A 30 4.13 -6.73 -4.13
C PHE A 30 4.82 -6.97 -2.79
N ASP A 31 5.82 -6.15 -2.49
CA ASP A 31 6.58 -6.28 -1.25
C ASP A 31 6.04 -5.33 -0.19
N PHE A 32 4.72 -5.17 -0.15
CA PHE A 32 4.09 -4.28 0.83
C PHE A 32 2.72 -4.83 1.23
N HIS A 33 2.52 -4.98 2.53
CA HIS A 33 1.25 -5.49 3.05
C HIS A 33 0.43 -4.37 3.68
N ILE A 34 -0.89 -4.50 3.63
CA ILE A 34 -1.78 -3.50 4.20
C ILE A 34 -1.81 -3.58 5.72
N GLY A 35 -1.75 -2.41 6.36
CA GLY A 35 -1.76 -2.37 7.82
C GLY A 35 -0.41 -1.99 8.39
N ASP A 36 0.66 -2.35 7.69
CA ASP A 36 2.01 -2.05 8.15
C ASP A 36 2.35 -0.59 7.88
N ARG A 37 3.42 -0.12 8.51
CA ARG A 37 3.86 1.27 8.36
C ARG A 37 4.65 1.45 7.06
N VAL A 38 4.60 2.65 6.51
CA VAL A 38 5.32 2.95 5.28
C VAL A 38 5.67 4.44 5.20
N LEU A 39 6.76 4.75 4.48
CA LEU A 39 7.21 6.12 4.34
C LEU A 39 6.93 6.63 2.92
N ILE A 40 6.21 7.74 2.82
CA ILE A 40 5.87 8.32 1.53
C ILE A 40 6.99 9.24 1.03
N GLY A 41 7.58 8.88 -0.10
CA GLY A 41 8.66 9.68 -0.65
C GLY A 41 9.82 9.85 0.30
N ASN A 42 9.93 8.96 1.29
CA ASN A 42 10.99 9.02 2.27
C ASN A 42 11.00 10.37 2.99
N VAL A 43 9.85 10.73 3.56
CA VAL A 43 9.72 11.99 4.28
C VAL A 43 8.40 12.05 5.05
N GLN A 44 7.33 11.61 4.41
CA GLN A 44 6.01 11.60 5.03
C GLN A 44 5.66 10.23 5.57
N PRO A 45 5.82 10.02 6.90
CA PRO A 45 5.51 8.73 7.53
C PRO A 45 4.02 8.47 7.61
N GLY A 46 3.64 7.19 7.65
CA GLY A 46 2.24 6.83 7.74
C GLY A 46 2.02 5.33 7.76
N ILE A 47 0.81 4.90 7.44
CA ILE A 47 0.48 3.49 7.42
C ILE A 47 -0.19 3.08 6.12
N LEU A 48 0.31 2.02 5.50
CA LEU A 48 -0.24 1.54 4.24
C LEU A 48 -1.67 1.02 4.43
N ARG A 49 -2.62 1.69 3.79
CA ARG A 49 -4.02 1.31 3.90
C ARG A 49 -4.52 0.71 2.58
N PHE A 50 -3.95 1.17 1.47
CA PHE A 50 -4.34 0.68 0.16
C PHE A 50 -3.17 0.72 -0.82
N LYS A 51 -3.29 -0.01 -1.91
CA LYS A 51 -2.24 -0.06 -2.92
C LYS A 51 -2.67 -0.87 -4.13
N GLY A 52 -2.99 -0.18 -5.23
CA GLY A 52 -3.42 -0.86 -6.43
C GLY A 52 -3.92 0.12 -7.49
N GLU A 53 -4.47 -0.43 -8.57
CA GLU A 53 -4.98 0.40 -9.66
C GLU A 53 -6.33 1.02 -9.28
N THR A 54 -6.37 2.35 -9.25
CA THR A 54 -7.59 3.07 -8.90
C THR A 54 -8.47 3.28 -10.14
N SER A 55 -9.53 4.07 -9.98
CA SER A 55 -10.44 4.35 -11.07
C SER A 55 -10.22 5.76 -11.62
N PHE A 56 -9.97 6.71 -10.73
CA PHE A 56 -9.74 8.10 -11.11
C PHE A 56 -8.47 8.21 -11.97
N ALA A 57 -7.51 7.33 -11.72
CA ALA A 57 -6.26 7.35 -12.46
C ALA A 57 -5.63 5.95 -12.51
N LYS A 58 -5.02 5.62 -13.63
CA LYS A 58 -4.38 4.32 -13.81
C LYS A 58 -3.14 4.20 -12.93
N GLY A 59 -2.41 3.10 -13.10
CA GLY A 59 -1.20 2.89 -12.32
C GLY A 59 -1.50 2.55 -10.87
N PHE A 60 -0.47 2.11 -10.15
CA PHE A 60 -0.62 1.75 -8.75
C PHE A 60 -0.70 3.00 -7.87
N TRP A 61 -1.60 2.96 -6.89
CA TRP A 61 -1.77 4.09 -5.98
C TRP A 61 -1.84 3.61 -4.53
N ALA A 62 -0.76 3.84 -3.80
CA ALA A 62 -0.69 3.43 -2.39
C ALA A 62 -1.31 4.49 -1.49
N GLY A 63 -2.37 4.09 -0.77
CA GLY A 63 -3.03 5.01 0.13
C GLY A 63 -2.50 4.94 1.54
N VAL A 64 -1.48 5.74 1.83
CA VAL A 64 -0.87 5.75 3.15
C VAL A 64 -1.63 6.67 4.10
N GLU A 65 -1.76 6.26 5.36
CA GLU A 65 -2.47 7.04 6.36
C GLU A 65 -1.49 7.83 7.22
N LEU A 66 -1.41 9.13 6.98
CA LEU A 66 -0.52 10.00 7.73
C LEU A 66 -1.01 10.18 9.17
N ASP A 67 -0.07 10.40 10.09
CA ASP A 67 -0.41 10.60 11.50
C ASP A 67 -1.08 11.95 11.71
N LYS A 68 -0.59 12.96 11.00
CA LYS A 68 -1.15 14.31 11.11
C LYS A 68 -1.98 14.66 9.89
N PRO A 69 -2.90 15.63 10.03
CA PRO A 69 -3.77 16.06 8.92
C PRO A 69 -3.00 16.80 7.84
N GLU A 70 -2.15 16.07 7.12
CA GLU A 70 -1.34 16.66 6.05
C GLU A 70 -1.84 16.21 4.68
N GLY A 71 -2.39 14.99 4.63
CA GLY A 71 -2.91 14.47 3.37
C GLY A 71 -4.02 15.31 2.80
N ASN A 72 -4.86 14.70 1.97
CA ASN A 72 -5.98 15.41 1.36
C ASN A 72 -7.13 14.46 1.06
N ASN A 73 -7.28 13.43 1.89
CA ASN A 73 -8.34 12.45 1.71
C ASN A 73 -8.59 11.68 3.01
N ASN A 74 -9.77 11.06 3.10
CA ASN A 74 -10.13 10.29 4.29
C ASN A 74 -10.42 8.84 3.92
N GLY A 75 -9.70 8.33 2.92
CA GLY A 75 -9.90 6.96 2.48
C GLY A 75 -10.84 6.85 1.31
N THR A 76 -11.83 7.74 1.25
CA THR A 76 -12.80 7.74 0.17
C THR A 76 -12.41 8.74 -0.92
N TYR A 77 -12.02 8.23 -2.07
CA TYR A 77 -11.61 9.09 -3.19
C TYR A 77 -12.78 9.30 -4.15
N ASP A 78 -13.43 10.46 -4.04
CA ASP A 78 -14.56 10.79 -4.89
C ASP A 78 -15.68 9.78 -4.72
N GLY A 79 -15.81 9.23 -3.51
CA GLY A 79 -16.85 8.26 -3.24
C GLY A 79 -16.30 6.86 -3.09
N ILE A 80 -15.21 6.56 -3.79
CA ILE A 80 -14.60 5.24 -3.73
C ILE A 80 -13.88 5.03 -2.40
N ALA A 81 -14.50 4.28 -1.50
CA ALA A 81 -13.93 4.01 -0.19
C ALA A 81 -12.87 2.90 -0.27
N TYR A 82 -11.61 3.30 -0.30
CA TYR A 82 -10.50 2.35 -0.37
C TYR A 82 -10.10 1.88 1.02
N PHE A 83 -10.26 2.76 2.01
CA PHE A 83 -9.90 2.43 3.39
C PHE A 83 -10.52 3.43 4.36
N GLU A 84 -10.33 3.19 5.65
CA GLU A 84 -10.87 4.07 6.68
C GLU A 84 -9.76 4.80 7.42
N CYS A 85 -9.94 6.09 7.66
CA CYS A 85 -8.96 6.90 8.35
C CYS A 85 -9.55 8.24 8.79
N LYS A 86 -8.70 9.10 9.35
CA LYS A 86 -9.14 10.41 9.80
C LYS A 86 -9.73 11.22 8.66
N GLU A 87 -9.94 12.51 8.91
CA GLU A 87 -10.50 13.40 7.91
C GLU A 87 -9.39 14.18 7.20
N LYS A 88 -8.95 13.65 6.06
CA LYS A 88 -7.89 14.27 5.28
C LYS A 88 -6.52 13.94 5.85
N HIS A 89 -6.37 12.70 6.31
CA HIS A 89 -5.11 12.25 6.90
C HIS A 89 -4.39 11.32 5.94
N GLY A 90 -5.16 10.56 5.15
CA GLY A 90 -4.57 9.64 4.20
C GLY A 90 -4.19 10.31 2.89
N ILE A 91 -3.36 9.64 2.10
CA ILE A 91 -2.93 10.19 0.82
C ILE A 91 -2.50 9.08 -0.13
N PHE A 92 -3.05 9.11 -1.34
CA PHE A 92 -2.74 8.11 -2.35
C PHE A 92 -1.48 8.50 -3.13
N ALA A 93 -0.37 7.82 -2.82
CA ALA A 93 0.90 8.09 -3.49
C ALA A 93 1.36 6.88 -4.29
N PRO A 94 2.01 7.12 -5.45
CA PRO A 94 2.50 6.04 -6.31
C PRO A 94 3.34 5.02 -5.54
N PRO A 95 3.54 3.82 -6.13
CA PRO A 95 4.32 2.76 -5.48
C PRO A 95 5.76 3.16 -5.25
N GLN A 96 6.36 3.79 -6.27
CA GLN A 96 7.75 4.23 -6.17
C GLN A 96 7.96 5.18 -5.00
N LYS A 97 6.87 5.81 -4.56
CA LYS A 97 6.93 6.76 -3.44
C LYS A 97 6.53 6.07 -2.14
N ILE A 98 6.88 4.80 -1.99
CA ILE A 98 6.56 4.04 -0.79
C ILE A 98 7.74 3.18 -0.35
N SER A 99 8.29 3.52 0.80
CA SER A 99 9.43 2.78 1.34
C SER A 99 9.21 2.43 2.81
N HIS A 100 9.62 1.22 3.20
CA HIS A 100 9.46 0.77 4.57
C HIS A 100 10.12 1.72 5.55
N ILE A 101 9.37 2.19 6.54
CA ILE A 101 9.88 3.11 7.54
C ILE A 101 10.99 2.46 8.36
N PRO A 102 12.15 3.12 8.49
CA PRO A 102 13.27 2.60 9.26
C PRO A 102 12.88 2.19 10.68
N GLU A 103 13.64 1.28 11.27
CA GLU A 103 13.36 0.82 12.62
C GLU A 103 13.66 1.90 13.64
N ASN A 104 14.65 2.74 13.33
CA ASN A 104 15.03 3.82 14.23
C ASN A 104 13.97 4.93 14.25
N PHE A 105 13.33 5.12 13.10
CA PHE A 105 12.29 6.15 12.98
C PHE A 105 11.11 5.84 13.90
N ASP A 106 10.81 4.55 14.06
CA ASP A 106 9.71 4.13 14.92
C ASP A 106 10.16 4.01 16.37
N ASP A 107 10.16 5.12 17.09
CA ASP A 107 10.56 5.13 18.48
C ASP A 107 9.37 4.90 19.40
N TYR A 108 8.24 5.53 19.08
CA TYR A 108 7.03 5.40 19.88
C TYR A 108 5.79 5.69 19.04
N VAL A 109 5.24 4.64 18.43
CA VAL A 109 4.05 4.79 17.60
C VAL A 109 2.92 3.89 18.10
N ASP A 110 1.79 4.50 18.41
CA ASP A 110 0.62 3.76 18.91
C ASP A 110 -0.64 4.61 18.82
N ILE A 111 -0.75 5.41 17.77
CA ILE A 111 -1.90 6.27 17.58
C ILE A 111 -2.52 6.05 16.21
N ASN A 112 -3.85 6.04 16.16
CA ASN A 112 -4.57 5.84 14.90
C ASN A 112 -5.96 6.45 14.97
N GLU A 113 -6.70 6.13 16.03
CA GLU A 113 -8.05 6.63 16.20
C GLU A 113 -8.36 6.83 17.68
N ASP A 114 -8.94 7.98 18.03
CA ASP A 114 -9.30 8.28 19.40
C ASP A 114 -10.66 8.95 19.48
N GLU A 115 -10.74 10.19 19.01
CA GLU A 115 -11.99 10.94 19.03
C GLU A 115 -12.01 12.00 17.94
N ASP A 116 -13.05 11.97 17.11
CA ASP A 116 -13.19 12.93 16.02
C ASP A 116 -13.95 14.16 16.48
N SER A 117 -15.24 13.99 16.76
CA SER A 117 -16.08 15.10 17.21
C SER A 117 -15.64 15.58 18.58
N GLY A 118 -14.86 16.66 18.61
CA GLY A 118 -14.39 17.20 19.86
C GLY A 118 -14.15 18.70 19.80
N PRO A 119 -15.05 19.51 20.39
CA PRO A 119 -14.92 20.97 20.38
C PRO A 119 -13.52 21.43 20.81
N SER A 120 -12.86 20.61 21.61
CA SER A 120 -11.52 20.93 22.10
C SER A 120 -10.53 20.98 20.95
N SER A 121 -9.47 21.78 21.11
CA SER A 121 -8.45 21.92 20.09
C SER A 121 -7.56 20.68 20.03
N GLY A 122 -7.09 20.35 18.84
CA GLY A 122 -6.24 19.19 18.68
C GLY A 122 -4.83 19.56 18.26
N GLY A 1 9.82 -22.22 20.93
CA GLY A 1 9.01 -22.11 19.68
C GLY A 1 9.80 -21.58 18.51
N SER A 2 9.72 -22.27 17.38
CA SER A 2 10.44 -21.87 16.18
C SER A 2 9.58 -22.06 14.93
N SER A 3 9.29 -20.97 14.24
CA SER A 3 8.48 -21.02 13.03
C SER A 3 9.35 -21.09 11.79
N GLY A 4 8.78 -21.57 10.69
CA GLY A 4 9.53 -21.68 9.45
C GLY A 4 9.62 -23.10 8.96
N SER A 5 10.80 -23.47 8.45
CA SER A 5 11.03 -24.81 7.94
C SER A 5 10.09 -25.13 6.78
N SER A 6 10.16 -26.35 6.27
CA SER A 6 9.31 -26.78 5.17
C SER A 6 8.74 -28.17 5.42
N GLY A 7 7.52 -28.21 5.94
CA GLY A 7 6.87 -29.48 6.22
C GLY A 7 6.14 -30.03 5.02
N VAL A 8 4.92 -30.51 5.25
CA VAL A 8 4.11 -31.08 4.17
C VAL A 8 3.34 -29.98 3.42
N GLU A 9 2.84 -30.32 2.25
CA GLU A 9 2.08 -29.36 1.44
C GLU A 9 0.59 -29.54 1.65
N HIS A 10 -0.06 -28.51 2.18
CA HIS A 10 -1.50 -28.55 2.43
C HIS A 10 -2.09 -27.14 2.47
N GLU A 11 -1.44 -26.26 3.22
CA GLU A 11 -1.89 -24.88 3.34
C GLU A 11 -1.35 -24.02 2.20
N GLN A 12 -1.90 -22.82 2.06
CA GLN A 12 -1.45 -21.90 1.01
C GLN A 12 -0.56 -20.81 1.58
N GLN A 13 0.73 -20.90 1.29
CA GLN A 13 1.69 -19.92 1.77
C GLN A 13 2.62 -19.47 0.65
N VAL A 14 3.54 -18.56 0.98
CA VAL A 14 4.49 -18.05 0.00
C VAL A 14 5.34 -19.17 -0.58
N THR A 15 5.25 -19.34 -1.90
CA THR A 15 6.01 -20.38 -2.58
C THR A 15 7.35 -19.84 -3.08
N GLU A 16 8.39 -20.64 -2.95
CA GLU A 16 9.73 -20.23 -3.39
C GLU A 16 10.23 -21.15 -4.51
N SER A 17 10.98 -20.57 -5.44
CA SER A 17 11.52 -21.34 -6.57
C SER A 17 12.68 -20.60 -7.21
N PRO A 18 13.66 -21.33 -7.75
CA PRO A 18 14.83 -20.74 -8.41
C PRO A 18 14.48 -20.11 -9.75
N SER A 19 14.32 -18.79 -9.75
CA SER A 19 13.98 -18.06 -10.97
C SER A 19 15.02 -17.00 -11.28
N LEU A 20 15.77 -17.22 -12.37
CA LEU A 20 16.81 -16.27 -12.78
C LEU A 20 16.26 -15.24 -13.75
N ALA A 21 16.32 -13.97 -13.35
CA ALA A 21 15.83 -12.88 -14.18
C ALA A 21 14.32 -13.00 -14.41
N SER A 22 13.93 -13.86 -15.34
CA SER A 22 12.52 -14.06 -15.66
C SER A 22 11.87 -12.76 -16.12
N VAL A 23 10.57 -12.81 -16.36
CA VAL A 23 9.83 -11.63 -16.80
C VAL A 23 9.45 -10.74 -15.62
N PRO A 24 9.45 -9.40 -15.81
CA PRO A 24 9.11 -8.45 -14.75
C PRO A 24 7.76 -8.76 -14.12
N THR A 25 7.30 -7.87 -13.25
CA THR A 25 6.03 -8.04 -12.56
C THR A 25 5.13 -6.83 -12.78
N ALA A 26 3.94 -7.06 -13.31
CA ALA A 26 2.98 -5.99 -13.56
C ALA A 26 2.61 -5.26 -12.27
N ASP A 27 2.82 -5.93 -11.14
CA ASP A 27 2.50 -5.34 -9.84
C ASP A 27 3.69 -4.56 -9.29
N GLU A 28 3.42 -3.33 -8.86
CA GLU A 28 4.48 -2.48 -8.31
C GLU A 28 4.52 -2.59 -6.79
N LEU A 29 3.36 -2.80 -6.18
CA LEU A 29 3.27 -2.91 -4.73
C LEU A 29 2.83 -4.33 -4.33
N PHE A 30 3.61 -5.31 -4.76
CA PHE A 30 3.31 -6.71 -4.45
C PHE A 30 3.99 -7.13 -3.15
N ASP A 31 5.11 -6.51 -2.84
CA ASP A 31 5.86 -6.82 -1.63
C ASP A 31 5.52 -5.83 -0.51
N PHE A 32 4.24 -5.44 -0.44
CA PHE A 32 3.79 -4.51 0.59
C PHE A 32 2.45 -4.95 1.16
N HIS A 33 2.46 -5.37 2.42
CA HIS A 33 1.24 -5.82 3.09
C HIS A 33 0.51 -4.64 3.72
N ILE A 34 -0.79 -4.83 3.99
CA ILE A 34 -1.60 -3.79 4.60
C ILE A 34 -1.47 -3.81 6.11
N GLY A 35 -1.19 -2.65 6.70
CA GLY A 35 -1.05 -2.55 8.14
C GLY A 35 0.39 -2.46 8.57
N ASP A 36 1.23 -1.90 7.70
CA ASP A 36 2.66 -1.76 8.00
C ASP A 36 3.08 -0.29 7.94
N ARG A 37 4.26 0.00 8.48
CA ARG A 37 4.78 1.37 8.49
C ARG A 37 5.55 1.66 7.21
N VAL A 38 5.07 2.66 6.47
CA VAL A 38 5.71 3.05 5.21
C VAL A 38 6.07 4.53 5.22
N LEU A 39 7.02 4.90 4.36
CA LEU A 39 7.46 6.29 4.26
C LEU A 39 7.26 6.83 2.86
N ILE A 40 6.44 7.87 2.73
CA ILE A 40 6.16 8.48 1.44
C ILE A 40 7.22 9.50 1.06
N GLY A 41 7.98 9.21 0.01
CA GLY A 41 9.03 10.11 -0.43
C GLY A 41 10.05 10.38 0.65
N ASN A 42 10.14 9.48 1.63
CA ASN A 42 11.10 9.63 2.72
C ASN A 42 10.92 10.97 3.43
N VAL A 43 9.76 11.16 4.04
CA VAL A 43 9.47 12.40 4.75
C VAL A 43 8.08 12.34 5.41
N GLN A 44 7.13 11.74 4.72
CA GLN A 44 5.77 11.63 5.23
C GLN A 44 5.51 10.23 5.80
N PRO A 45 5.59 10.07 7.12
CA PRO A 45 5.36 8.78 7.78
C PRO A 45 3.88 8.41 7.84
N GLY A 46 3.59 7.13 7.65
CA GLY A 46 2.22 6.67 7.69
C GLY A 46 2.11 5.16 7.54
N ILE A 47 0.87 4.66 7.58
CA ILE A 47 0.63 3.22 7.46
C ILE A 47 -0.03 2.90 6.12
N LEU A 48 0.46 1.85 5.46
CA LEU A 48 -0.08 1.44 4.17
C LEU A 48 -1.44 0.78 4.35
N ARG A 49 -2.49 1.47 3.92
CA ARG A 49 -3.85 0.95 4.03
C ARG A 49 -4.31 0.33 2.72
N PHE A 50 -4.14 1.06 1.62
CA PHE A 50 -4.53 0.58 0.30
C PHE A 50 -3.35 0.61 -0.67
N LYS A 51 -3.48 -0.12 -1.77
CA LYS A 51 -2.42 -0.17 -2.78
C LYS A 51 -2.87 -0.99 -3.98
N GLY A 52 -2.90 -0.35 -5.14
CA GLY A 52 -3.30 -1.03 -6.36
C GLY A 52 -3.94 -0.09 -7.37
N GLU A 53 -4.63 -0.65 -8.35
CA GLU A 53 -5.29 0.14 -9.38
C GLU A 53 -6.57 0.77 -8.85
N THR A 54 -6.82 2.00 -9.26
CA THR A 54 -8.03 2.71 -8.81
C THR A 54 -8.95 2.99 -9.99
N SER A 55 -10.06 3.68 -9.72
CA SER A 55 -11.03 4.02 -10.76
C SER A 55 -10.78 5.42 -11.30
N PHE A 56 -10.58 6.37 -10.39
CA PHE A 56 -10.32 7.76 -10.77
C PHE A 56 -9.06 7.87 -11.63
N ALA A 57 -8.07 7.05 -11.30
CA ALA A 57 -6.81 7.06 -12.04
C ALA A 57 -6.26 5.64 -12.20
N LYS A 58 -5.39 5.46 -13.19
CA LYS A 58 -4.79 4.16 -13.44
C LYS A 58 -3.51 3.98 -12.65
N GLY A 59 -2.77 2.90 -12.93
CA GLY A 59 -1.53 2.64 -12.22
C GLY A 59 -1.75 2.28 -10.77
N PHE A 60 -0.66 2.01 -10.06
CA PHE A 60 -0.73 1.64 -8.66
C PHE A 60 -0.87 2.89 -7.78
N TRP A 61 -1.77 2.82 -6.80
CA TRP A 61 -2.00 3.93 -5.89
C TRP A 61 -2.09 3.44 -4.45
N ALA A 62 -1.11 3.81 -3.63
CA ALA A 62 -1.09 3.40 -2.24
C ALA A 62 -1.70 4.47 -1.35
N GLY A 63 -2.77 4.11 -0.64
CA GLY A 63 -3.43 5.04 0.25
C GLY A 63 -2.90 4.97 1.66
N VAL A 64 -1.79 5.67 1.91
CA VAL A 64 -1.17 5.69 3.22
C VAL A 64 -1.92 6.63 4.17
N GLU A 65 -2.04 6.22 5.43
CA GLU A 65 -2.73 7.03 6.43
C GLU A 65 -1.72 7.73 7.35
N LEU A 66 -1.55 9.03 7.15
CA LEU A 66 -0.62 9.80 7.96
C LEU A 66 -1.16 10.00 9.38
N ASP A 67 -0.26 10.04 10.35
CA ASP A 67 -0.65 10.23 11.74
C ASP A 67 -1.15 11.66 11.98
N LYS A 68 -0.74 12.58 11.13
CA LYS A 68 -1.15 13.97 11.25
C LYS A 68 -1.91 14.43 10.00
N PRO A 69 -2.76 15.46 10.13
CA PRO A 69 -3.53 15.99 9.00
C PRO A 69 -2.65 16.65 7.95
N GLU A 70 -1.88 15.83 7.24
CA GLU A 70 -0.99 16.33 6.20
C GLU A 70 -1.48 15.90 4.82
N GLY A 71 -2.19 14.78 4.76
CA GLY A 71 -2.70 14.29 3.50
C GLY A 71 -3.69 15.25 2.86
N ASN A 72 -4.91 14.78 2.62
CA ASN A 72 -5.94 15.60 2.02
C ASN A 72 -7.26 14.82 1.90
N ASN A 73 -7.16 13.54 1.57
CA ASN A 73 -8.34 12.70 1.43
C ASN A 73 -8.65 11.97 2.73
N ASN A 74 -9.73 11.17 2.72
CA ASN A 74 -10.13 10.42 3.90
C ASN A 74 -10.42 8.96 3.53
N GLY A 75 -9.72 8.46 2.52
CA GLY A 75 -9.91 7.09 2.09
C GLY A 75 -10.90 6.97 0.94
N THR A 76 -11.83 7.91 0.87
CA THR A 76 -12.83 7.91 -0.19
C THR A 76 -12.48 8.91 -1.28
N TYR A 77 -11.94 8.41 -2.40
CA TYR A 77 -11.55 9.26 -3.50
C TYR A 77 -12.69 9.41 -4.50
N ASP A 78 -13.30 10.60 -4.53
CA ASP A 78 -14.40 10.87 -5.43
C ASP A 78 -15.59 9.95 -5.14
N GLY A 79 -15.72 9.55 -3.88
CA GLY A 79 -16.81 8.67 -3.50
C GLY A 79 -16.37 7.23 -3.33
N ILE A 80 -15.32 6.84 -4.06
CA ILE A 80 -14.80 5.49 -3.99
C ILE A 80 -14.03 5.26 -2.71
N ALA A 81 -14.62 4.51 -1.79
CA ALA A 81 -13.99 4.21 -0.51
C ALA A 81 -12.86 3.18 -0.68
N TYR A 82 -11.79 3.35 0.09
CA TYR A 82 -10.66 2.44 0.03
C TYR A 82 -10.24 2.00 1.44
N PHE A 83 -10.03 2.97 2.32
CA PHE A 83 -9.63 2.69 3.69
C PHE A 83 -10.29 3.66 4.66
N GLU A 84 -10.09 3.44 5.95
CA GLU A 84 -10.66 4.30 6.98
C GLU A 84 -9.60 5.21 7.59
N CYS A 85 -9.93 6.49 7.69
CA CYS A 85 -9.00 7.47 8.25
C CYS A 85 -9.71 8.81 8.49
N LYS A 86 -8.96 9.79 8.96
CA LYS A 86 -9.51 11.11 9.24
C LYS A 86 -9.97 11.79 7.96
N GLU A 87 -10.41 13.04 8.07
CA GLU A 87 -10.89 13.80 6.92
C GLU A 87 -9.78 14.05 5.91
N LYS A 88 -8.60 14.45 6.40
CA LYS A 88 -7.47 14.73 5.53
C LYS A 88 -6.19 14.07 6.05
N HIS A 89 -6.22 12.76 6.18
CA HIS A 89 -5.06 12.01 6.67
C HIS A 89 -4.60 10.99 5.62
N GLY A 90 -5.55 10.46 4.87
CA GLY A 90 -5.22 9.48 3.84
C GLY A 90 -4.78 10.12 2.54
N ILE A 91 -3.60 9.73 2.07
CA ILE A 91 -3.05 10.28 0.82
C ILE A 91 -2.62 9.17 -0.12
N PHE A 92 -3.03 9.27 -1.38
CA PHE A 92 -2.68 8.28 -2.38
C PHE A 92 -1.39 8.65 -3.09
N ALA A 93 -0.34 7.87 -2.85
CA ALA A 93 0.96 8.12 -3.47
C ALA A 93 1.40 6.92 -4.32
N PRO A 94 2.10 7.18 -5.44
CA PRO A 94 2.58 6.12 -6.33
C PRO A 94 3.39 5.06 -5.59
N PRO A 95 3.51 3.85 -6.16
CA PRO A 95 4.27 2.76 -5.56
C PRO A 95 5.75 3.09 -5.40
N GLN A 96 6.28 3.86 -6.35
CA GLN A 96 7.68 4.26 -6.32
C GLN A 96 8.00 5.04 -5.04
N LYS A 97 7.00 5.74 -4.51
CA LYS A 97 7.17 6.53 -3.30
C LYS A 97 6.69 5.76 -2.08
N ILE A 98 6.87 4.44 -2.10
CA ILE A 98 6.46 3.58 -0.99
C ILE A 98 7.63 2.81 -0.42
N SER A 99 8.18 3.31 0.69
CA SER A 99 9.32 2.66 1.34
C SER A 99 8.98 2.30 2.78
N HIS A 100 9.87 1.53 3.41
CA HIS A 100 9.67 1.11 4.79
C HIS A 100 10.24 2.14 5.76
N ILE A 101 9.51 2.39 6.85
CA ILE A 101 9.94 3.35 7.85
C ILE A 101 10.99 2.75 8.78
N PRO A 102 12.21 3.33 8.80
CA PRO A 102 13.30 2.84 9.65
C PRO A 102 12.88 2.71 11.12
N GLU A 103 13.81 2.27 11.96
CA GLU A 103 13.53 2.10 13.38
C GLU A 103 13.69 3.42 14.12
N ASN A 104 14.54 4.30 13.59
CA ASN A 104 14.78 5.61 14.20
C ASN A 104 13.85 6.66 13.61
N PHE A 105 12.57 6.32 13.47
CA PHE A 105 11.59 7.24 12.92
C PHE A 105 10.24 7.06 13.60
N ASP A 106 9.83 5.81 13.75
CA ASP A 106 8.54 5.49 14.39
C ASP A 106 8.68 5.51 15.90
N ASP A 107 8.59 6.71 16.48
CA ASP A 107 8.70 6.87 17.93
C ASP A 107 7.37 7.32 18.53
N TYR A 108 6.28 6.85 17.93
CA TYR A 108 4.94 7.20 18.41
C TYR A 108 4.06 5.96 18.51
N VAL A 109 3.29 5.89 19.60
CA VAL A 109 2.40 4.75 19.81
C VAL A 109 1.16 4.85 18.94
N ASP A 110 0.92 3.82 18.13
CA ASP A 110 -0.23 3.79 17.23
C ASP A 110 -0.94 2.45 17.31
N ILE A 111 -2.25 2.48 17.50
CA ILE A 111 -3.05 1.27 17.59
C ILE A 111 -4.01 1.15 16.41
N ASN A 112 -3.96 0.01 15.72
CA ASN A 112 -4.82 -0.22 14.57
C ASN A 112 -5.46 -1.60 14.64
N GLU A 113 -6.27 -1.93 13.64
CA GLU A 113 -6.94 -3.22 13.59
C GLU A 113 -7.86 -3.40 14.80
N ASP A 114 -9.02 -2.77 14.76
CA ASP A 114 -9.98 -2.87 15.84
C ASP A 114 -11.19 -3.71 15.44
N GLU A 115 -11.50 -3.71 14.15
CA GLU A 115 -12.63 -4.48 13.62
C GLU A 115 -13.96 -3.88 14.09
N ASP A 116 -14.23 -3.98 15.39
CA ASP A 116 -15.46 -3.44 15.96
C ASP A 116 -15.17 -2.68 17.25
N SER A 117 -15.93 -1.61 17.47
CA SER A 117 -15.76 -0.80 18.67
C SER A 117 -17.01 0.05 18.93
N GLY A 118 -17.81 -0.38 19.89
CA GLY A 118 -19.02 0.35 20.22
C GLY A 118 -18.75 1.55 21.12
N PRO A 119 -18.90 2.78 20.60
CA PRO A 119 -18.67 4.01 21.37
C PRO A 119 -19.71 4.20 22.47
N SER A 120 -20.88 3.60 22.29
CA SER A 120 -21.96 3.71 23.27
C SER A 120 -21.50 3.22 24.64
N SER A 121 -22.37 3.35 25.63
CA SER A 121 -22.06 2.93 26.99
C SER A 121 -20.87 3.69 27.54
N GLY A 122 -21.12 4.89 28.06
CA GLY A 122 -20.06 5.70 28.61
C GLY A 122 -20.01 5.66 30.13
N GLY A 1 -8.22 -12.49 -43.59
CA GLY A 1 -9.14 -11.51 -44.21
C GLY A 1 -9.08 -11.52 -45.72
N SER A 2 -9.92 -12.34 -46.34
CA SER A 2 -9.96 -12.45 -47.79
C SER A 2 -10.90 -11.40 -48.39
N SER A 3 -10.32 -10.42 -49.07
CA SER A 3 -11.10 -9.36 -49.69
C SER A 3 -11.91 -8.58 -48.65
N GLY A 4 -12.65 -7.58 -49.11
CA GLY A 4 -13.44 -6.78 -48.20
C GLY A 4 -12.74 -5.49 -47.80
N SER A 5 -12.90 -4.46 -48.62
CA SER A 5 -12.28 -3.17 -48.35
C SER A 5 -12.94 -2.07 -49.18
N SER A 6 -14.06 -1.55 -48.69
CA SER A 6 -14.78 -0.49 -49.39
C SER A 6 -15.55 0.38 -48.40
N GLY A 7 -15.07 0.46 -47.17
CA GLY A 7 -15.72 1.27 -46.16
C GLY A 7 -17.17 0.85 -45.94
N VAL A 8 -17.44 -0.44 -46.10
CA VAL A 8 -18.79 -0.96 -45.91
C VAL A 8 -18.76 -2.41 -45.45
N GLU A 9 -17.97 -3.22 -46.12
CA GLU A 9 -17.86 -4.64 -45.78
C GLU A 9 -16.51 -4.93 -45.13
N HIS A 10 -16.25 -4.29 -43.99
CA HIS A 10 -15.01 -4.48 -43.26
C HIS A 10 -15.25 -5.19 -41.93
N GLU A 11 -15.23 -6.52 -41.95
CA GLU A 11 -15.46 -7.31 -40.76
C GLU A 11 -14.21 -8.13 -40.40
N GLN A 12 -14.08 -8.47 -39.13
CA GLN A 12 -12.94 -9.26 -38.67
C GLN A 12 -13.38 -10.29 -37.64
N GLN A 13 -12.60 -11.36 -37.51
CA GLN A 13 -12.90 -12.42 -36.55
C GLN A 13 -11.70 -13.33 -36.35
N VAL A 14 -11.42 -14.16 -37.33
CA VAL A 14 -10.30 -15.09 -37.27
C VAL A 14 -8.97 -14.34 -37.29
N THR A 15 -8.07 -14.69 -36.36
CA THR A 15 -6.77 -14.05 -36.27
C THR A 15 -5.70 -15.07 -35.90
N GLU A 16 -4.57 -15.02 -36.62
CA GLU A 16 -3.47 -15.93 -36.36
C GLU A 16 -2.72 -15.53 -35.10
N SER A 17 -2.71 -16.43 -34.11
CA SER A 17 -2.04 -16.18 -32.85
C SER A 17 -0.85 -17.13 -32.66
N PRO A 18 0.22 -16.66 -32.01
CA PRO A 18 1.41 -17.48 -31.76
C PRO A 18 1.17 -18.56 -30.71
N SER A 19 2.25 -19.18 -30.26
CA SER A 19 2.16 -20.24 -29.25
C SER A 19 2.87 -19.83 -27.97
N LEU A 20 2.82 -18.54 -27.65
CA LEU A 20 3.46 -18.02 -26.44
C LEU A 20 2.42 -17.74 -25.36
N ALA A 21 2.85 -17.79 -24.11
CA ALA A 21 1.97 -17.54 -22.98
C ALA A 21 2.57 -16.51 -22.02
N SER A 22 3.25 -15.52 -22.59
CA SER A 22 3.88 -14.48 -21.79
C SER A 22 2.82 -13.61 -21.11
N VAL A 23 2.95 -13.46 -19.79
CA VAL A 23 2.01 -12.66 -19.02
C VAL A 23 2.74 -11.54 -18.25
N PRO A 24 2.44 -10.27 -18.58
CA PRO A 24 3.07 -9.13 -17.91
C PRO A 24 2.62 -8.98 -16.46
N THR A 25 3.58 -8.98 -15.54
CA THR A 25 3.28 -8.84 -14.12
C THR A 25 3.49 -7.40 -13.66
N ALA A 26 2.38 -6.69 -13.45
CA ALA A 26 2.43 -5.31 -13.01
C ALA A 26 1.92 -5.16 -11.59
N ASP A 27 2.83 -5.25 -10.62
CA ASP A 27 2.46 -5.13 -9.22
C ASP A 27 3.21 -3.98 -8.55
N GLU A 28 4.53 -4.13 -8.43
CA GLU A 28 5.37 -3.10 -7.81
C GLU A 28 5.19 -3.07 -6.30
N LEU A 29 3.96 -2.85 -5.85
CA LEU A 29 3.67 -2.80 -4.42
C LEU A 29 3.19 -4.15 -3.91
N PHE A 30 3.79 -5.22 -4.41
CA PHE A 30 3.43 -6.57 -4.00
C PHE A 30 4.11 -6.95 -2.69
N ASP A 31 5.28 -6.38 -2.44
CA ASP A 31 6.02 -6.66 -1.23
C ASP A 31 5.44 -5.88 -0.04
N PHE A 32 4.84 -4.74 -0.33
CA PHE A 32 4.26 -3.89 0.71
C PHE A 32 2.90 -4.46 1.15
N HIS A 33 2.82 -4.88 2.41
CA HIS A 33 1.59 -5.43 2.96
C HIS A 33 0.73 -4.33 3.58
N ILE A 34 -0.55 -4.64 3.78
CA ILE A 34 -1.47 -3.68 4.37
C ILE A 34 -1.38 -3.67 5.90
N GLY A 35 -1.44 -2.48 6.48
CA GLY A 35 -1.35 -2.37 7.93
C GLY A 35 0.08 -2.41 8.43
N ASP A 36 0.99 -1.84 7.65
CA ASP A 36 2.40 -1.81 8.03
C ASP A 36 2.98 -0.40 7.86
N ARG A 37 3.99 -0.08 8.66
CA ARG A 37 4.63 1.22 8.60
C ARG A 37 5.29 1.44 7.23
N VAL A 38 5.01 2.60 6.63
CA VAL A 38 5.57 2.93 5.33
C VAL A 38 5.84 4.43 5.21
N LEU A 39 7.03 4.77 4.75
CA LEU A 39 7.41 6.17 4.59
C LEU A 39 7.20 6.63 3.14
N ILE A 40 6.33 7.62 2.97
CA ILE A 40 6.03 8.15 1.65
C ILE A 40 7.10 9.14 1.19
N GLY A 41 7.86 8.76 0.18
CA GLY A 41 8.91 9.63 -0.32
C GLY A 41 10.01 9.88 0.70
N ASN A 42 10.10 9.00 1.69
CA ASN A 42 11.12 9.13 2.73
C ASN A 42 11.01 10.48 3.43
N VAL A 43 9.80 10.82 3.86
CA VAL A 43 9.56 12.08 4.54
C VAL A 43 8.21 12.10 5.25
N GLN A 44 7.18 11.59 4.55
CA GLN A 44 5.84 11.54 5.11
C GLN A 44 5.53 10.15 5.66
N PRO A 45 5.63 9.97 6.99
CA PRO A 45 5.35 8.68 7.63
C PRO A 45 3.86 8.33 7.61
N GLY A 46 3.56 7.03 7.64
CA GLY A 46 2.19 6.59 7.63
C GLY A 46 2.06 5.09 7.49
N ILE A 47 0.82 4.59 7.55
CA ILE A 47 0.58 3.16 7.44
C ILE A 47 -0.11 2.83 6.12
N LEU A 48 0.37 1.78 5.46
CA LEU A 48 -0.21 1.35 4.18
C LEU A 48 -1.60 0.77 4.38
N ARG A 49 -2.62 1.52 3.98
CA ARG A 49 -3.99 1.07 4.11
C ARG A 49 -4.49 0.43 2.82
N PHE A 50 -3.99 0.94 1.68
CA PHE A 50 -4.39 0.42 0.38
C PHE A 50 -3.26 0.58 -0.63
N LYS A 51 -3.27 -0.27 -1.65
CA LYS A 51 -2.24 -0.22 -2.69
C LYS A 51 -2.64 -1.07 -3.90
N GLY A 52 -3.06 -0.39 -4.97
CA GLY A 52 -3.46 -1.11 -6.17
C GLY A 52 -4.15 -0.19 -7.16
N GLU A 53 -4.83 -0.80 -8.14
CA GLU A 53 -5.53 -0.03 -9.16
C GLU A 53 -6.79 0.63 -8.59
N THR A 54 -7.07 1.85 -9.03
CA THR A 54 -8.23 2.59 -8.56
C THR A 54 -9.19 2.87 -9.70
N SER A 55 -10.28 3.57 -9.39
CA SER A 55 -11.29 3.90 -10.40
C SER A 55 -11.09 5.33 -10.92
N PHE A 56 -10.60 6.20 -10.05
CA PHE A 56 -10.36 7.59 -10.42
C PHE A 56 -9.12 7.72 -11.29
N ALA A 57 -8.08 6.97 -10.94
CA ALA A 57 -6.83 7.00 -11.69
C ALA A 57 -6.33 5.60 -11.98
N LYS A 58 -5.55 5.46 -13.05
CA LYS A 58 -5.00 4.17 -13.44
C LYS A 58 -3.67 3.91 -12.73
N GLY A 59 -3.16 2.68 -12.89
CA GLY A 59 -1.90 2.33 -12.27
C GLY A 59 -2.04 2.04 -10.79
N PHE A 60 -0.93 1.84 -10.11
CA PHE A 60 -0.92 1.55 -8.68
C PHE A 60 -1.07 2.83 -7.87
N TRP A 61 -1.81 2.74 -6.76
CA TRP A 61 -2.02 3.89 -5.90
C TRP A 61 -2.04 3.46 -4.43
N ALA A 62 -1.01 3.87 -3.69
CA ALA A 62 -0.89 3.52 -2.28
C ALA A 62 -1.55 4.59 -1.40
N GLY A 63 -2.57 4.18 -0.66
CA GLY A 63 -3.26 5.11 0.22
C GLY A 63 -2.79 5.01 1.66
N VAL A 64 -1.69 5.69 1.96
CA VAL A 64 -1.13 5.68 3.31
C VAL A 64 -1.86 6.67 4.22
N GLU A 65 -2.09 6.26 5.46
CA GLU A 65 -2.77 7.11 6.43
C GLU A 65 -1.75 7.84 7.32
N LEU A 66 -1.53 9.11 7.03
CA LEU A 66 -0.59 9.92 7.80
C LEU A 66 -1.07 10.08 9.24
N ASP A 67 -0.13 10.04 10.18
CA ASP A 67 -0.45 10.19 11.59
C ASP A 67 -0.95 11.60 11.89
N LYS A 68 -0.38 12.57 11.21
CA LYS A 68 -0.77 13.97 11.40
C LYS A 68 -1.41 14.54 10.14
N PRO A 69 -2.31 15.53 10.30
CA PRO A 69 -2.99 16.15 9.15
C PRO A 69 -2.01 16.73 8.14
N GLU A 70 -1.55 15.89 7.23
CA GLU A 70 -0.60 16.33 6.19
C GLU A 70 -0.90 15.64 4.86
N GLY A 71 -2.18 15.34 4.64
CA GLY A 71 -2.57 14.69 3.40
C GLY A 71 -3.61 15.48 2.63
N ASN A 72 -4.50 14.78 1.94
CA ASN A 72 -5.54 15.43 1.16
C ASN A 72 -6.63 14.43 0.78
N ASN A 73 -6.91 13.49 1.68
CA ASN A 73 -7.94 12.49 1.45
C ASN A 73 -8.43 11.90 2.76
N ASN A 74 -9.54 11.17 2.70
CA ASN A 74 -10.12 10.54 3.89
C ASN A 74 -10.49 9.09 3.62
N GLY A 75 -9.76 8.46 2.69
CA GLY A 75 -10.03 7.08 2.36
C GLY A 75 -10.99 6.93 1.18
N THR A 76 -11.77 7.98 0.93
CA THR A 76 -12.73 7.96 -0.18
C THR A 76 -12.31 8.93 -1.28
N TYR A 77 -11.77 8.39 -2.36
CA TYR A 77 -11.34 9.20 -3.50
C TYR A 77 -12.44 9.31 -4.54
N ASP A 78 -13.06 10.48 -4.63
CA ASP A 78 -14.12 10.71 -5.59
C ASP A 78 -15.31 9.79 -5.32
N GLY A 79 -15.49 9.41 -4.06
CA GLY A 79 -16.58 8.54 -3.70
C GLY A 79 -16.13 7.12 -3.43
N ILE A 80 -15.08 6.69 -4.12
CA ILE A 80 -14.55 5.35 -3.96
C ILE A 80 -13.85 5.19 -2.61
N ALA A 81 -14.50 4.50 -1.69
CA ALA A 81 -13.93 4.28 -0.36
C ALA A 81 -12.99 3.08 -0.35
N TYR A 82 -11.70 3.35 -0.14
CA TYR A 82 -10.70 2.30 -0.11
C TYR A 82 -10.32 1.93 1.32
N PHE A 83 -10.12 2.96 2.15
CA PHE A 83 -9.77 2.75 3.56
C PHE A 83 -10.46 3.77 4.45
N GLU A 84 -10.19 3.70 5.74
CA GLU A 84 -10.78 4.62 6.71
C GLU A 84 -9.72 5.46 7.40
N CYS A 85 -9.95 6.77 7.47
CA CYS A 85 -9.01 7.68 8.10
C CYS A 85 -9.65 9.05 8.33
N LYS A 86 -8.86 9.99 8.81
CA LYS A 86 -9.35 11.34 9.07
C LYS A 86 -9.92 11.98 7.80
N GLU A 87 -10.15 13.28 7.86
CA GLU A 87 -10.71 14.01 6.72
C GLU A 87 -9.64 14.27 5.66
N LYS A 88 -8.41 14.53 6.11
CA LYS A 88 -7.31 14.80 5.20
C LYS A 88 -6.01 14.18 5.72
N HIS A 89 -6.11 12.96 6.22
CA HIS A 89 -4.94 12.26 6.74
C HIS A 89 -4.37 11.30 5.71
N GLY A 90 -5.26 10.60 5.01
CA GLY A 90 -4.83 9.65 4.00
C GLY A 90 -4.32 10.34 2.75
N ILE A 91 -3.38 9.71 2.07
CA ILE A 91 -2.81 10.27 0.85
C ILE A 91 -2.45 9.17 -0.16
N PHE A 92 -2.97 9.32 -1.38
CA PHE A 92 -2.71 8.33 -2.43
C PHE A 92 -1.44 8.68 -3.20
N ALA A 93 -0.35 8.00 -2.87
CA ALA A 93 0.93 8.23 -3.53
C ALA A 93 1.34 7.03 -4.38
N PRO A 94 1.94 7.28 -5.55
CA PRO A 94 2.38 6.20 -6.46
C PRO A 94 3.26 5.18 -5.75
N PRO A 95 3.44 4.00 -6.35
CA PRO A 95 4.27 2.93 -5.77
C PRO A 95 5.72 3.36 -5.59
N GLN A 96 6.23 4.12 -6.55
CA GLN A 96 7.61 4.60 -6.50
C GLN A 96 7.84 5.46 -5.26
N LYS A 97 6.77 6.06 -4.75
CA LYS A 97 6.86 6.91 -3.57
C LYS A 97 6.47 6.14 -2.31
N ILE A 98 6.74 4.84 -2.31
CA ILE A 98 6.43 4.00 -1.16
C ILE A 98 7.68 3.32 -0.61
N SER A 99 8.14 3.81 0.53
CA SER A 99 9.34 3.26 1.17
C SER A 99 9.02 2.76 2.57
N HIS A 100 9.99 2.07 3.18
CA HIS A 100 9.81 1.53 4.53
C HIS A 100 10.36 2.50 5.57
N ILE A 101 9.56 2.78 6.59
CA ILE A 101 9.97 3.70 7.65
C ILE A 101 11.18 3.15 8.40
N PRO A 102 12.36 3.79 8.26
CA PRO A 102 13.58 3.36 8.93
C PRO A 102 13.41 3.24 10.43
N GLU A 103 14.01 2.22 11.03
CA GLU A 103 13.92 1.98 12.46
C GLU A 103 14.49 3.18 13.24
N ASN A 104 15.48 3.83 12.65
CA ASN A 104 16.12 4.98 13.27
C ASN A 104 15.20 6.21 13.23
N PHE A 105 14.30 6.23 12.26
CA PHE A 105 13.36 7.34 12.11
C PHE A 105 12.60 7.59 13.40
N ASP A 106 12.34 6.53 14.15
CA ASP A 106 11.62 6.63 15.41
C ASP A 106 10.22 7.22 15.19
N ASP A 107 9.27 6.37 14.85
CA ASP A 107 7.90 6.81 14.61
C ASP A 107 6.93 6.06 15.52
N TYR A 108 6.09 6.81 16.22
CA TYR A 108 5.11 6.22 17.13
C TYR A 108 3.74 6.14 16.46
N VAL A 109 3.15 4.95 16.48
CA VAL A 109 1.85 4.73 15.88
C VAL A 109 1.39 3.29 16.05
N ASP A 110 0.33 3.10 16.84
CA ASP A 110 -0.20 1.76 17.09
C ASP A 110 -1.70 1.82 17.37
N ILE A 111 -2.42 2.61 16.58
CA ILE A 111 -3.85 2.76 16.74
C ILE A 111 -4.60 1.62 16.05
N ASN A 112 -3.95 0.97 15.09
CA ASN A 112 -4.55 -0.14 14.37
C ASN A 112 -4.62 -1.39 15.23
N GLU A 113 -5.81 -1.98 15.31
CA GLU A 113 -6.00 -3.19 16.11
C GLU A 113 -5.55 -4.43 15.35
N ASP A 114 -6.05 -4.59 14.13
CA ASP A 114 -5.70 -5.74 13.30
C ASP A 114 -4.50 -5.41 12.41
N GLU A 115 -3.48 -6.27 12.48
CA GLU A 115 -2.27 -6.07 11.68
C GLU A 115 -1.87 -7.37 10.99
N ASP A 116 -1.81 -7.33 9.66
CA ASP A 116 -1.42 -8.49 8.88
C ASP A 116 -2.39 -9.64 9.12
N SER A 117 -2.03 -10.83 8.63
CA SER A 117 -2.87 -12.01 8.79
C SER A 117 -4.22 -11.81 8.11
N GLY A 118 -4.94 -12.91 7.90
CA GLY A 118 -6.25 -12.83 7.26
C GLY A 118 -6.83 -14.20 6.99
N PRO A 119 -8.17 -14.31 6.92
CA PRO A 119 -8.85 -15.59 6.65
C PRO A 119 -8.31 -16.28 5.41
N SER A 120 -7.76 -17.47 5.60
CA SER A 120 -7.20 -18.24 4.49
C SER A 120 -8.28 -19.07 3.81
N SER A 121 -8.31 -19.04 2.48
CA SER A 121 -9.30 -19.79 1.71
C SER A 121 -8.73 -20.20 0.36
N GLY A 122 -8.02 -21.34 0.34
CA GLY A 122 -7.44 -21.83 -0.89
C GLY A 122 -8.20 -23.02 -1.46
N GLY A 1 4.97 -39.78 -19.37
CA GLY A 1 6.26 -40.39 -18.93
C GLY A 1 6.96 -39.56 -17.88
N SER A 2 8.29 -39.61 -17.87
CA SER A 2 9.08 -38.85 -16.92
C SER A 2 9.03 -37.36 -17.21
N SER A 3 9.00 -36.55 -16.15
CA SER A 3 8.95 -35.09 -16.30
C SER A 3 7.70 -34.67 -17.06
N GLY A 4 6.58 -34.59 -16.35
CA GLY A 4 5.32 -34.20 -16.96
C GLY A 4 4.78 -32.90 -16.39
N SER A 5 3.96 -32.22 -17.17
CA SER A 5 3.38 -30.95 -16.74
C SER A 5 1.86 -31.09 -16.56
N SER A 6 1.24 -31.85 -17.43
CA SER A 6 -0.21 -32.07 -17.37
C SER A 6 -0.57 -33.48 -17.81
N GLY A 7 -1.51 -34.10 -17.09
CA GLY A 7 -1.92 -35.45 -17.43
C GLY A 7 -1.53 -36.46 -16.36
N VAL A 8 -2.48 -37.29 -15.95
CA VAL A 8 -2.22 -38.30 -14.93
C VAL A 8 -2.37 -39.71 -15.51
N GLU A 9 -3.32 -39.88 -16.41
CA GLU A 9 -3.55 -41.18 -17.04
C GLU A 9 -3.35 -41.10 -18.54
N HIS A 10 -4.33 -40.51 -19.23
CA HIS A 10 -4.26 -40.36 -20.68
C HIS A 10 -4.64 -38.95 -21.11
N GLU A 11 -4.01 -37.97 -20.47
CA GLU A 11 -4.28 -36.56 -20.78
C GLU A 11 -3.05 -35.90 -21.40
N GLN A 12 -2.28 -36.68 -22.15
CA GLN A 12 -1.07 -36.17 -22.79
C GLN A 12 -1.25 -36.07 -24.30
N GLN A 13 -1.32 -34.84 -24.81
CA GLN A 13 -1.50 -34.61 -26.24
C GLN A 13 -0.78 -33.33 -26.68
N VAL A 14 0.38 -33.49 -27.29
CA VAL A 14 1.17 -32.36 -27.76
C VAL A 14 1.07 -32.22 -29.27
N THR A 15 0.54 -31.08 -29.71
CA THR A 15 0.39 -30.81 -31.14
C THR A 15 0.16 -29.32 -31.39
N GLU A 16 0.83 -28.48 -30.62
CA GLU A 16 0.69 -27.03 -30.76
C GLU A 16 -0.73 -26.59 -30.44
N SER A 17 -0.86 -25.53 -29.64
CA SER A 17 -2.17 -25.01 -29.25
C SER A 17 -2.20 -23.48 -29.39
N PRO A 18 -3.18 -22.95 -30.13
CA PRO A 18 -3.32 -21.50 -30.33
C PRO A 18 -3.82 -20.79 -29.07
N SER A 19 -3.54 -19.50 -28.99
CA SER A 19 -3.97 -18.70 -27.84
C SER A 19 -3.33 -19.20 -26.56
N LEU A 20 -2.57 -18.34 -25.90
CA LEU A 20 -1.89 -18.70 -24.66
C LEU A 20 -2.16 -17.65 -23.57
N ALA A 21 -3.15 -17.93 -22.73
CA ALA A 21 -3.50 -17.02 -21.65
C ALA A 21 -2.58 -17.19 -20.45
N SER A 22 -1.41 -16.56 -20.51
CA SER A 22 -0.44 -16.65 -19.43
C SER A 22 0.55 -15.48 -19.49
N VAL A 23 0.19 -14.38 -18.85
CA VAL A 23 1.05 -13.20 -18.83
C VAL A 23 1.30 -12.72 -17.40
N PRO A 24 2.56 -12.38 -17.06
CA PRO A 24 2.91 -11.92 -15.72
C PRO A 24 2.05 -10.74 -15.27
N THR A 25 2.32 -10.23 -14.08
CA THR A 25 1.57 -9.09 -13.55
C THR A 25 2.53 -8.00 -13.05
N ALA A 26 2.13 -6.75 -13.24
CA ALA A 26 2.94 -5.62 -12.82
C ALA A 26 2.51 -5.11 -11.44
N ASP A 27 3.21 -5.58 -10.41
CA ASP A 27 2.91 -5.18 -9.03
C ASP A 27 4.14 -4.60 -8.35
N GLU A 28 4.16 -3.29 -8.20
CA GLU A 28 5.28 -2.60 -7.56
C GLU A 28 5.19 -2.70 -6.04
N LEU A 29 3.96 -2.77 -5.53
CA LEU A 29 3.73 -2.86 -4.10
C LEU A 29 3.50 -4.31 -3.68
N PHE A 30 4.23 -5.23 -4.32
CA PHE A 30 4.11 -6.65 -4.01
C PHE A 30 4.78 -6.98 -2.68
N ASP A 31 5.82 -6.22 -2.35
CA ASP A 31 6.55 -6.44 -1.10
C ASP A 31 6.08 -5.47 -0.02
N PHE A 32 4.79 -5.14 -0.05
CA PHE A 32 4.22 -4.23 0.93
C PHE A 32 2.90 -4.77 1.47
N HIS A 33 2.89 -5.11 2.75
CA HIS A 33 1.68 -5.65 3.39
C HIS A 33 0.83 -4.51 3.97
N ILE A 34 -0.47 -4.74 4.02
CA ILE A 34 -1.40 -3.76 4.55
C ILE A 34 -1.30 -3.65 6.07
N GLY A 35 -1.17 -2.43 6.57
CA GLY A 35 -1.07 -2.23 8.01
C GLY A 35 0.33 -1.83 8.43
N ASP A 36 1.33 -2.28 7.67
CA ASP A 36 2.72 -1.98 7.97
C ASP A 36 3.01 -0.49 7.76
N ARG A 37 4.08 -0.01 8.38
CA ARG A 37 4.46 1.39 8.25
C ARG A 37 5.11 1.66 6.90
N VAL A 38 4.78 2.80 6.31
CA VAL A 38 5.34 3.18 5.02
C VAL A 38 5.67 4.66 4.97
N LEU A 39 6.87 4.98 4.48
CA LEU A 39 7.31 6.37 4.38
C LEU A 39 7.13 6.90 2.96
N ILE A 40 6.25 7.89 2.81
CA ILE A 40 5.99 8.49 1.51
C ILE A 40 7.10 9.44 1.11
N GLY A 41 7.83 9.09 0.06
CA GLY A 41 8.91 9.93 -0.41
C GLY A 41 10.00 10.13 0.64
N ASN A 42 10.06 9.22 1.61
CA ASN A 42 11.06 9.31 2.67
C ASN A 42 10.98 10.64 3.39
N VAL A 43 9.77 10.99 3.85
CA VAL A 43 9.56 12.24 4.56
C VAL A 43 8.20 12.25 5.27
N GLN A 44 7.18 11.75 4.59
CA GLN A 44 5.84 11.71 5.15
C GLN A 44 5.53 10.33 5.73
N PRO A 45 5.63 10.18 7.07
CA PRO A 45 5.35 8.91 7.74
C PRO A 45 3.88 8.54 7.71
N GLY A 46 3.60 7.25 7.59
CA GLY A 46 2.21 6.79 7.56
C GLY A 46 2.11 5.28 7.55
N ILE A 47 0.89 4.78 7.33
CA ILE A 47 0.65 3.34 7.29
C ILE A 47 -0.03 2.93 6.00
N LEU A 48 0.37 1.78 5.46
CA LEU A 48 -0.20 1.28 4.22
C LEU A 48 -1.62 0.76 4.44
N ARG A 49 -2.60 1.46 3.87
CA ARG A 49 -3.99 1.07 4.02
C ARG A 49 -4.54 0.51 2.71
N PHE A 50 -3.99 0.98 1.59
CA PHE A 50 -4.41 0.52 0.27
C PHE A 50 -3.23 0.42 -0.68
N LYS A 51 -3.43 -0.30 -1.79
CA LYS A 51 -2.37 -0.47 -2.78
C LYS A 51 -2.90 -1.18 -4.02
N GLY A 52 -3.20 -0.41 -5.06
CA GLY A 52 -3.70 -0.99 -6.29
C GLY A 52 -4.19 0.06 -7.27
N GLU A 53 -4.81 -0.38 -8.35
CA GLU A 53 -5.33 0.53 -9.37
C GLU A 53 -6.62 1.20 -8.90
N THR A 54 -6.72 2.51 -9.12
CA THR A 54 -7.90 3.26 -8.72
C THR A 54 -8.76 3.60 -9.94
N SER A 55 -9.86 4.30 -9.70
CA SER A 55 -10.77 4.69 -10.77
C SER A 55 -10.44 6.09 -11.29
N PHE A 56 -10.06 6.97 -10.37
CA PHE A 56 -9.71 8.35 -10.73
C PHE A 56 -8.47 8.38 -11.63
N ALA A 57 -7.58 7.41 -11.42
CA ALA A 57 -6.35 7.33 -12.21
C ALA A 57 -5.84 5.89 -12.29
N LYS A 58 -5.13 5.58 -13.36
CA LYS A 58 -4.58 4.25 -13.56
C LYS A 58 -3.29 4.07 -12.78
N GLY A 59 -2.75 2.86 -12.79
CA GLY A 59 -1.51 2.57 -12.09
C GLY A 59 -1.74 2.28 -10.62
N PHE A 60 -0.72 1.74 -9.96
CA PHE A 60 -0.80 1.42 -8.54
C PHE A 60 -0.92 2.68 -7.70
N TRP A 61 -1.76 2.63 -6.67
CA TRP A 61 -1.98 3.77 -5.79
C TRP A 61 -2.02 3.32 -4.34
N ALA A 62 -0.93 3.54 -3.61
CA ALA A 62 -0.85 3.16 -2.21
C ALA A 62 -1.49 4.21 -1.32
N GLY A 63 -2.54 3.81 -0.60
CA GLY A 63 -3.23 4.73 0.29
C GLY A 63 -2.61 4.77 1.67
N VAL A 64 -1.59 5.60 1.83
CA VAL A 64 -0.90 5.72 3.11
C VAL A 64 -1.71 6.57 4.09
N GLU A 65 -1.71 6.16 5.36
CA GLU A 65 -2.45 6.88 6.39
C GLU A 65 -1.50 7.66 7.29
N LEU A 66 -1.40 8.97 7.04
CA LEU A 66 -0.53 9.83 7.82
C LEU A 66 -1.01 9.92 9.27
N ASP A 67 -0.06 9.89 10.20
CA ASP A 67 -0.39 9.96 11.63
C ASP A 67 -1.05 11.29 11.96
N LYS A 68 -0.67 12.34 11.25
CA LYS A 68 -1.22 13.67 11.47
C LYS A 68 -2.03 14.13 10.26
N PRO A 69 -2.92 15.12 10.44
CA PRO A 69 -3.76 15.64 9.36
C PRO A 69 -2.95 16.48 8.37
N GLU A 70 -2.16 15.80 7.54
CA GLU A 70 -1.35 16.46 6.54
C GLU A 70 -1.85 16.17 5.13
N GLY A 71 -2.43 14.99 4.94
CA GLY A 71 -2.95 14.62 3.64
C GLY A 71 -4.14 15.47 3.22
N ASN A 72 -5.03 14.89 2.43
CA ASN A 72 -6.21 15.61 1.96
C ASN A 72 -7.31 14.64 1.56
N ASN A 73 -7.42 13.54 2.30
CA ASN A 73 -8.43 12.53 2.03
C ASN A 73 -8.71 11.68 3.26
N ASN A 74 -9.85 11.00 3.28
CA ASN A 74 -10.23 10.14 4.40
C ASN A 74 -10.50 8.72 3.93
N GLY A 75 -9.73 8.27 2.94
CA GLY A 75 -9.91 6.93 2.42
C GLY A 75 -10.79 6.90 1.18
N THR A 76 -11.70 7.85 1.08
CA THR A 76 -12.62 7.92 -0.05
C THR A 76 -12.15 8.97 -1.05
N TYR A 77 -11.73 8.52 -2.23
CA TYR A 77 -11.26 9.43 -3.28
C TYR A 77 -12.35 9.68 -4.30
N ASP A 78 -12.87 10.91 -4.31
CA ASP A 78 -13.93 11.29 -5.24
C ASP A 78 -15.16 10.40 -5.06
N GLY A 79 -15.38 9.96 -3.82
CA GLY A 79 -16.53 9.12 -3.53
C GLY A 79 -16.16 7.65 -3.43
N ILE A 80 -15.12 7.25 -4.15
CA ILE A 80 -14.66 5.88 -4.14
C ILE A 80 -13.93 5.55 -2.85
N ALA A 81 -14.52 4.69 -2.04
CA ALA A 81 -13.92 4.29 -0.77
C ALA A 81 -12.87 3.19 -0.97
N TYR A 82 -11.84 3.21 -0.14
CA TYR A 82 -10.77 2.23 -0.22
C TYR A 82 -10.39 1.71 1.17
N PHE A 83 -10.22 2.64 2.11
CA PHE A 83 -9.86 2.28 3.47
C PHE A 83 -10.44 3.27 4.47
N GLU A 84 -10.44 2.89 5.74
CA GLU A 84 -10.97 3.75 6.80
C GLU A 84 -9.85 4.49 7.52
N CYS A 85 -10.05 5.79 7.74
CA CYS A 85 -9.05 6.61 8.43
C CYS A 85 -9.66 7.92 8.90
N LYS A 86 -8.83 8.76 9.50
CA LYS A 86 -9.28 10.05 10.01
C LYS A 86 -9.85 10.92 8.90
N GLU A 87 -10.09 12.18 9.21
CA GLU A 87 -10.64 13.12 8.24
C GLU A 87 -9.53 13.94 7.60
N LYS A 88 -9.06 13.48 6.44
CA LYS A 88 -7.98 14.14 5.70
C LYS A 88 -6.62 13.74 6.25
N HIS A 89 -6.49 12.47 6.62
CA HIS A 89 -5.25 11.95 7.15
C HIS A 89 -4.58 11.00 6.16
N GLY A 90 -5.40 10.31 5.38
CA GLY A 90 -4.87 9.38 4.38
C GLY A 90 -4.60 10.06 3.05
N ILE A 91 -3.57 9.59 2.37
CA ILE A 91 -3.20 10.16 1.07
C ILE A 91 -2.75 9.07 0.10
N PHE A 92 -3.24 9.14 -1.14
CA PHE A 92 -2.89 8.16 -2.16
C PHE A 92 -1.61 8.58 -2.89
N ALA A 93 -0.56 7.77 -2.75
CA ALA A 93 0.71 8.05 -3.40
C ALA A 93 1.18 6.86 -4.22
N PRO A 94 1.84 7.11 -5.37
CA PRO A 94 2.34 6.04 -6.24
C PRO A 94 3.22 5.04 -5.49
N PRO A 95 3.39 3.83 -6.04
CA PRO A 95 4.22 2.79 -5.40
C PRO A 95 5.68 3.20 -5.31
N GLN A 96 6.15 3.95 -6.30
CA GLN A 96 7.54 4.40 -6.32
C GLN A 96 7.85 5.26 -5.10
N LYS A 97 6.83 5.92 -4.57
CA LYS A 97 6.99 6.77 -3.40
C LYS A 97 6.58 6.03 -2.13
N ILE A 98 6.81 4.73 -2.10
CA ILE A 98 6.46 3.91 -0.94
C ILE A 98 7.69 3.23 -0.36
N SER A 99 8.16 3.71 0.79
CA SER A 99 9.32 3.15 1.44
C SER A 99 8.98 2.67 2.85
N HIS A 100 9.94 2.02 3.50
CA HIS A 100 9.74 1.51 4.85
C HIS A 100 10.25 2.51 5.90
N ILE A 101 9.41 2.78 6.90
CA ILE A 101 9.78 3.71 7.95
C ILE A 101 10.74 3.07 8.95
N PRO A 102 11.98 3.55 9.02
CA PRO A 102 12.99 3.01 9.94
C PRO A 102 12.50 2.99 11.39
N GLU A 103 13.38 2.62 12.31
CA GLU A 103 13.04 2.55 13.72
C GLU A 103 13.25 3.90 14.39
N ASN A 104 14.23 4.65 13.91
CA ASN A 104 14.53 5.97 14.47
C ASN A 104 13.47 6.99 14.07
N PHE A 105 12.93 6.82 12.87
CA PHE A 105 11.90 7.74 12.37
C PHE A 105 10.64 7.64 13.21
N ASP A 106 10.34 6.44 13.69
CA ASP A 106 9.15 6.21 14.51
C ASP A 106 9.51 6.21 15.99
N ASP A 107 9.38 7.37 16.62
CA ASP A 107 9.69 7.50 18.05
C ASP A 107 8.60 6.86 18.90
N TYR A 108 7.40 7.43 18.84
CA TYR A 108 6.26 6.91 19.61
C TYR A 108 5.37 6.05 18.73
N VAL A 109 4.91 4.93 19.30
CA VAL A 109 4.03 4.02 18.57
C VAL A 109 2.61 4.57 18.48
N ASP A 110 2.08 4.59 17.26
CA ASP A 110 0.72 5.10 17.03
C ASP A 110 0.23 4.71 15.64
N ILE A 111 -0.69 3.75 15.59
CA ILE A 111 -1.25 3.29 14.33
C ILE A 111 -2.76 3.49 14.29
N ASN A 112 -3.18 4.60 13.69
CA ASN A 112 -4.61 4.92 13.59
C ASN A 112 -5.25 5.03 14.97
N GLU A 113 -6.55 5.26 14.99
CA GLU A 113 -7.28 5.38 16.25
C GLU A 113 -8.15 4.16 16.50
N ASP A 114 -7.80 3.38 17.52
CA ASP A 114 -8.55 2.18 17.86
C ASP A 114 -8.22 1.72 19.28
N GLU A 115 -9.12 2.03 20.21
CA GLU A 115 -8.93 1.65 21.61
C GLU A 115 -10.19 1.92 22.43
N ASP A 116 -10.79 0.86 22.96
CA ASP A 116 -11.99 1.00 23.76
C ASP A 116 -12.03 -0.05 24.87
N SER A 117 -12.66 0.31 25.99
CA SER A 117 -12.76 -0.60 27.13
C SER A 117 -14.10 -0.42 27.84
N GLY A 118 -14.37 0.80 28.29
CA GLY A 118 -15.62 1.07 28.98
C GLY A 118 -15.78 0.27 30.26
N PRO A 119 -14.88 0.47 31.24
CA PRO A 119 -14.93 -0.25 32.52
C PRO A 119 -16.26 -0.06 33.23
N SER A 120 -17.07 -1.12 33.28
CA SER A 120 -18.36 -1.07 33.93
C SER A 120 -18.60 -2.32 34.77
N SER A 121 -18.64 -3.47 34.12
CA SER A 121 -18.86 -4.74 34.81
C SER A 121 -18.06 -5.86 34.15
N GLY A 122 -18.13 -5.94 32.83
CA GLY A 122 -17.41 -6.97 32.10
C GLY A 122 -16.71 -6.43 30.87
#